data_4OQB
#
_entry.id   4OQB
#
_cell.length_a   65.100
_cell.length_b   113.080
_cell.length_c   296.230
_cell.angle_alpha   90.00
_cell.angle_beta   90.00
_cell.angle_gamma   90.00
#
_symmetry.space_group_name_H-M   'P 21 21 21'
#
loop_
_entity.id
_entity.type
_entity.pdbx_description
1 polymer 'Poly [ADP-ribose] polymerase 1'
2 polymer 'Poly [ADP-ribose] polymerase 1'
3 polymer 'DNA (26-MER)'
4 non-polymer 'ZINC ION'
5 non-polymer (2Z)-2-{4-[2-(morpholin-4-yl)ethoxy]benzylidene}-3-oxo-2,3-dihydro-1-benzofuran-7-carboxamide
#
loop_
_entity_poly.entity_id
_entity_poly.type
_entity_poly.pdbx_seq_one_letter_code
_entity_poly.pdbx_strand_id
1 'polypeptide(L)'
;MAESSDKLYRVEYAKSGRASCKKCSESIPKDSLRMAIMVQSPMFDGKVPHWYHFSCFWKVGHSIRHPDVEVDGFSELRWD
DQQKVKKTAEAGGVTGKDIKRKGDEVDGVDEVAKKKSKKEKDKDSKLEKALKAQNDLIWNIKDELKKVCSTNDLKELLIF
NKQQVPSGESAILDRVADGMVFGALLPCEECSGQLVFKSDAYYCTGDVTAWTKCMVKTQTPNRKEWVTPKEFREISYLKK
LKVKKQDRIFPPETSASVALEHHHHHH
;
A,D
2 'polypeptide(L)'
;KSEKRMKLTLKGGAAVDPDSGLEHSAHVLEKGGKVFSATLGLVDIVKGTNSYYKLQLLEDDKENRYWIFRSWGRVGTVIG
SNKLEQMPSKEDAIEHFMKLYEEKTGNAWHSKNFTKYPKKFYPLEIDYGQDEEAVKKLTVNPGTKSKLPKPVQDLIKMIF
DVESMKKAMVEYEIDLQKMPLGKLSKRQIQAAYSILSEVQQAVSQGSSDSQILDLSNRFYTLIPHDFGMKKPPLLNNADS
VQAKVEMLDNLLDIEVAYSLLRGGSDDSSKDPIDVNYEKLKTDIKVVDRDSEEAEIIRKYVKNTHATTHNAYDLEVIDIF
KIEREGECQRYKPFKQLHNRRLLWHGSRTTNFAGILSQGLRIAPPEAPVTGYMFGKGIYFADMVSKSANYCHTSQGDPIG
LILLGEVALGNMYELKHASHISKLPKGKHSVKGLGKTTPDPSANISLDGVDVPLGTGISSGVNDTSLLYNEYIVYDIAQV
NLKYLLKLKFNFKTSLWLEHHHHHH
;
C,F
3 'polydeoxyribonucleotide'
;(DG)(DC)(DC)(DT)(DA)(DC)(DC)(DG)(DG)(DT)(DT)(DC)(DG)(DC)(DG)(DA)(DA)(DC)(DC)(DG)
(DG)(DT)(DA)(DG)(DG)(DC)
;
M,N
#
loop_
_chem_comp.id
_chem_comp.type
_chem_comp.name
_chem_comp.formula
2UT non-polymer (2Z)-2-{4-[2-(morpholin-4-yl)ethoxy]benzylidene}-3-oxo-2,3-dihydro-1-benzofuran-7-carboxamide 'C22 H22 N2 O5'
DA DNA linking 2'-DEOXYADENOSINE-5'-MONOPHOSPHATE 'C10 H14 N5 O6 P'
DC DNA linking 2'-DEOXYCYTIDINE-5'-MONOPHOSPHATE 'C9 H14 N3 O7 P'
DG DNA linking 2'-DEOXYGUANOSINE-5'-MONOPHOSPHATE 'C10 H14 N5 O7 P'
DT DNA linking THYMIDINE-5'-MONOPHOSPHATE 'C10 H15 N2 O8 P'
ZN non-polymer 'ZINC ION' 'Zn 2'
#
# COMPACT_ATOMS: atom_id res chain seq x y z
N ASP A 6 11.02 35.36 -38.62
CA ASP A 6 11.17 35.88 -40.02
C ASP A 6 10.69 37.32 -40.12
N LYS A 7 9.48 37.57 -39.62
CA LYS A 7 8.88 38.90 -39.65
C LYS A 7 9.39 39.76 -38.50
N LEU A 8 9.22 41.08 -38.62
CA LEU A 8 9.60 42.00 -37.55
C LEU A 8 8.54 42.01 -36.45
N TYR A 9 7.27 42.09 -36.83
CA TYR A 9 6.16 42.18 -35.87
C TYR A 9 5.41 40.87 -35.73
N ARG A 10 4.54 40.79 -34.73
CA ARG A 10 3.81 39.58 -34.39
CA ARG A 10 3.81 39.59 -34.41
C ARG A 10 2.54 39.93 -33.62
N VAL A 11 1.41 39.31 -34.00
CA VAL A 11 0.13 39.53 -33.33
C VAL A 11 -0.55 38.20 -33.01
N GLU A 12 -1.15 38.12 -31.82
CA GLU A 12 -1.87 36.92 -31.39
C GLU A 12 -2.73 37.21 -30.17
N TYR A 13 -3.52 36.22 -29.76
CA TYR A 13 -4.27 36.29 -28.51
C TYR A 13 -3.37 35.76 -27.40
N ALA A 14 -3.28 36.51 -26.31
CA ALA A 14 -2.35 36.19 -25.21
C ALA A 14 -2.43 34.72 -24.82
N LYS A 15 -1.33 33.99 -25.03
CA LYS A 15 -1.25 32.58 -24.66
C LYS A 15 -1.25 32.38 -23.14
N SER A 16 -0.91 33.45 -22.40
CA SER A 16 -1.08 33.47 -20.95
C SER A 16 -1.14 34.91 -20.44
N GLY A 17 -1.88 35.13 -19.35
CA GLY A 17 -2.01 36.45 -18.73
C GLY A 17 -0.86 36.71 -17.77
N ARG A 18 0.36 36.59 -18.28
CA ARG A 18 1.57 36.59 -17.47
C ARG A 18 2.56 37.66 -17.93
N ALA A 19 2.82 37.70 -19.24
CA ALA A 19 3.76 38.65 -19.83
C ALA A 19 3.30 40.09 -19.64
N SER A 20 4.25 40.98 -19.36
CA SER A 20 3.97 42.40 -19.17
C SER A 20 4.14 43.17 -20.47
N CYS A 21 3.68 44.42 -20.46
CA CYS A 21 3.68 45.29 -21.64
C CYS A 21 4.84 46.27 -21.59
N LYS A 22 5.58 46.37 -22.69
CA LYS A 22 6.85 47.11 -22.68
C LYS A 22 6.71 48.60 -22.40
N LYS A 23 5.60 49.20 -22.85
CA LYS A 23 5.38 50.64 -22.68
C LYS A 23 4.89 50.97 -21.26
N CYS A 24 3.74 50.41 -20.89
CA CYS A 24 3.07 50.77 -19.63
C CYS A 24 3.47 49.87 -18.45
N SER A 25 3.97 48.66 -18.75
CA SER A 25 4.49 47.73 -17.74
C SER A 25 3.40 47.15 -16.81
N GLU A 26 2.29 46.73 -17.41
CA GLU A 26 1.24 45.99 -16.69
C GLU A 26 1.00 44.66 -17.39
N SER A 27 0.42 43.71 -16.65
CA SER A 27 0.21 42.35 -17.16
C SER A 27 -0.83 42.31 -18.27
N ILE A 28 -0.42 41.87 -19.46
CA ILE A 28 -1.32 41.69 -20.59
C ILE A 28 -2.19 40.46 -20.32
N PRO A 29 -3.51 40.65 -20.15
CA PRO A 29 -4.38 39.54 -19.73
C PRO A 29 -4.53 38.45 -20.79
N LYS A 30 -4.91 37.25 -20.34
CA LYS A 30 -4.99 36.07 -21.21
C LYS A 30 -6.10 36.20 -22.26
N ASP A 31 -5.86 35.59 -23.43
CA ASP A 31 -6.81 35.61 -24.56
C ASP A 31 -7.18 37.01 -25.04
N SER A 32 -6.29 37.97 -24.82
CA SER A 32 -6.49 39.35 -25.26
C SER A 32 -5.60 39.64 -26.47
N LEU A 33 -6.11 40.44 -27.40
CA LEU A 33 -5.35 40.85 -28.57
C LEU A 33 -4.14 41.67 -28.15
N ARG A 34 -2.95 41.19 -28.51
CA ARG A 34 -1.70 41.87 -28.19
C ARG A 34 -0.77 41.84 -29.41
N MET A 35 0.09 42.85 -29.52
CA MET A 35 1.06 42.95 -30.60
C MET A 35 2.48 42.99 -30.07
N ALA A 36 3.42 42.51 -30.88
CA ALA A 36 4.83 42.42 -30.49
C ALA A 36 5.75 43.00 -31.55
N ILE A 37 6.98 43.30 -31.13
CA ILE A 37 8.07 43.67 -32.03
C ILE A 37 9.28 42.82 -31.66
N MET A 38 9.80 42.08 -32.64
CA MET A 38 10.84 41.09 -32.38
C MET A 38 12.22 41.75 -32.32
N VAL A 39 12.92 41.57 -31.20
CA VAL A 39 14.25 42.14 -31.00
C VAL A 39 15.27 41.04 -30.70
N GLN A 40 16.55 41.40 -30.76
CA GLN A 40 17.63 40.47 -30.44
C GLN A 40 17.79 40.42 -28.92
N SER A 41 17.75 39.21 -28.36
CA SER A 41 17.90 39.03 -26.92
C SER A 41 19.37 39.17 -26.51
N PRO A 42 19.65 40.02 -25.50
CA PRO A 42 21.02 40.13 -24.98
C PRO A 42 21.54 38.86 -24.31
N MET A 43 20.63 38.02 -23.80
CA MET A 43 20.98 36.87 -22.98
C MET A 43 21.33 35.62 -23.78
N PHE A 44 20.81 35.50 -25.00
CA PHE A 44 21.06 34.33 -25.84
C PHE A 44 20.90 34.64 -27.33
N ASP A 45 21.44 33.76 -28.17
CA ASP A 45 21.38 33.92 -29.62
C ASP A 45 20.00 33.56 -30.14
N GLY A 46 19.10 34.53 -30.15
CA GLY A 46 17.75 34.33 -30.65
C GLY A 46 16.88 35.56 -30.54
N LYS A 47 15.88 35.67 -31.43
CA LYS A 47 14.93 36.77 -31.40
C LYS A 47 13.92 36.58 -30.26
N VAL A 48 13.47 37.69 -29.68
CA VAL A 48 12.52 37.66 -28.57
C VAL A 48 11.43 38.71 -28.80
N PRO A 49 10.16 38.34 -28.50
CA PRO A 49 9.07 39.30 -28.70
C PRO A 49 8.96 40.34 -27.57
N HIS A 50 8.88 41.61 -27.94
CA HIS A 50 8.55 42.68 -26.99
C HIS A 50 7.05 42.92 -27.01
N TRP A 51 6.33 42.27 -26.10
CA TRP A 51 4.87 42.34 -26.09
C TRP A 51 4.34 43.69 -25.65
N TYR A 52 3.35 44.19 -26.37
CA TYR A 52 2.64 45.42 -26.04
C TYR A 52 1.16 45.11 -25.88
N HIS A 53 0.46 45.91 -25.08
CA HIS A 53 -1.00 45.96 -25.13
C HIS A 53 -1.37 46.49 -26.51
N PHE A 54 -2.41 45.93 -27.13
CA PHE A 54 -2.84 46.38 -28.45
C PHE A 54 -3.10 47.90 -28.46
N SER A 55 -3.63 48.42 -27.36
CA SER A 55 -3.84 49.85 -27.20
C SER A 55 -2.52 50.63 -27.16
N CYS A 56 -1.55 50.11 -26.42
CA CYS A 56 -0.25 50.77 -26.24
C CYS A 56 0.67 50.69 -27.46
N PHE A 57 0.43 49.70 -28.33
CA PHE A 57 1.33 49.43 -29.47
C PHE A 57 1.46 50.62 -30.43
N TRP A 58 0.40 51.41 -30.59
CA TRP A 58 0.37 52.45 -31.60
C TRP A 58 0.83 53.83 -31.09
N LYS A 59 1.28 53.90 -29.84
CA LYS A 59 1.81 55.15 -29.27
C LYS A 59 3.34 55.19 -29.21
N VAL A 60 3.99 54.04 -29.40
CA VAL A 60 5.47 53.99 -29.42
C VAL A 60 6.06 54.63 -30.68
N GLY A 61 5.25 54.74 -31.74
CA GLY A 61 5.67 55.40 -32.98
C GLY A 61 5.82 54.47 -34.17
N HIS A 62 5.52 53.19 -33.99
CA HIS A 62 5.61 52.22 -35.09
C HIS A 62 4.40 52.36 -36.01
N SER A 63 4.65 52.34 -37.31
CA SER A 63 3.60 52.50 -38.31
C SER A 63 3.68 51.39 -39.37
N ILE A 64 2.93 50.32 -39.14
CA ILE A 64 2.85 49.21 -40.09
C ILE A 64 1.91 49.61 -41.22
N ARG A 65 2.46 49.73 -42.43
CA ARG A 65 1.69 50.17 -43.59
C ARG A 65 0.64 49.16 -44.01
N HIS A 66 1.06 47.89 -44.13
CA HIS A 66 0.16 46.80 -44.50
C HIS A 66 0.34 45.63 -43.52
N PRO A 67 -0.53 45.52 -42.51
CA PRO A 67 -0.43 44.48 -41.48
C PRO A 67 -0.38 43.04 -42.00
N ASP A 68 -1.22 42.72 -42.99
CA ASP A 68 -1.33 41.36 -43.50
C ASP A 68 -0.01 40.81 -44.07
N VAL A 69 0.82 41.68 -44.63
CA VAL A 69 2.10 41.27 -45.21
C VAL A 69 3.29 41.50 -44.26
N GLU A 70 3.14 42.38 -43.28
CA GLU A 70 4.22 42.74 -42.36
C GLU A 70 4.12 42.00 -41.01
N VAL A 71 2.92 41.97 -40.43
CA VAL A 71 2.72 41.36 -39.12
C VAL A 71 2.48 39.85 -39.25
N ASP A 72 3.12 39.08 -38.36
CA ASP A 72 2.98 37.63 -38.33
C ASP A 72 1.77 37.24 -37.49
N GLY A 73 1.09 36.16 -37.88
CA GLY A 73 -0.08 35.67 -37.16
C GLY A 73 -1.36 36.42 -37.47
N PHE A 74 -1.35 37.22 -38.54
CA PHE A 74 -2.50 38.03 -38.92
C PHE A 74 -3.64 37.17 -39.46
N SER A 75 -3.30 36.20 -40.31
CA SER A 75 -4.30 35.31 -40.93
C SER A 75 -4.95 34.38 -39.90
N GLU A 76 -4.21 34.03 -38.85
CA GLU A 76 -4.71 33.14 -37.80
C GLU A 76 -5.75 33.81 -36.89
N LEU A 77 -5.75 35.14 -36.85
CA LEU A 77 -6.71 35.90 -36.03
C LEU A 77 -8.15 35.69 -36.49
N ARG A 78 -9.09 36.09 -35.64
CA ARG A 78 -10.51 36.07 -35.97
C ARG A 78 -10.80 37.21 -36.95
N TRP A 79 -11.74 36.98 -37.87
CA TRP A 79 -11.98 37.90 -38.99
C TRP A 79 -12.24 39.34 -38.54
N ASP A 80 -13.12 39.51 -37.56
CA ASP A 80 -13.46 40.84 -37.04
C ASP A 80 -12.25 41.52 -36.36
N ASP A 81 -11.40 40.72 -35.73
CA ASP A 81 -10.19 41.24 -35.09
C ASP A 81 -9.12 41.65 -36.11
N GLN A 82 -9.10 40.97 -37.26
CA GLN A 82 -8.19 41.34 -38.35
C GLN A 82 -8.52 42.74 -38.89
N GLN A 83 -9.80 43.04 -39.01
CA GLN A 83 -10.26 44.35 -39.48
C GLN A 83 -9.93 45.48 -38.50
N LYS A 84 -9.91 45.16 -37.20
CA LYS A 84 -9.52 46.14 -36.18
C LYS A 84 -8.06 46.52 -36.33
N VAL A 85 -7.21 45.54 -36.62
CA VAL A 85 -5.78 45.79 -36.86
C VAL A 85 -5.60 46.57 -38.16
N LYS A 86 -6.35 46.18 -39.20
CA LYS A 86 -6.23 46.80 -40.52
C LYS A 86 -6.65 48.27 -40.52
N LYS A 87 -7.73 48.60 -39.81
CA LYS A 87 -8.19 49.99 -39.67
C LYS A 87 -7.28 50.80 -38.76
N THR A 88 -6.91 50.22 -37.61
CA THR A 88 -6.05 50.91 -36.65
C THR A 88 -4.62 51.10 -37.16
N ALA A 89 -4.22 50.29 -38.13
CA ALA A 89 -2.92 50.45 -38.80
C ALA A 89 -2.83 51.81 -39.50
N GLU A 90 -3.93 52.23 -40.13
CA GLU A 90 -3.99 53.53 -40.81
C GLU A 90 -4.17 54.68 -39.83
N ALA A 91 -4.84 54.41 -38.70
CA ALA A 91 -5.06 55.43 -37.67
C ALA A 91 -5.33 54.79 -36.31
N SER A 117 -13.69 44.69 -65.20
CA SER A 117 -13.93 45.18 -63.81
C SER A 117 -15.18 44.58 -63.15
N LYS A 118 -16.12 44.07 -63.95
CA LYS A 118 -17.34 43.47 -63.43
C LYS A 118 -17.06 42.08 -62.90
N LYS A 119 -16.49 41.21 -63.74
CA LYS A 119 -16.08 39.88 -63.32
C LYS A 119 -14.87 39.93 -62.38
N GLU A 120 -14.00 40.92 -62.58
CA GLU A 120 -12.81 41.09 -61.74
C GLU A 120 -13.21 41.42 -60.30
N LYS A 121 -14.08 42.40 -60.13
CA LYS A 121 -14.53 42.84 -58.81
C LYS A 121 -15.49 41.84 -58.16
N ASP A 122 -16.22 41.07 -58.97
CA ASP A 122 -17.16 40.07 -58.45
C ASP A 122 -16.42 38.91 -57.81
N LYS A 123 -15.47 38.33 -58.54
CA LYS A 123 -14.66 37.22 -58.02
C LYS A 123 -13.80 37.69 -56.85
N ASP A 124 -13.36 38.95 -56.91
CA ASP A 124 -12.60 39.59 -55.84
C ASP A 124 -13.45 39.73 -54.57
N SER A 125 -14.67 40.23 -54.73
CA SER A 125 -15.58 40.45 -53.60
C SER A 125 -16.16 39.14 -53.07
N LYS A 126 -16.48 38.21 -53.98
CA LYS A 126 -17.07 36.92 -53.59
C LYS A 126 -16.05 35.98 -52.95
N LEU A 127 -14.76 36.20 -53.22
CA LEU A 127 -13.70 35.42 -52.56
C LEU A 127 -13.54 35.86 -51.10
N GLU A 128 -13.56 37.17 -50.87
CA GLU A 128 -13.49 37.72 -49.52
C GLU A 128 -14.70 37.28 -48.67
N LYS A 129 -15.82 37.01 -49.34
CA LYS A 129 -16.99 36.43 -48.68
C LYS A 129 -16.68 35.00 -48.25
N ALA A 130 -16.05 34.23 -49.14
CA ALA A 130 -15.67 32.84 -48.85
C ALA A 130 -14.47 32.75 -47.91
N LEU A 131 -13.67 33.81 -47.84
CA LEU A 131 -12.50 33.85 -46.96
C LEU A 131 -12.93 34.05 -45.50
N LYS A 132 -13.91 34.94 -45.30
CA LYS A 132 -14.56 35.09 -44.00
C LYS A 132 -15.30 33.81 -43.61
N ALA A 133 -15.99 33.24 -44.59
CA ALA A 133 -16.73 31.98 -44.38
C ALA A 133 -15.82 30.87 -43.84
N GLN A 134 -14.59 30.82 -44.34
CA GLN A 134 -13.62 29.83 -43.90
C GLN A 134 -12.96 30.20 -42.57
N ASN A 135 -12.70 31.49 -42.38
CA ASN A 135 -12.05 31.98 -41.16
C ASN A 135 -12.86 31.65 -39.90
N ASP A 136 -14.10 32.13 -39.86
CA ASP A 136 -14.95 31.93 -38.68
C ASP A 136 -15.66 30.57 -38.65
N LEU A 137 -15.46 29.75 -39.69
CA LEU A 137 -15.88 28.34 -39.64
C LEU A 137 -14.95 27.57 -38.73
N ILE A 138 -13.65 27.74 -38.94
CA ILE A 138 -12.63 27.09 -38.11
C ILE A 138 -12.71 27.60 -36.67
N TRP A 139 -12.91 28.90 -36.50
CA TRP A 139 -13.02 29.50 -35.17
C TRP A 139 -14.24 29.00 -34.40
N ASN A 140 -15.37 28.82 -35.10
CA ASN A 140 -16.53 28.16 -34.50
C ASN A 140 -16.17 26.74 -34.06
N ILE A 141 -15.44 26.04 -34.92
CA ILE A 141 -15.00 24.66 -34.63
C ILE A 141 -13.94 24.62 -33.52
N LYS A 142 -13.06 25.62 -33.49
CA LYS A 142 -11.98 25.67 -32.48
C LYS A 142 -12.53 25.74 -31.06
N ASP A 143 -13.27 26.79 -30.76
CA ASP A 143 -13.82 26.99 -29.41
C ASP A 143 -15.00 26.06 -29.09
N GLU A 144 -15.51 25.34 -30.10
CA GLU A 144 -16.43 24.23 -29.86
C GLU A 144 -15.72 23.07 -29.18
N LEU A 145 -14.53 22.74 -29.68
CA LEU A 145 -13.70 21.70 -29.08
C LEU A 145 -13.15 22.12 -27.71
N LYS A 146 -12.90 23.42 -27.54
CA LYS A 146 -12.44 23.95 -26.25
C LYS A 146 -13.53 23.88 -25.19
N LYS A 147 -14.80 23.93 -25.63
CA LYS A 147 -15.94 23.80 -24.74
C LYS A 147 -16.15 22.34 -24.31
N VAL A 148 -16.01 21.41 -25.25
CA VAL A 148 -16.36 20.00 -25.02
C VAL A 148 -15.16 19.12 -24.64
N CYS A 149 -14.03 19.28 -25.35
CA CYS A 149 -12.89 18.38 -25.18
C CYS A 149 -11.78 19.01 -24.35
N SER A 150 -11.09 18.16 -23.58
CA SER A 150 -9.87 18.56 -22.86
C SER A 150 -8.68 18.43 -23.80
N THR A 151 -7.50 18.83 -23.34
CA THR A 151 -6.28 18.78 -24.15
C THR A 151 -5.89 17.34 -24.48
N ASN A 152 -6.00 16.45 -23.51
CA ASN A 152 -5.64 15.04 -23.69
C ASN A 152 -6.49 14.33 -24.76
N ASP A 153 -7.75 14.75 -24.89
CA ASP A 153 -8.62 14.24 -25.94
C ASP A 153 -8.14 14.73 -27.31
N LEU A 154 -7.76 16.01 -27.38
CA LEU A 154 -7.26 16.61 -28.62
C LEU A 154 -5.88 16.07 -29.00
N LYS A 155 -5.07 15.73 -28.00
CA LYS A 155 -3.77 15.10 -28.23
C LYS A 155 -3.95 13.72 -28.83
N GLU A 156 -4.82 12.91 -28.23
CA GLU A 156 -5.10 11.56 -28.71
C GLU A 156 -5.91 11.54 -30.01
N LEU A 157 -6.58 12.65 -30.32
CA LEU A 157 -7.24 12.81 -31.62
C LEU A 157 -6.22 12.83 -32.74
N LEU A 158 -5.18 13.65 -32.57
CA LEU A 158 -4.11 13.79 -33.56
C LEU A 158 -3.27 12.51 -33.68
N ILE A 159 -2.99 11.87 -32.56
CA ILE A 159 -2.19 10.64 -32.55
C ILE A 159 -2.91 9.52 -33.31
N PHE A 160 -4.23 9.43 -33.15
CA PHE A 160 -5.04 8.46 -33.87
C PHE A 160 -4.97 8.68 -35.38
N ASN A 161 -4.89 9.94 -35.81
CA ASN A 161 -4.80 10.30 -37.22
C ASN A 161 -3.35 10.33 -37.74
N LYS A 162 -2.41 9.82 -36.96
CA LYS A 162 -0.99 9.76 -37.33
C LYS A 162 -0.41 11.16 -37.57
N GLN A 163 -0.71 12.07 -36.63
CA GLN A 163 -0.24 13.45 -36.71
C GLN A 163 0.70 13.75 -35.55
N GLN A 164 1.70 14.59 -35.81
CA GLN A 164 2.62 15.04 -34.77
C GLN A 164 1.88 15.97 -33.82
N VAL A 165 1.95 15.68 -32.52
CA VAL A 165 1.29 16.49 -31.50
C VAL A 165 2.16 17.71 -31.19
N PRO A 166 1.65 18.93 -31.47
CA PRO A 166 2.45 20.13 -31.26
C PRO A 166 2.50 20.57 -29.80
N SER A 167 3.50 21.40 -29.47
CA SER A 167 3.63 21.99 -28.16
C SER A 167 2.81 23.28 -28.10
N GLY A 168 1.87 23.34 -27.16
CA GLY A 168 1.00 24.50 -27.00
C GLY A 168 -0.47 24.12 -27.02
N GLU A 169 -1.28 24.80 -26.22
CA GLU A 169 -2.72 24.56 -26.18
C GLU A 169 -3.36 25.07 -27.46
N SER A 170 -3.14 26.35 -27.75
CA SER A 170 -3.71 27.01 -28.93
C SER A 170 -3.35 26.29 -30.23
N ALA A 171 -2.11 25.85 -30.35
CA ALA A 171 -1.62 25.17 -31.55
C ALA A 171 -2.22 23.77 -31.74
N ILE A 172 -2.58 23.10 -30.64
CA ILE A 172 -3.16 21.76 -30.72
C ILE A 172 -4.53 21.79 -31.41
N LEU A 173 -5.45 22.60 -30.89
CA LEU A 173 -6.80 22.71 -31.49
C LEU A 173 -6.78 23.41 -32.85
N ASP A 174 -5.72 24.15 -33.14
CA ASP A 174 -5.54 24.79 -34.45
C ASP A 174 -5.29 23.72 -35.52
N ARG A 175 -4.53 22.68 -35.16
CA ARG A 175 -4.24 21.57 -36.06
C ARG A 175 -5.36 20.53 -36.11
N VAL A 176 -6.07 20.36 -34.99
CA VAL A 176 -7.25 19.48 -34.94
C VAL A 176 -8.36 20.05 -35.83
N ALA A 177 -8.59 21.36 -35.70
CA ALA A 177 -9.59 22.05 -36.53
C ALA A 177 -9.20 22.01 -38.01
N ASP A 178 -7.90 22.20 -38.29
CA ASP A 178 -7.37 22.06 -39.64
C ASP A 178 -7.54 20.62 -40.14
N GLY A 179 -7.30 19.65 -39.24
CA GLY A 179 -7.44 18.24 -39.58
C GLY A 179 -8.86 17.85 -39.95
N MET A 180 -9.82 18.26 -39.12
CA MET A 180 -11.22 17.90 -39.33
C MET A 180 -11.82 18.52 -40.60
N VAL A 181 -11.55 19.82 -40.80
CA VAL A 181 -12.15 20.57 -41.90
C VAL A 181 -11.60 20.13 -43.26
N PHE A 182 -10.28 20.00 -43.37
CA PHE A 182 -9.62 19.74 -44.65
C PHE A 182 -9.15 18.30 -44.79
N GLY A 183 -8.45 17.79 -43.78
CA GLY A 183 -8.03 16.39 -43.78
C GLY A 183 -6.77 16.11 -42.97
N ALA A 184 -6.57 14.83 -42.65
CA ALA A 184 -5.36 14.38 -41.96
C ALA A 184 -4.17 14.44 -42.91
N LEU A 185 -3.19 15.27 -42.57
CA LEU A 185 -2.04 15.51 -43.45
C LEU A 185 -1.13 14.30 -43.56
N LEU A 186 -0.88 13.85 -44.79
CA LEU A 186 0.04 12.73 -45.03
C LEU A 186 1.48 13.19 -44.82
N PRO A 187 2.39 12.25 -44.53
CA PRO A 187 3.81 12.60 -44.37
C PRO A 187 4.43 13.27 -45.60
N CYS A 188 5.57 13.90 -45.40
CA CYS A 188 6.27 14.64 -46.45
C CYS A 188 6.85 13.68 -47.50
N GLU A 189 7.04 14.19 -48.71
CA GLU A 189 7.53 13.38 -49.83
C GLU A 189 8.95 12.85 -49.61
N GLU A 190 9.87 13.74 -49.24
CA GLU A 190 11.29 13.37 -49.10
C GLU A 190 11.65 13.05 -47.64
N CYS A 191 11.47 14.03 -46.76
CA CYS A 191 11.95 13.92 -45.38
C CYS A 191 11.01 13.13 -44.45
N SER A 192 9.79 12.85 -44.92
CA SER A 192 8.80 12.09 -44.16
C SER A 192 8.44 12.75 -42.81
N GLY A 193 8.36 14.08 -42.82
CA GLY A 193 8.00 14.85 -41.62
C GLY A 193 6.54 15.29 -41.65
N GLN A 194 6.21 16.26 -40.82
CA GLN A 194 4.85 16.74 -40.69
C GLN A 194 4.71 18.15 -41.28
N LEU A 195 3.84 18.30 -42.27
CA LEU A 195 3.54 19.61 -42.84
C LEU A 195 2.60 20.37 -41.89
N VAL A 196 2.79 21.68 -41.80
CA VAL A 196 1.98 22.51 -40.90
C VAL A 196 1.55 23.80 -41.61
N PHE A 197 0.28 24.16 -41.45
CA PHE A 197 -0.23 25.41 -42.01
C PHE A 197 0.39 26.59 -41.28
N LYS A 198 0.98 27.51 -42.05
CA LYS A 198 1.60 28.71 -41.50
C LYS A 198 1.27 29.90 -42.38
N SER A 199 0.26 30.67 -41.97
CA SER A 199 -0.14 31.93 -42.62
C SER A 199 -0.68 31.74 -44.04
N ASP A 200 0.19 31.47 -45.01
CA ASP A 200 -0.18 31.44 -46.43
C ASP A 200 0.11 30.12 -47.15
N ALA A 201 0.63 29.12 -46.44
CA ALA A 201 0.97 27.84 -47.05
C ALA A 201 1.23 26.75 -46.00
N TYR A 202 1.35 25.51 -46.47
CA TYR A 202 1.72 24.37 -45.62
C TYR A 202 3.22 24.13 -45.71
N TYR A 203 3.94 24.48 -44.64
CA TYR A 203 5.39 24.33 -44.58
C TYR A 203 5.77 23.01 -43.91
N CYS A 204 6.74 22.30 -44.47
CA CYS A 204 7.24 21.07 -43.87
C CYS A 204 8.15 21.40 -42.67
N THR A 205 7.89 20.74 -41.55
CA THR A 205 8.63 20.99 -40.31
C THR A 205 9.59 19.84 -39.97
N GLY A 206 9.76 18.91 -40.91
CA GLY A 206 10.61 17.74 -40.68
C GLY A 206 12.09 18.04 -40.83
N ASP A 207 12.89 17.00 -40.99
CA ASP A 207 14.33 17.13 -41.11
C ASP A 207 14.88 16.31 -42.27
N VAL A 208 15.24 17.01 -43.36
CA VAL A 208 15.92 16.39 -44.50
C VAL A 208 17.27 15.79 -44.06
N THR A 209 17.90 16.41 -43.06
CA THR A 209 19.11 15.88 -42.44
C THR A 209 19.23 16.40 -41.00
N ALA A 210 20.20 15.88 -40.26
CA ALA A 210 20.40 16.27 -38.87
C ALA A 210 20.89 17.72 -38.74
N TRP A 211 21.67 18.18 -39.72
CA TRP A 211 22.25 19.51 -39.69
C TRP A 211 21.27 20.60 -40.15
N THR A 212 20.38 20.26 -41.07
CA THR A 212 19.48 21.24 -41.70
C THR A 212 18.02 20.83 -41.60
N LYS A 213 17.14 21.83 -41.61
CA LYS A 213 15.70 21.59 -41.61
C LYS A 213 15.18 21.53 -43.04
N CYS A 214 14.09 20.80 -43.25
CA CYS A 214 13.46 20.68 -44.56
C CYS A 214 12.76 21.99 -44.94
N MET A 215 12.78 22.30 -46.23
CA MET A 215 12.22 23.56 -46.74
C MET A 215 11.13 23.33 -47.80
N VAL A 216 10.35 22.27 -47.64
CA VAL A 216 9.21 22.01 -48.52
C VAL A 216 8.05 22.96 -48.16
N LYS A 217 7.40 23.49 -49.19
CA LYS A 217 6.31 24.45 -49.03
C LYS A 217 5.27 24.25 -50.13
N THR A 218 3.99 24.30 -49.77
CA THR A 218 2.91 24.07 -50.72
C THR A 218 1.56 24.61 -50.23
N GLN A 219 0.69 24.92 -51.18
CA GLN A 219 -0.70 25.31 -50.90
C GLN A 219 -1.66 24.14 -51.08
N THR A 220 -1.22 23.10 -51.79
CA THR A 220 -2.04 21.91 -52.02
C THR A 220 -1.28 20.65 -51.60
N PRO A 221 -1.23 20.39 -50.28
CA PRO A 221 -0.52 19.21 -49.77
C PRO A 221 -1.32 17.92 -49.94
N ASN A 222 -0.65 16.78 -49.76
CA ASN A 222 -1.28 15.47 -49.84
C ASN A 222 -1.90 15.10 -48.49
N ARG A 223 -3.08 14.50 -48.51
CA ARG A 223 -3.81 14.19 -47.28
C ARG A 223 -4.98 13.23 -47.50
N LYS A 224 -5.10 12.24 -46.61
CA LYS A 224 -6.28 11.37 -46.59
C LYS A 224 -7.35 12.01 -45.71
N GLU A 225 -8.53 11.39 -45.65
CA GLU A 225 -9.65 11.95 -44.90
C GLU A 225 -9.45 11.78 -43.39
N TRP A 226 -9.92 12.76 -42.63
CA TRP A 226 -9.82 12.76 -41.17
C TRP A 226 -10.77 11.73 -40.57
N VAL A 227 -10.23 10.81 -39.78
CA VAL A 227 -11.02 9.75 -39.16
C VAL A 227 -11.14 9.99 -37.65
N THR A 228 -12.31 10.45 -37.22
CA THR A 228 -12.62 10.59 -35.81
C THR A 228 -12.86 9.19 -35.22
N PRO A 229 -12.31 8.91 -34.03
CA PRO A 229 -12.64 7.64 -33.38
C PRO A 229 -14.12 7.51 -33.01
N LYS A 230 -14.57 6.29 -32.75
CA LYS A 230 -15.95 6.04 -32.30
C LYS A 230 -16.36 6.88 -31.10
N GLU A 231 -15.40 7.20 -30.24
CA GLU A 231 -15.68 7.92 -28.99
C GLU A 231 -15.94 9.39 -29.27
N PHE A 232 -17.20 9.71 -29.59
CA PHE A 232 -17.60 11.09 -29.88
C PHE A 232 -19.12 11.23 -29.84
N ARG A 233 -19.65 11.57 -28.68
CA ARG A 233 -21.09 11.77 -28.48
C ARG A 233 -21.55 13.16 -28.91
N GLU A 234 -20.59 14.07 -29.12
CA GLU A 234 -20.87 15.42 -29.59
C GLU A 234 -20.24 15.69 -30.97
N ILE A 235 -19.86 14.62 -31.67
CA ILE A 235 -19.34 14.72 -33.04
C ILE A 235 -20.46 15.03 -34.02
N SER A 236 -21.66 14.51 -33.73
CA SER A 236 -22.84 14.78 -34.53
C SER A 236 -23.29 16.24 -34.41
N TYR A 237 -22.96 16.88 -33.30
CA TYR A 237 -23.28 18.29 -33.08
C TYR A 237 -22.28 19.20 -33.79
N LEU A 238 -20.99 18.86 -33.69
CA LEU A 238 -19.92 19.65 -34.30
C LEU A 238 -19.93 19.52 -35.83
N LYS A 239 -20.13 18.30 -36.32
CA LYS A 239 -20.20 18.04 -37.76
C LYS A 239 -21.52 18.54 -38.38
N LYS A 240 -22.53 18.78 -37.55
CA LYS A 240 -23.82 19.31 -38.01
C LYS A 240 -23.79 20.81 -38.33
N LEU A 241 -22.63 21.45 -38.13
CA LEU A 241 -22.49 22.89 -38.39
C LEU A 241 -22.26 23.21 -39.88
N LYS A 242 -23.04 22.56 -40.76
CA LYS A 242 -23.02 22.83 -42.20
C LYS A 242 -21.61 22.76 -42.80
N VAL A 243 -20.92 21.66 -42.56
CA VAL A 243 -19.55 21.47 -43.03
C VAL A 243 -19.50 20.47 -44.19
N LYS A 244 -19.18 20.96 -45.38
CA LYS A 244 -19.05 20.13 -46.58
C LYS A 244 -17.59 20.03 -47.00
N LYS A 245 -17.32 19.28 -48.07
CA LYS A 245 -15.96 19.12 -48.58
C LYS A 245 -15.46 20.40 -49.25
N GLN A 246 -14.27 20.84 -48.86
CA GLN A 246 -13.67 22.06 -49.39
C GLN A 246 -12.17 22.12 -49.09
N ASP A 247 -11.44 22.86 -49.93
CA ASP A 247 -9.99 22.99 -49.79
C ASP A 247 -9.64 24.33 -49.12
N ARG A 248 -8.44 24.41 -48.57
CA ARG A 248 -7.95 25.64 -47.93
C ARG A 248 -7.88 26.79 -48.92
N ILE A 249 -8.51 27.91 -48.56
CA ILE A 249 -8.44 29.14 -49.34
C ILE A 249 -7.36 30.02 -48.71
N PHE A 250 -6.59 30.71 -49.55
CA PHE A 250 -5.46 31.51 -49.11
C PHE A 250 -5.66 32.99 -49.43
N PRO A 251 -4.85 33.88 -48.82
CA PRO A 251 -4.95 35.30 -49.14
C PRO A 251 -4.51 35.63 -50.57
N PRO A 252 -4.86 36.84 -51.07
CA PRO A 252 -4.46 37.22 -52.43
C PRO A 252 -2.95 37.38 -52.59
N ALA B 14 41.96 21.44 -22.42
CA ALA B 14 41.89 22.92 -22.27
C ALA B 14 41.95 23.36 -20.80
N ALA B 15 42.06 24.66 -20.58
CA ALA B 15 42.11 25.24 -19.25
C ALA B 15 40.75 25.81 -18.85
N VAL B 16 40.69 26.47 -17.69
CA VAL B 16 39.44 27.03 -17.19
C VAL B 16 39.07 28.31 -17.94
N ASP B 17 37.77 28.47 -18.22
CA ASP B 17 37.26 29.68 -18.85
C ASP B 17 37.23 30.82 -17.83
N PRO B 18 37.91 31.95 -18.12
CA PRO B 18 37.92 33.07 -17.17
C PRO B 18 36.56 33.76 -16.94
N ASP B 19 35.54 33.40 -17.72
CA ASP B 19 34.19 33.92 -17.52
C ASP B 19 33.58 33.45 -16.19
N SER B 20 34.06 32.30 -15.69
CA SER B 20 33.66 31.80 -14.38
C SER B 20 34.13 32.72 -13.26
N GLY B 21 35.34 33.24 -13.39
CA GLY B 21 35.96 34.06 -12.36
C GLY B 21 36.79 33.25 -11.38
N LEU B 22 36.81 31.93 -11.57
CA LEU B 22 37.54 31.01 -10.69
C LEU B 22 38.65 30.29 -11.47
N GLU B 23 39.27 30.99 -12.41
CA GLU B 23 40.25 30.37 -13.32
C GLU B 23 41.54 29.95 -12.63
N HIS B 24 42.11 30.84 -11.83
CA HIS B 24 43.33 30.54 -11.07
C HIS B 24 42.95 30.29 -9.61
N SER B 25 42.19 29.22 -9.40
CA SER B 25 41.72 28.84 -8.08
C SER B 25 41.51 27.32 -7.99
N ALA B 26 40.63 26.80 -8.85
CA ALA B 26 40.36 25.36 -8.92
C ALA B 26 40.56 24.86 -10.35
N HIS B 27 41.19 23.68 -10.46
CA HIS B 27 41.50 23.09 -11.76
C HIS B 27 40.28 22.47 -12.43
N VAL B 28 40.30 22.41 -13.76
CA VAL B 28 39.28 21.70 -14.52
C VAL B 28 39.49 20.18 -14.39
N LEU B 29 38.40 19.46 -14.14
CA LEU B 29 38.47 18.05 -13.75
C LEU B 29 38.40 17.09 -14.95
N GLU B 30 39.00 15.92 -14.78
CA GLU B 30 38.94 14.84 -15.77
C GLU B 30 38.91 13.48 -15.07
N LYS B 31 38.05 12.58 -15.55
CA LYS B 31 37.95 11.23 -15.00
C LYS B 31 38.85 10.29 -15.80
N GLY B 32 40.11 10.22 -15.39
CA GLY B 32 41.10 9.35 -16.04
C GLY B 32 41.51 9.86 -17.41
N GLY B 33 40.66 9.60 -18.41
CA GLY B 33 40.94 9.98 -19.80
C GLY B 33 40.10 11.13 -20.30
N LYS B 34 38.78 10.92 -20.32
CA LYS B 34 37.85 11.93 -20.84
C LYS B 34 37.82 13.18 -19.96
N VAL B 35 38.20 14.32 -20.54
CA VAL B 35 38.21 15.60 -19.82
C VAL B 35 36.81 16.19 -19.78
N PHE B 36 36.31 16.47 -18.58
CA PHE B 36 34.96 17.01 -18.41
C PHE B 36 34.92 18.48 -18.83
N SER B 37 34.92 18.69 -20.15
CA SER B 37 34.90 20.03 -20.73
C SER B 37 34.66 19.91 -22.24
N ALA B 38 33.60 20.55 -22.73
CA ALA B 38 33.24 20.50 -24.14
C ALA B 38 32.74 21.84 -24.64
N THR B 39 33.13 22.21 -25.86
CA THR B 39 32.71 23.46 -26.49
C THR B 39 31.85 23.14 -27.72
N LEU B 40 30.54 23.37 -27.59
CA LEU B 40 29.58 23.00 -28.63
C LEU B 40 29.30 24.17 -29.56
N GLY B 41 28.68 23.87 -30.70
CA GLY B 41 28.32 24.89 -31.69
C GLY B 41 27.11 24.48 -32.51
N LEU B 42 26.34 25.47 -32.95
CA LEU B 42 25.13 25.24 -33.74
C LEU B 42 24.87 26.42 -34.66
N VAL B 43 24.70 26.14 -35.95
CA VAL B 43 24.40 27.17 -36.94
C VAL B 43 23.31 26.71 -37.90
N ASP B 44 22.36 27.61 -38.18
CA ASP B 44 21.35 27.40 -39.20
C ASP B 44 21.33 28.64 -40.10
N ILE B 45 21.83 28.48 -41.31
CA ILE B 45 21.95 29.60 -42.25
C ILE B 45 20.61 30.28 -42.55
N VAL B 46 19.54 29.49 -42.59
CA VAL B 46 18.20 30.01 -42.92
C VAL B 46 17.68 30.90 -41.79
N LYS B 47 17.70 30.39 -40.57
CA LYS B 47 17.30 31.17 -39.39
C LYS B 47 18.28 32.30 -39.09
N GLY B 48 19.56 32.09 -39.39
CA GLY B 48 20.60 33.07 -39.09
C GLY B 48 21.35 32.78 -37.80
N THR B 49 20.77 31.92 -36.95
CA THR B 49 21.41 31.51 -35.70
C THR B 49 22.81 30.95 -35.94
N ASN B 50 23.74 31.35 -35.08
CA ASN B 50 25.14 30.97 -35.17
C ASN B 50 25.72 31.08 -33.76
N SER B 51 25.58 30.01 -32.99
CA SER B 51 25.76 30.07 -31.53
C SER B 51 26.87 29.17 -31.02
N TYR B 52 27.29 29.44 -29.79
CA TYR B 52 28.24 28.58 -29.07
C TYR B 52 27.63 28.08 -27.77
N TYR B 53 28.25 27.07 -27.18
CA TYR B 53 27.84 26.57 -25.88
C TYR B 53 28.99 25.81 -25.20
N LYS B 54 29.73 26.49 -24.33
CA LYS B 54 30.84 25.87 -23.62
C LYS B 54 30.39 25.35 -22.25
N LEU B 55 30.60 24.05 -22.03
CA LEU B 55 30.27 23.39 -20.77
C LEU B 55 31.56 22.92 -20.11
N GLN B 56 31.65 23.07 -18.79
CA GLN B 56 32.83 22.68 -18.03
C GLN B 56 32.47 22.12 -16.65
N LEU B 57 33.41 21.38 -16.08
CA LEU B 57 33.27 20.88 -14.71
C LEU B 57 34.52 21.22 -13.90
N LEU B 58 34.43 22.32 -13.14
CA LEU B 58 35.56 22.81 -12.35
C LEU B 58 35.69 22.03 -11.05
N TRP B 67 31.61 22.32 -8.77
CA TRP B 67 31.21 23.47 -9.59
C TRP B 67 31.00 23.06 -11.05
N ILE B 68 29.87 23.49 -11.62
CA ILE B 68 29.62 23.32 -13.05
C ILE B 68 29.45 24.70 -13.68
N PHE B 69 30.03 24.87 -14.87
CA PHE B 69 29.99 26.15 -15.57
C PHE B 69 29.41 26.02 -16.96
N ARG B 70 28.37 26.81 -17.24
CA ARG B 70 27.74 26.86 -18.55
C ARG B 70 27.92 28.25 -19.15
N SER B 71 28.43 28.30 -20.38
CA SER B 71 28.53 29.55 -21.14
C SER B 71 27.77 29.38 -22.45
N TRP B 72 27.10 30.45 -22.89
CA TRP B 72 26.32 30.41 -24.13
C TRP B 72 26.15 31.80 -24.74
N GLY B 73 25.85 31.83 -26.03
CA GLY B 73 25.63 33.09 -26.75
C GLY B 73 25.88 32.97 -28.24
N ARG B 74 25.88 34.11 -28.93
CA ARG B 74 26.18 34.17 -30.36
C ARG B 74 27.67 34.40 -30.54
N VAL B 75 28.34 33.46 -31.20
CA VAL B 75 29.79 33.52 -31.40
C VAL B 75 30.26 34.85 -32.00
N GLY B 76 31.22 35.49 -31.33
CA GLY B 76 31.86 36.70 -31.81
C GLY B 76 31.14 37.99 -31.47
N THR B 77 30.30 37.96 -30.43
CA THR B 77 29.54 39.13 -30.02
C THR B 77 29.23 39.12 -28.52
N VAL B 78 28.76 40.27 -28.02
CA VAL B 78 28.39 40.42 -26.62
C VAL B 78 27.06 39.72 -26.28
N ILE B 79 26.33 39.30 -27.31
CA ILE B 79 25.08 38.54 -27.14
C ILE B 79 25.38 37.21 -26.46
N GLY B 80 24.73 36.98 -25.32
CA GLY B 80 24.89 35.75 -24.55
C GLY B 80 24.97 35.98 -23.06
N SER B 81 25.13 34.89 -22.32
CA SER B 81 25.26 34.95 -20.86
C SER B 81 25.91 33.66 -20.34
N ASN B 82 26.06 33.57 -19.02
CA ASN B 82 26.68 32.39 -18.39
C ASN B 82 26.09 32.09 -17.02
N LYS B 83 26.33 30.88 -16.53
CA LYS B 83 25.90 30.48 -15.20
C LYS B 83 26.94 29.59 -14.51
N LEU B 84 27.66 30.18 -13.56
CA LEU B 84 28.49 29.42 -12.63
C LEU B 84 27.60 28.94 -11.49
N GLU B 85 27.76 27.68 -11.10
CA GLU B 85 26.89 27.06 -10.09
C GLU B 85 27.63 25.97 -9.32
N GLN B 86 27.72 26.13 -8.00
CA GLN B 86 28.35 25.14 -7.14
C GLN B 86 27.41 23.95 -6.93
N MET B 87 27.99 22.75 -6.89
CA MET B 87 27.22 21.52 -6.75
C MET B 87 27.08 21.11 -5.29
N PRO B 88 26.07 20.29 -4.95
CA PRO B 88 25.98 19.70 -3.61
C PRO B 88 27.13 18.72 -3.32
N SER B 89 27.54 17.96 -4.34
CA SER B 89 28.64 17.01 -4.21
C SER B 89 29.32 16.74 -5.56
N LYS B 90 30.36 15.92 -5.54
CA LYS B 90 31.14 15.60 -6.75
C LYS B 90 30.49 14.54 -7.64
N GLU B 91 29.73 13.63 -7.05
CA GLU B 91 28.98 12.63 -7.82
C GLU B 91 27.73 13.23 -8.46
N ASP B 92 27.20 14.29 -7.84
CA ASP B 92 26.07 15.05 -8.40
C ASP B 92 26.53 15.89 -9.59
N ALA B 93 27.82 16.21 -9.64
CA ALA B 93 28.42 16.94 -10.75
C ALA B 93 28.35 16.13 -12.04
N ILE B 94 28.74 14.86 -11.97
CA ILE B 94 28.66 13.94 -13.11
C ILE B 94 27.21 13.82 -13.59
N GLU B 95 26.27 13.74 -12.63
CA GLU B 95 24.85 13.64 -12.94
C GLU B 95 24.35 14.90 -13.67
N HIS B 96 24.76 16.06 -13.18
CA HIS B 96 24.35 17.35 -13.75
C HIS B 96 25.05 17.62 -15.08
N PHE B 97 26.31 17.21 -15.18
CA PHE B 97 27.12 17.43 -16.39
C PHE B 97 26.64 16.59 -17.57
N MET B 98 26.58 15.27 -17.36
CA MET B 98 26.18 14.34 -18.42
C MET B 98 24.72 14.51 -18.85
N LYS B 99 23.88 15.01 -17.94
CA LYS B 99 22.48 15.30 -18.24
C LYS B 99 22.37 16.57 -19.10
N LEU B 100 23.04 17.63 -18.69
CA LEU B 100 23.11 18.88 -19.46
C LEU B 100 23.71 18.63 -20.84
N TYR B 101 24.79 17.85 -20.87
CA TYR B 101 25.45 17.48 -22.13
C TYR B 101 24.45 16.87 -23.10
N GLU B 102 23.88 15.72 -22.73
CA GLU B 102 22.94 15.00 -23.59
C GLU B 102 21.71 15.82 -23.96
N GLU B 103 21.22 16.63 -23.03
CA GLU B 103 20.10 17.54 -23.27
C GLU B 103 20.41 18.53 -24.41
N LYS B 104 21.67 18.95 -24.49
CA LYS B 104 22.09 19.98 -25.44
C LYS B 104 22.63 19.37 -26.73
N THR B 105 23.48 18.34 -26.61
CA THR B 105 24.15 17.74 -27.76
C THR B 105 23.37 16.57 -28.37
N GLY B 106 22.60 15.85 -27.55
CA GLY B 106 21.78 14.73 -28.03
C GLY B 106 22.35 13.37 -27.70
N ASN B 107 23.67 13.26 -27.73
CA ASN B 107 24.38 12.00 -27.48
C ASN B 107 24.78 11.82 -26.02
N ALA B 108 25.26 10.63 -25.69
CA ALA B 108 25.83 10.34 -24.38
C ALA B 108 27.27 10.86 -24.32
N TRP B 109 27.83 10.92 -23.12
CA TRP B 109 29.17 11.46 -22.91
C TRP B 109 30.24 10.57 -23.57
N HIS B 110 30.07 9.26 -23.48
CA HIS B 110 30.90 8.30 -24.21
C HIS B 110 30.24 7.85 -25.52
N SER B 111 31.00 7.78 -26.61
CA SER B 111 30.49 7.25 -27.88
C SER B 111 31.60 6.80 -28.85
N LYS B 112 31.28 5.83 -29.69
CA LYS B 112 32.24 5.25 -30.64
C LYS B 112 32.42 6.18 -31.83
N ASN B 113 31.31 6.69 -32.35
CA ASN B 113 31.32 7.74 -33.35
C ASN B 113 30.15 8.67 -33.06
N PHE B 114 30.37 9.97 -33.23
CA PHE B 114 29.33 10.96 -32.92
C PHE B 114 28.30 11.07 -34.03
N THR B 115 27.09 11.45 -33.65
CA THR B 115 25.99 11.67 -34.59
C THR B 115 25.21 12.93 -34.21
N LYS B 116 25.14 13.88 -35.15
CA LYS B 116 24.36 15.12 -34.97
C LYS B 116 22.87 14.81 -34.88
N TYR B 117 22.13 15.61 -34.11
CA TYR B 117 20.68 15.46 -34.00
C TYR B 117 19.97 16.79 -34.29
N PRO B 118 18.75 16.72 -34.87
CA PRO B 118 17.91 17.88 -35.20
C PRO B 118 17.84 18.95 -34.10
N LYS B 119 18.29 20.15 -34.41
CA LYS B 119 18.29 21.30 -33.49
C LYS B 119 19.10 21.14 -32.20
N LYS B 120 19.78 20.01 -32.05
CA LYS B 120 20.73 19.82 -30.95
C LYS B 120 22.09 20.34 -31.39
N PHE B 121 22.99 20.54 -30.43
CA PHE B 121 24.33 21.06 -30.71
C PHE B 121 25.28 19.98 -31.23
N TYR B 122 26.45 20.42 -31.70
CA TYR B 122 27.53 19.54 -32.12
C TYR B 122 28.83 19.97 -31.42
N PRO B 123 29.54 19.01 -30.78
CA PRO B 123 30.76 19.33 -30.04
C PRO B 123 31.97 19.55 -30.95
N LEU B 124 32.72 20.63 -30.71
CA LEU B 124 33.94 20.92 -31.46
C LEU B 124 35.16 20.32 -30.77
N GLU B 125 36.04 19.71 -31.55
CA GLU B 125 37.19 18.97 -31.02
C GLU B 125 38.36 19.90 -30.68
N ILE B 126 38.50 20.22 -29.40
CA ILE B 126 39.62 21.03 -28.91
C ILE B 126 40.76 20.12 -28.44
N ASP B 127 42.00 20.59 -28.60
CA ASP B 127 43.18 19.84 -28.18
C ASP B 127 43.28 19.81 -26.66
N LYS B 145 71.88 41.16 -26.36
CA LYS B 145 72.92 40.17 -26.16
C LYS B 145 72.88 39.02 -27.19
N SER B 146 71.93 39.10 -28.12
CA SER B 146 71.84 38.12 -29.21
C SER B 146 72.91 38.38 -30.26
N LYS B 147 73.63 37.33 -30.64
CA LYS B 147 74.73 37.46 -31.61
C LYS B 147 74.29 37.09 -33.02
N LEU B 148 73.56 38.00 -33.66
CA LEU B 148 73.13 37.84 -35.06
C LEU B 148 73.11 39.19 -35.78
N PRO B 149 73.07 39.17 -37.13
CA PRO B 149 72.96 40.43 -37.88
C PRO B 149 71.60 41.13 -37.67
N LYS B 150 71.59 42.44 -37.91
CA LYS B 150 70.38 43.24 -37.70
C LYS B 150 69.23 42.88 -38.67
N PRO B 151 69.56 42.61 -39.96
CA PRO B 151 68.50 42.18 -40.88
C PRO B 151 67.93 40.79 -40.56
N VAL B 152 68.76 39.90 -40.01
CA VAL B 152 68.33 38.56 -39.64
C VAL B 152 67.40 38.61 -38.42
N GLN B 153 67.71 39.51 -37.48
CA GLN B 153 66.83 39.75 -36.33
C GLN B 153 65.47 40.31 -36.77
N ASP B 154 65.50 41.19 -37.76
CA ASP B 154 64.28 41.76 -38.34
C ASP B 154 63.46 40.71 -39.08
N LEU B 155 64.13 39.71 -39.65
CA LEU B 155 63.44 38.62 -40.35
C LEU B 155 62.62 37.79 -39.37
N ILE B 156 63.22 37.44 -38.23
CA ILE B 156 62.50 36.75 -37.16
C ILE B 156 61.40 37.65 -36.60
N LYS B 157 61.74 38.92 -36.38
CA LYS B 157 60.76 39.92 -35.92
C LYS B 157 59.53 39.96 -36.83
N MET B 158 59.76 39.82 -38.13
CA MET B 158 58.70 39.89 -39.13
C MET B 158 57.86 38.62 -39.20
N ILE B 159 58.52 37.45 -39.16
CA ILE B 159 57.83 36.17 -39.35
C ILE B 159 57.37 35.48 -38.06
N PHE B 160 57.68 36.06 -36.90
CA PHE B 160 57.22 35.51 -35.62
C PHE B 160 56.34 36.46 -34.81
N ASP B 161 55.97 37.61 -35.39
CA ASP B 161 54.98 38.49 -34.80
C ASP B 161 53.60 37.87 -35.07
N VAL B 162 53.03 37.24 -34.06
CA VAL B 162 51.80 36.46 -34.23
C VAL B 162 50.54 37.34 -34.16
N GLU B 163 50.66 38.51 -33.53
CA GLU B 163 49.56 39.48 -33.51
C GLU B 163 49.30 40.05 -34.91
N SER B 164 50.36 40.12 -35.73
CA SER B 164 50.22 40.48 -37.14
C SER B 164 49.52 39.38 -37.90
N MET B 165 49.75 38.13 -37.51
CA MET B 165 49.06 36.97 -38.09
C MET B 165 47.60 36.90 -37.64
N LYS B 166 47.31 37.38 -36.43
CA LYS B 166 45.94 37.45 -35.93
C LYS B 166 45.12 38.42 -36.78
N LYS B 167 45.63 39.63 -36.94
CA LYS B 167 45.02 40.64 -37.82
C LYS B 167 44.74 40.06 -39.22
N ALA B 168 45.68 39.28 -39.72
CA ALA B 168 45.55 38.65 -41.04
C ALA B 168 44.30 37.77 -41.15
N MET B 169 43.89 37.17 -40.03
CA MET B 169 42.69 36.32 -39.99
C MET B 169 41.39 37.10 -39.81
N VAL B 170 41.47 38.35 -39.36
CA VAL B 170 40.28 39.17 -39.10
C VAL B 170 39.45 39.37 -40.37
N GLU B 171 40.12 39.55 -41.50
CA GLU B 171 39.46 39.72 -42.80
C GLU B 171 38.74 38.44 -43.26
N TYR B 172 39.24 37.29 -42.86
CA TYR B 172 38.61 36.00 -43.18
C TYR B 172 37.35 35.74 -42.35
N GLU B 173 37.17 36.49 -41.26
CA GLU B 173 36.02 36.37 -40.35
C GLU B 173 36.09 35.10 -39.48
N ILE B 174 37.29 34.61 -39.21
CA ILE B 174 37.52 33.56 -38.21
C ILE B 174 37.33 34.19 -36.83
N ASP B 175 36.82 33.40 -35.88
CA ASP B 175 36.65 33.85 -34.51
C ASP B 175 38.00 34.26 -33.91
N LEU B 176 38.09 35.49 -33.44
CA LEU B 176 39.34 36.05 -32.92
C LEU B 176 39.50 35.82 -31.42
N GLN B 177 38.38 35.61 -30.72
CA GLN B 177 38.36 35.55 -29.26
C GLN B 177 39.20 34.41 -28.68
N LYS B 178 38.76 33.17 -28.88
CA LYS B 178 39.38 32.02 -28.19
C LYS B 178 40.08 31.00 -29.11
N MET B 179 40.36 31.39 -30.35
CA MET B 179 41.12 30.53 -31.27
C MET B 179 42.63 30.48 -31.01
N PRO B 180 43.24 31.55 -30.43
CA PRO B 180 44.67 31.41 -30.13
C PRO B 180 44.96 30.45 -28.97
N LEU B 181 44.18 30.56 -27.89
CA LEU B 181 44.32 29.66 -26.75
C LEU B 181 43.66 28.30 -27.01
N GLY B 182 42.55 28.30 -27.74
CA GLY B 182 41.83 27.07 -28.10
C GLY B 182 42.33 26.49 -29.41
N LYS B 183 43.23 25.51 -29.32
CA LYS B 183 43.76 24.84 -30.51
C LYS B 183 42.73 23.90 -31.11
N LEU B 184 42.30 24.21 -32.35
CA LEU B 184 41.35 23.37 -33.07
C LEU B 184 42.07 22.11 -33.56
N SER B 185 41.40 20.97 -33.45
CA SER B 185 42.05 19.67 -33.71
C SER B 185 42.47 19.48 -35.16
N LYS B 186 43.34 18.50 -35.39
CA LYS B 186 43.86 18.19 -36.72
C LYS B 186 42.84 17.39 -37.51
N ARG B 187 42.19 16.44 -36.84
CA ARG B 187 41.11 15.65 -37.44
C ARG B 187 39.90 16.53 -37.78
N GLN B 188 39.69 17.57 -36.98
CA GLN B 188 38.62 18.55 -37.21
C GLN B 188 38.86 19.34 -38.50
N ILE B 189 40.07 19.89 -38.64
CA ILE B 189 40.40 20.73 -39.79
C ILE B 189 40.41 19.93 -41.09
N GLN B 190 40.79 18.65 -41.01
CA GLN B 190 40.71 17.75 -42.15
C GLN B 190 39.27 17.54 -42.62
N ALA B 191 38.35 17.45 -41.66
CA ALA B 191 36.91 17.35 -41.97
C ALA B 191 36.38 18.67 -42.52
N ALA B 192 36.89 19.78 -42.01
CA ALA B 192 36.56 21.10 -42.54
C ALA B 192 37.03 21.25 -43.99
N TYR B 193 38.22 20.74 -44.28
CA TYR B 193 38.72 20.65 -45.66
C TYR B 193 37.81 19.78 -46.52
N SER B 194 37.40 18.64 -45.97
CA SER B 194 36.54 17.69 -46.69
C SER B 194 35.19 18.31 -47.04
N ILE B 195 34.63 19.11 -46.13
CA ILE B 195 33.36 19.80 -46.38
C ILE B 195 33.51 20.78 -47.54
N LEU B 196 34.62 21.53 -47.56
CA LEU B 196 34.89 22.46 -48.66
C LEU B 196 35.01 21.74 -50.01
N SER B 197 35.70 20.60 -50.01
CA SER B 197 35.85 19.80 -51.22
C SER B 197 34.51 19.22 -51.68
N GLU B 198 33.63 18.92 -50.72
CA GLU B 198 32.27 18.47 -51.04
C GLU B 198 31.42 19.59 -51.66
N VAL B 199 31.68 20.83 -51.23
CA VAL B 199 30.94 22.00 -51.76
C VAL B 199 31.30 22.24 -53.23
N GLN B 200 32.59 22.21 -53.53
CA GLN B 200 33.06 22.40 -54.92
C GLN B 200 32.47 21.33 -55.84
N GLN B 201 32.46 20.09 -55.36
CA GLN B 201 31.83 18.98 -56.09
C GLN B 201 30.35 19.26 -56.30
N ALA B 202 29.68 19.77 -55.27
CA ALA B 202 28.26 20.12 -55.34
C ALA B 202 28.01 21.32 -56.26
N VAL B 203 28.92 22.29 -56.23
CA VAL B 203 28.82 23.48 -57.08
C VAL B 203 29.08 23.16 -58.55
N SER B 204 30.06 22.29 -58.81
CA SER B 204 30.47 21.95 -60.17
C SER B 204 29.36 21.32 -61.01
N GLN B 205 28.64 20.37 -60.41
CA GLN B 205 27.55 19.67 -61.12
C GLN B 205 26.15 20.15 -60.68
N GLY B 206 26.07 21.43 -60.29
CA GLY B 206 24.80 22.07 -59.94
C GLY B 206 23.88 21.24 -59.07
N SER B 207 24.36 20.86 -57.89
CA SER B 207 23.58 20.05 -56.96
C SER B 207 22.48 20.86 -56.27
N SER B 208 21.65 20.18 -55.47
CA SER B 208 20.52 20.81 -54.80
C SER B 208 20.95 21.93 -53.85
N ASP B 209 20.01 22.84 -53.58
CA ASP B 209 20.25 23.91 -52.61
C ASP B 209 20.39 23.33 -51.20
N SER B 210 19.60 22.29 -50.90
CA SER B 210 19.68 21.59 -49.62
C SER B 210 21.05 20.95 -49.42
N GLN B 211 21.55 20.28 -50.46
CA GLN B 211 22.90 19.71 -50.47
C GLN B 211 23.94 20.79 -50.11
N ILE B 212 23.84 21.94 -50.77
CA ILE B 212 24.73 23.07 -50.49
C ILE B 212 24.47 23.66 -49.10
N LEU B 213 23.20 23.79 -48.73
CA LEU B 213 22.82 24.35 -47.42
C LEU B 213 23.47 23.54 -46.29
N ASP B 214 23.44 22.21 -46.42
CA ASP B 214 24.02 21.30 -45.43
C ASP B 214 25.51 21.54 -45.23
N LEU B 215 26.26 21.59 -46.33
CA LEU B 215 27.71 21.75 -46.27
C LEU B 215 28.10 23.11 -45.71
N SER B 216 27.32 24.14 -46.07
CA SER B 216 27.53 25.49 -45.55
C SER B 216 27.26 25.51 -44.04
N ASN B 217 26.17 24.89 -43.61
CA ASN B 217 25.89 24.72 -42.18
C ASN B 217 27.01 23.94 -41.51
N ARG B 218 27.33 22.76 -42.05
CA ARG B 218 28.37 21.89 -41.51
C ARG B 218 29.70 22.61 -41.30
N PHE B 219 30.11 23.42 -42.27
CA PHE B 219 31.40 24.10 -42.22
C PHE B 219 31.46 25.14 -41.10
N TYR B 220 30.47 26.03 -41.05
CA TYR B 220 30.44 27.11 -40.05
C TYR B 220 30.22 26.58 -38.63
N THR B 221 29.58 25.43 -38.49
CA THR B 221 29.48 24.75 -37.19
C THR B 221 30.87 24.28 -36.77
N LEU B 222 31.56 23.62 -37.71
CA LEU B 222 32.85 23.00 -37.44
C LEU B 222 33.95 24.02 -37.20
N ILE B 223 33.92 25.13 -37.96
CA ILE B 223 34.85 26.24 -37.77
C ILE B 223 34.06 27.50 -37.40
N PRO B 224 34.17 27.97 -36.15
CA PRO B 224 33.38 29.10 -35.70
C PRO B 224 33.79 30.43 -36.35
N HIS B 225 32.85 31.06 -37.05
CA HIS B 225 33.08 32.34 -37.72
C HIS B 225 32.42 33.47 -36.95
N ASP B 226 32.86 34.70 -37.22
CA ASP B 226 32.30 35.90 -36.59
C ASP B 226 31.70 36.81 -37.66
N PHE B 227 30.39 36.69 -37.86
CA PHE B 227 29.66 37.55 -38.79
C PHE B 227 28.91 38.67 -38.07
N GLY B 228 28.99 38.69 -36.74
CA GLY B 228 28.29 39.68 -35.93
C GLY B 228 26.81 39.39 -35.86
N MET B 229 25.99 40.36 -36.28
CA MET B 229 24.53 40.25 -36.20
C MET B 229 23.87 39.88 -37.53
N LYS B 230 24.66 39.45 -38.52
CA LYS B 230 24.11 39.06 -39.83
C LYS B 230 24.33 37.59 -40.13
N LYS B 231 23.58 37.08 -41.12
CA LYS B 231 23.53 35.65 -41.42
C LYS B 231 24.81 35.14 -42.07
N PRO B 232 25.26 33.93 -41.70
CA PRO B 232 26.36 33.26 -42.40
C PRO B 232 26.04 33.08 -43.89
N PRO B 233 26.96 33.52 -44.78
CA PRO B 233 26.70 33.43 -46.22
C PRO B 233 26.90 32.02 -46.77
N LEU B 234 26.04 31.63 -47.71
CA LEU B 234 26.06 30.29 -48.30
C LEU B 234 27.29 30.09 -49.19
N LEU B 235 27.95 28.94 -49.05
CA LEU B 235 29.07 28.59 -49.91
C LEU B 235 28.55 28.04 -51.23
N ASN B 236 28.20 28.95 -52.14
CA ASN B 236 27.61 28.60 -53.44
C ASN B 236 28.52 28.89 -54.64
N ASN B 237 29.52 29.75 -54.45
CA ASN B 237 30.44 30.13 -55.52
C ASN B 237 31.61 29.17 -55.65
N ALA B 238 32.38 29.34 -56.73
CA ALA B 238 33.59 28.55 -56.95
C ALA B 238 34.79 29.16 -56.21
N ASP B 239 34.77 30.47 -56.03
CA ASP B 239 35.87 31.18 -55.34
C ASP B 239 35.62 31.37 -53.84
N SER B 240 34.38 31.15 -53.39
CA SER B 240 34.05 31.22 -51.98
C SER B 240 34.68 30.06 -51.21
N VAL B 241 34.60 28.86 -51.79
CA VAL B 241 35.30 27.68 -51.26
C VAL B 241 36.81 27.89 -51.30
N GLN B 242 37.31 28.48 -52.38
CA GLN B 242 38.74 28.80 -52.51
C GLN B 242 39.18 29.79 -51.43
N ALA B 243 38.33 30.77 -51.14
CA ALA B 243 38.60 31.75 -50.09
C ALA B 243 38.67 31.08 -48.71
N LYS B 244 37.75 30.16 -48.46
CA LYS B 244 37.73 29.40 -47.21
C LYS B 244 38.81 28.32 -47.17
N VAL B 245 39.23 27.86 -48.35
CA VAL B 245 40.36 26.94 -48.45
C VAL B 245 41.66 27.64 -48.09
N GLU B 246 41.82 28.87 -48.60
CA GLU B 246 42.98 29.71 -48.29
C GLU B 246 43.03 30.06 -46.80
N MET B 247 41.86 30.31 -46.22
CA MET B 247 41.74 30.57 -44.78
C MET B 247 42.34 29.45 -43.95
N LEU B 248 41.90 28.22 -44.23
CA LEU B 248 42.39 27.04 -43.51
C LEU B 248 43.91 26.86 -43.67
N ASP B 249 44.42 27.12 -44.88
CA ASP B 249 45.86 27.05 -45.15
C ASP B 249 46.63 28.05 -44.28
N ASN B 250 46.14 29.29 -44.22
CA ASN B 250 46.76 30.32 -43.39
C ASN B 250 46.59 30.04 -41.90
N LEU B 251 45.37 29.71 -41.49
CA LEU B 251 45.05 29.36 -40.10
C LEU B 251 45.97 28.24 -39.59
N LEU B 252 46.20 27.24 -40.42
CA LEU B 252 47.07 26.11 -40.06
C LEU B 252 48.49 26.61 -39.75
N ASP B 253 49.03 27.46 -40.61
CA ASP B 253 50.40 27.96 -40.46
C ASP B 253 50.60 28.84 -39.22
N ILE B 254 49.53 29.48 -38.74
CA ILE B 254 49.59 30.28 -37.52
C ILE B 254 49.71 29.38 -36.30
N GLU B 255 48.93 28.30 -36.28
CA GLU B 255 49.00 27.29 -35.22
C GLU B 255 50.34 26.55 -35.26
N VAL B 256 50.91 26.43 -36.46
CA VAL B 256 52.27 25.88 -36.62
C VAL B 256 53.29 26.88 -36.07
N ALA B 257 53.11 28.17 -36.36
CA ALA B 257 53.99 29.22 -35.85
C ALA B 257 53.95 29.29 -34.32
N TYR B 258 52.78 29.03 -33.74
CA TYR B 258 52.65 28.89 -32.28
C TYR B 258 53.42 27.67 -31.78
N SER B 259 53.27 26.55 -32.47
CA SER B 259 53.92 25.29 -32.08
C SER B 259 55.43 25.41 -32.02
N LEU B 260 56.02 26.18 -32.95
CA LEU B 260 57.45 26.49 -32.91
C LEU B 260 57.76 27.40 -31.72
N LEU B 261 57.06 28.53 -31.64
CA LEU B 261 57.30 29.53 -30.60
C LEU B 261 57.14 28.97 -29.18
N ARG B 262 56.09 28.18 -28.96
CA ARG B 262 55.86 27.54 -27.67
C ARG B 262 56.64 26.22 -27.57
N GLY B 263 57.76 26.25 -26.85
CA GLY B 263 58.57 25.04 -26.64
C GLY B 263 60.05 25.32 -26.45
N GLY B 264 60.86 24.27 -26.64
CA GLY B 264 62.31 24.36 -26.50
C GLY B 264 62.76 24.10 -25.08
N SER B 265 63.94 24.61 -24.73
CA SER B 265 64.51 24.47 -23.39
C SER B 265 64.81 25.85 -22.81
N ASP B 266 63.92 26.34 -21.96
CA ASP B 266 64.06 27.67 -21.36
C ASP B 266 65.13 27.68 -20.28
N ASP B 267 66.39 27.81 -20.71
CA ASP B 267 67.53 27.90 -19.81
C ASP B 267 68.23 29.24 -20.01
N SER B 268 68.70 29.84 -18.91
CA SER B 268 69.36 31.14 -18.95
C SER B 268 70.73 31.05 -19.58
N SER B 269 70.78 31.17 -20.91
CA SER B 269 72.03 31.11 -21.65
C SER B 269 71.92 31.86 -22.98
N LYS B 270 71.06 31.36 -23.86
CA LYS B 270 70.84 31.98 -25.18
C LYS B 270 69.87 33.16 -25.08
N ASP B 271 69.82 33.97 -26.15
CA ASP B 271 68.94 35.13 -26.20
C ASP B 271 67.59 34.79 -26.83
N PRO B 272 66.55 35.61 -26.57
CA PRO B 272 65.20 35.31 -27.07
C PRO B 272 65.08 35.16 -28.58
N ILE B 273 65.79 36.02 -29.33
CA ILE B 273 65.76 35.97 -30.80
C ILE B 273 66.51 34.73 -31.30
N ASP B 274 67.60 34.38 -30.62
CA ASP B 274 68.37 33.18 -30.97
C ASP B 274 67.59 31.89 -30.73
N VAL B 275 66.74 31.87 -29.71
CA VAL B 275 65.88 30.72 -29.43
C VAL B 275 64.94 30.46 -30.60
N ASN B 276 64.33 31.53 -31.11
CA ASN B 276 63.43 31.43 -32.26
C ASN B 276 64.14 31.17 -33.59
N TYR B 277 65.42 31.58 -33.67
CA TYR B 277 66.23 31.31 -34.86
C TYR B 277 66.54 29.81 -34.99
N GLU B 278 66.95 29.21 -33.88
CA GLU B 278 67.27 27.77 -33.84
C GLU B 278 66.03 26.90 -34.08
N LYS B 279 64.86 27.43 -33.73
CA LYS B 279 63.59 26.73 -33.97
C LYS B 279 63.22 26.67 -35.45
N LEU B 280 63.66 27.67 -36.23
CA LEU B 280 63.42 27.67 -37.67
C LEU B 280 64.15 26.52 -38.39
N LYS B 281 65.24 26.05 -37.80
CA LYS B 281 65.99 24.89 -38.31
C LYS B 281 66.57 25.18 -39.70
N THR B 282 67.18 26.35 -39.85
CA THR B 282 67.75 26.78 -41.13
C THR B 282 68.99 27.67 -40.89
N ASP B 283 69.89 27.68 -41.87
CA ASP B 283 71.07 28.53 -41.83
C ASP B 283 70.89 29.71 -42.78
N ILE B 284 70.53 30.87 -42.22
CA ILE B 284 70.29 32.08 -42.99
C ILE B 284 71.52 32.98 -42.96
N LYS B 285 71.88 33.53 -44.12
CA LYS B 285 73.01 34.46 -44.24
C LYS B 285 72.58 35.69 -45.03
N VAL B 286 73.26 36.81 -44.78
CA VAL B 286 72.96 38.06 -45.47
C VAL B 286 73.92 38.24 -46.64
N VAL B 287 73.38 38.22 -47.86
CA VAL B 287 74.18 38.50 -49.05
C VAL B 287 74.39 40.02 -49.12
N ASP B 288 75.64 40.43 -49.19
CA ASP B 288 75.98 41.86 -49.22
C ASP B 288 75.57 42.48 -50.55
N ARG B 289 75.23 43.76 -50.52
CA ARG B 289 74.81 44.49 -51.72
C ARG B 289 75.97 44.67 -52.70
N ASP B 290 77.20 44.71 -52.18
CA ASP B 290 78.40 44.81 -53.01
C ASP B 290 78.72 43.50 -53.74
N SER B 291 78.13 42.40 -53.31
CA SER B 291 78.36 41.09 -53.92
C SER B 291 77.93 41.06 -55.39
N GLU B 292 78.64 40.27 -56.19
CA GLU B 292 78.35 40.16 -57.62
C GLU B 292 77.10 39.33 -57.90
N GLU B 293 76.85 38.33 -57.04
CA GLU B 293 75.62 37.53 -57.14
C GLU B 293 74.38 38.31 -56.73
N ALA B 294 74.57 39.30 -55.86
CA ALA B 294 73.47 40.18 -55.42
C ALA B 294 72.96 41.05 -56.56
N GLU B 295 73.86 41.44 -57.46
CA GLU B 295 73.50 42.21 -58.65
C GLU B 295 72.62 41.41 -59.60
N ILE B 296 72.80 40.09 -59.61
CA ILE B 296 72.02 39.20 -60.49
C ILE B 296 70.57 39.14 -60.02
N ILE B 297 70.37 39.02 -58.71
CA ILE B 297 69.02 38.97 -58.13
C ILE B 297 68.28 40.30 -58.35
N ARG B 298 68.93 41.41 -58.04
CA ARG B 298 68.36 42.74 -58.28
C ARG B 298 68.03 42.97 -59.76
N LYS B 299 68.83 42.35 -60.64
CA LYS B 299 68.54 42.36 -62.07
C LYS B 299 67.32 41.48 -62.35
N TYR B 300 67.29 40.30 -61.74
CA TYR B 300 66.17 39.36 -61.89
C TYR B 300 64.86 39.95 -61.37
N VAL B 301 64.93 40.80 -60.35
CA VAL B 301 63.77 41.52 -59.84
C VAL B 301 63.35 42.63 -60.80
N LYS B 302 64.30 43.51 -61.12
CA LYS B 302 64.06 44.66 -61.99
C LYS B 302 63.59 44.26 -63.40
N ASN B 303 64.19 43.19 -63.93
CA ASN B 303 63.92 42.78 -65.32
C ASN B 303 62.56 42.10 -65.48
N THR B 304 62.27 41.14 -64.61
CA THR B 304 61.09 40.30 -64.76
C THR B 304 59.87 40.83 -63.99
N HIS B 305 59.59 42.12 -64.15
CA HIS B 305 58.35 42.72 -63.64
C HIS B 305 57.32 42.68 -64.77
N ALA B 306 56.09 42.32 -64.42
CA ALA B 306 55.04 42.12 -65.41
C ALA B 306 54.50 43.45 -65.93
N THR B 307 54.30 43.53 -67.24
CA THR B 307 53.73 44.73 -67.87
C THR B 307 52.27 44.97 -67.43
N THR B 308 51.55 43.90 -67.15
CA THR B 308 50.15 43.99 -66.72
C THR B 308 50.02 44.30 -65.23
N HIS B 309 50.96 43.83 -64.43
CA HIS B 309 50.95 44.08 -62.98
C HIS B 309 51.63 45.42 -62.67
N ASN B 310 51.02 46.51 -63.12
CA ASN B 310 51.58 47.86 -62.92
C ASN B 310 50.96 48.59 -61.73
N ALA B 311 50.27 47.85 -60.86
CA ALA B 311 49.64 48.41 -59.67
C ALA B 311 50.67 48.82 -58.61
N TYR B 312 51.82 48.13 -58.60
CA TYR B 312 52.88 48.42 -57.63
C TYR B 312 54.27 48.39 -58.26
N ASP B 313 55.26 48.83 -57.49
CA ASP B 313 56.65 48.88 -57.93
C ASP B 313 57.54 48.31 -56.84
N LEU B 314 58.36 47.32 -57.20
CA LEU B 314 59.21 46.63 -56.22
C LEU B 314 60.44 47.44 -55.84
N GLU B 315 61.06 47.04 -54.73
CA GLU B 315 62.24 47.70 -54.21
C GLU B 315 62.92 46.76 -53.21
N VAL B 316 64.00 46.13 -53.63
CA VAL B 316 64.65 45.09 -52.82
C VAL B 316 65.36 45.70 -51.62
N ILE B 317 64.83 45.43 -50.43
CA ILE B 317 65.44 45.90 -49.18
C ILE B 317 66.62 45.01 -48.82
N ASP B 318 66.41 43.70 -48.84
CA ASP B 318 67.44 42.72 -48.45
C ASP B 318 67.48 41.48 -49.35
N ILE B 319 68.64 40.83 -49.34
CA ILE B 319 68.83 39.52 -49.97
C ILE B 319 69.37 38.56 -48.90
N PHE B 320 68.65 37.46 -48.67
CA PHE B 320 69.10 36.44 -47.72
C PHE B 320 69.36 35.12 -48.44
N LYS B 321 70.57 34.57 -48.26
CA LYS B 321 70.86 33.23 -48.74
C LYS B 321 70.38 32.23 -47.69
N ILE B 322 69.49 31.33 -48.09
CA ILE B 322 68.81 30.42 -47.16
C ILE B 322 69.22 28.97 -47.41
N GLU B 323 69.43 28.24 -46.32
CA GLU B 323 69.87 26.85 -46.37
C GLU B 323 69.13 26.05 -45.31
N ARG B 324 68.15 25.25 -45.73
CA ARG B 324 67.33 24.46 -44.81
C ARG B 324 68.08 23.25 -44.25
N GLU B 325 67.58 22.72 -43.14
CA GLU B 325 68.17 21.56 -42.49
C GLU B 325 67.88 20.29 -43.29
N GLY B 326 68.91 19.76 -43.94
CA GLY B 326 68.80 18.51 -44.70
C GLY B 326 68.04 18.62 -46.01
N GLU B 327 67.90 19.84 -46.53
CA GLU B 327 67.25 20.05 -47.82
C GLU B 327 68.20 19.71 -48.98
N CYS B 328 69.51 19.76 -48.72
CA CYS B 328 70.51 19.34 -49.68
C CYS B 328 70.65 17.82 -49.71
N GLN B 329 70.36 17.19 -48.56
CA GLN B 329 70.42 15.73 -48.44
C GLN B 329 69.31 15.07 -49.27
N ARG B 330 68.13 15.68 -49.27
CA ARG B 330 66.98 15.16 -50.02
C ARG B 330 67.00 15.59 -51.50
N TYR B 331 67.70 16.67 -51.81
CA TYR B 331 67.76 17.20 -53.18
C TYR B 331 68.89 16.57 -54.02
N LYS B 332 69.86 15.95 -53.35
CA LYS B 332 70.96 15.23 -54.00
C LYS B 332 70.50 14.38 -55.21
N PRO B 333 69.43 13.57 -55.04
CA PRO B 333 68.85 12.83 -56.16
C PRO B 333 68.61 13.64 -57.44
N PHE B 334 68.11 14.87 -57.29
CA PHE B 334 67.68 15.68 -58.43
C PHE B 334 68.75 16.64 -58.97
N LYS B 335 69.95 16.61 -58.40
CA LYS B 335 71.10 17.31 -58.99
C LYS B 335 71.62 16.55 -60.21
N GLN B 336 71.26 15.27 -60.30
CA GLN B 336 71.52 14.46 -61.49
C GLN B 336 70.57 14.88 -62.62
N LEU B 337 69.37 15.30 -62.23
CA LEU B 337 68.32 15.67 -63.19
C LEU B 337 68.68 16.93 -63.96
N HIS B 338 68.38 16.92 -65.26
CA HIS B 338 68.68 18.06 -66.14
C HIS B 338 67.62 19.16 -65.99
N ASN B 339 67.83 20.26 -66.71
CA ASN B 339 66.87 21.38 -66.75
C ASN B 339 66.47 21.87 -65.35
N ARG B 340 67.44 22.46 -64.65
CA ARG B 340 67.22 23.02 -63.32
C ARG B 340 67.12 24.54 -63.42
N ARG B 341 66.07 25.11 -62.84
CA ARG B 341 65.77 26.53 -62.99
C ARG B 341 65.61 27.22 -61.64
N LEU B 342 66.15 28.44 -61.54
CA LEU B 342 66.03 29.27 -60.36
C LEU B 342 64.80 30.16 -60.53
N LEU B 343 63.73 29.83 -59.81
CA LEU B 343 62.40 30.43 -60.05
C LEU B 343 61.81 31.06 -58.79
N TRP B 344 60.92 32.04 -59.00
CA TRP B 344 60.29 32.77 -57.91
C TRP B 344 59.16 31.98 -57.27
N HIS B 345 58.92 32.22 -55.98
CA HIS B 345 57.76 31.69 -55.27
C HIS B 345 57.40 32.59 -54.09
N GLY B 346 56.26 33.27 -54.19
CA GLY B 346 55.79 34.16 -53.13
C GLY B 346 54.70 33.54 -52.28
N SER B 347 54.61 33.99 -51.04
CA SER B 347 53.56 33.54 -50.12
C SER B 347 53.42 34.54 -48.98
N ARG B 348 52.33 34.44 -48.24
CA ARG B 348 52.08 35.35 -47.13
C ARG B 348 53.21 35.33 -46.11
N THR B 349 53.51 36.50 -45.55
CA THR B 349 54.51 36.62 -44.48
C THR B 349 54.21 35.72 -43.27
N THR B 350 52.93 35.39 -43.10
CA THR B 350 52.49 34.48 -42.03
C THR B 350 52.97 33.04 -42.26
N ASN B 351 53.01 32.64 -43.54
CA ASN B 351 53.40 31.28 -43.91
C ASN B 351 54.89 30.99 -43.78
N PHE B 352 55.72 32.04 -43.91
CA PHE B 352 57.19 31.89 -43.90
C PHE B 352 57.74 31.34 -42.58
N ALA B 353 56.97 31.44 -41.50
CA ALA B 353 57.33 30.79 -40.25
C ALA B 353 57.35 29.27 -40.41
N GLY B 354 56.38 28.75 -41.16
CA GLY B 354 56.28 27.31 -41.42
C GLY B 354 57.07 26.85 -42.63
N ILE B 355 57.22 27.71 -43.64
CA ILE B 355 57.94 27.37 -44.86
C ILE B 355 59.43 27.13 -44.59
N LEU B 356 60.00 27.88 -43.66
CA LEU B 356 61.40 27.68 -43.25
C LEU B 356 61.59 26.37 -42.48
N SER B 357 60.66 26.07 -41.58
CA SER B 357 60.78 24.90 -40.69
C SER B 357 60.48 23.57 -41.39
N GLN B 358 59.54 23.56 -42.32
CA GLN B 358 59.12 22.33 -42.99
C GLN B 358 59.38 22.31 -44.50
N GLY B 359 59.95 23.39 -45.05
CA GLY B 359 60.13 23.51 -46.50
C GLY B 359 58.82 23.82 -47.19
N LEU B 360 58.84 23.83 -48.52
CA LEU B 360 57.61 24.03 -49.29
C LEU B 360 56.82 22.73 -49.36
N ARG B 361 55.54 22.80 -49.01
CA ARG B 361 54.69 21.62 -48.87
C ARG B 361 53.55 21.65 -49.88
N ILE B 362 53.10 20.47 -50.30
CA ILE B 362 51.96 20.33 -51.20
C ILE B 362 50.69 20.36 -50.35
N ALA B 363 49.59 20.80 -50.94
CA ALA B 363 48.29 20.81 -50.26
C ALA B 363 47.90 19.40 -49.82
N PRO B 364 47.16 19.29 -48.70
CA PRO B 364 46.73 17.98 -48.22
C PRO B 364 45.71 17.32 -49.16
N PRO B 365 45.53 16.00 -49.07
CA PRO B 365 44.63 15.26 -49.97
C PRO B 365 43.15 15.56 -49.71
N GLU B 366 42.82 16.01 -48.51
CA GLU B 366 41.44 16.35 -48.14
C GLU B 366 41.01 17.69 -48.74
N ALA B 367 41.97 18.59 -48.92
CA ALA B 367 41.70 19.96 -49.40
C ALA B 367 41.12 19.97 -50.81
N PRO B 368 40.40 21.05 -51.16
CA PRO B 368 39.82 21.17 -52.50
C PRO B 368 40.87 21.53 -53.55
N VAL B 369 40.61 21.17 -54.80
CA VAL B 369 41.52 21.46 -55.91
C VAL B 369 41.23 22.82 -56.53
N THR B 370 40.24 23.54 -56.01
CA THR B 370 39.85 24.85 -56.52
C THR B 370 40.95 25.89 -56.27
N GLY B 371 41.18 26.76 -57.24
CA GLY B 371 42.24 27.76 -57.16
C GLY B 371 43.48 27.33 -57.92
N TYR B 372 43.83 26.04 -57.79
CA TYR B 372 44.96 25.47 -58.51
C TYR B 372 44.62 25.36 -60.00
N MET B 373 45.64 25.58 -60.84
CA MET B 373 45.47 25.49 -62.29
C MET B 373 45.68 24.05 -62.75
N PHE B 374 46.72 23.40 -62.21
CA PHE B 374 47.08 22.04 -62.61
C PHE B 374 47.21 21.09 -61.41
N GLY B 375 46.27 21.19 -60.47
CA GLY B 375 46.22 20.30 -59.31
C GLY B 375 47.17 20.70 -58.20
N LYS B 376 47.17 19.91 -57.11
CA LYS B 376 47.94 20.23 -55.91
C LYS B 376 49.42 19.96 -56.11
N GLY B 377 50.25 20.93 -55.75
CA GLY B 377 51.70 20.84 -55.91
C GLY B 377 52.35 22.18 -55.59
N ILE B 378 53.68 22.26 -55.69
CA ILE B 378 54.39 23.51 -55.46
C ILE B 378 54.43 24.29 -56.77
N TYR B 379 53.92 25.52 -56.75
CA TYR B 379 53.89 26.37 -57.95
C TYR B 379 55.02 27.38 -57.94
N PHE B 380 55.58 27.64 -59.11
CA PHE B 380 56.67 28.60 -59.29
C PHE B 380 56.42 29.46 -60.53
N ALA B 381 57.07 30.62 -60.58
CA ALA B 381 57.00 31.50 -61.74
C ALA B 381 58.37 32.08 -62.06
N ASP B 382 58.58 32.41 -63.33
CA ASP B 382 59.83 33.02 -63.78
C ASP B 382 59.86 34.54 -63.59
N MET B 383 58.70 35.13 -63.29
CA MET B 383 58.59 36.56 -63.08
C MET B 383 58.39 36.87 -61.60
N VAL B 384 59.13 37.85 -61.08
CA VAL B 384 59.07 38.22 -59.67
C VAL B 384 57.70 38.81 -59.30
N SER B 385 57.09 39.54 -60.24
CA SER B 385 55.82 40.21 -59.99
C SER B 385 54.67 39.23 -59.77
N LYS B 386 54.55 38.25 -60.66
CA LYS B 386 53.49 37.24 -60.56
C LYS B 386 53.54 36.52 -59.21
N SER B 387 54.76 36.16 -58.78
CA SER B 387 54.97 35.55 -57.48
C SER B 387 54.73 36.54 -56.34
N ALA B 388 55.12 37.79 -56.54
CA ALA B 388 55.01 38.84 -55.51
C ALA B 388 53.57 39.16 -55.09
N ASN B 389 52.60 38.86 -55.95
CA ASN B 389 51.18 39.06 -55.62
C ASN B 389 50.71 38.16 -54.48
N TYR B 390 51.37 37.02 -54.28
CA TYR B 390 51.01 36.07 -53.23
C TYR B 390 51.56 36.46 -51.85
N CYS B 391 52.38 37.50 -51.80
CA CYS B 391 52.84 38.08 -50.53
C CYS B 391 51.69 38.76 -49.80
N HIS B 392 50.69 39.24 -50.54
CA HIS B 392 49.53 39.94 -49.99
C HIS B 392 49.96 41.16 -49.18
N THR B 393 50.46 42.17 -49.87
CA THR B 393 50.86 43.44 -49.26
C THR B 393 49.87 44.55 -49.64
N SER B 394 49.84 45.59 -48.82
CA SER B 394 48.96 46.74 -49.03
C SER B 394 49.73 48.04 -48.80
N GLN B 395 49.02 49.16 -48.88
CA GLN B 395 49.63 50.47 -48.64
C GLN B 395 49.95 50.68 -47.16
N GLY B 396 49.20 50.00 -46.28
CA GLY B 396 49.45 50.02 -44.84
C GLY B 396 50.53 49.05 -44.41
N ASP B 397 50.59 47.89 -45.07
CA ASP B 397 51.60 46.88 -44.80
C ASP B 397 52.50 46.71 -46.03
N PRO B 398 53.59 47.50 -46.10
CA PRO B 398 54.40 47.57 -47.32
C PRO B 398 55.35 46.38 -47.53
N ILE B 399 56.06 45.96 -46.48
CA ILE B 399 57.07 44.91 -46.60
C ILE B 399 56.46 43.53 -46.89
N GLY B 400 57.21 42.71 -47.63
CA GLY B 400 56.76 41.37 -48.01
C GLY B 400 57.91 40.46 -48.42
N LEU B 401 57.73 39.16 -48.23
CA LEU B 401 58.78 38.17 -48.50
C LEU B 401 58.47 37.31 -49.72
N ILE B 402 59.50 37.05 -50.51
CA ILE B 402 59.38 36.20 -51.71
C ILE B 402 60.60 35.27 -51.78
N LEU B 403 60.40 34.07 -52.32
CA LEU B 403 61.47 33.06 -52.36
C LEU B 403 62.07 32.87 -53.75
N LEU B 404 63.27 32.29 -53.76
CA LEU B 404 63.93 31.86 -54.98
C LEU B 404 64.50 30.46 -54.75
N GLY B 405 63.94 29.47 -55.43
CA GLY B 405 64.33 28.07 -55.22
C GLY B 405 64.85 27.39 -56.46
N GLU B 406 65.94 26.65 -56.30
CA GLU B 406 66.46 25.79 -57.36
C GLU B 406 65.53 24.58 -57.51
N VAL B 407 64.54 24.72 -58.38
CA VAL B 407 63.54 23.67 -58.57
C VAL B 407 63.89 22.82 -59.80
N ALA B 408 64.15 21.54 -59.55
CA ALA B 408 64.53 20.61 -60.61
C ALA B 408 63.30 20.24 -61.45
N LEU B 409 63.15 20.91 -62.58
CA LEU B 409 62.00 20.70 -63.46
C LEU B 409 62.17 19.40 -64.25
N GLY B 410 63.31 19.27 -64.92
CA GLY B 410 63.62 18.06 -65.69
C GLY B 410 62.85 18.01 -66.99
N ASN B 411 62.47 16.80 -67.40
CA ASN B 411 61.62 16.61 -68.58
C ASN B 411 60.22 17.14 -68.30
N MET B 412 59.85 18.23 -68.97
CA MET B 412 58.65 19.00 -68.63
C MET B 412 57.43 18.54 -69.41
N TYR B 413 56.27 18.56 -68.75
CA TYR B 413 54.99 18.31 -69.40
C TYR B 413 54.30 19.65 -69.66
N GLU B 414 54.30 20.09 -70.92
CA GLU B 414 53.84 21.42 -71.29
C GLU B 414 52.33 21.45 -71.54
N LEU B 415 51.64 22.38 -70.87
CA LEU B 415 50.19 22.53 -70.99
C LEU B 415 49.83 23.97 -71.34
N LYS B 416 48.76 24.13 -72.11
CA LYS B 416 48.28 25.45 -72.53
C LYS B 416 47.09 25.88 -71.68
N HIS B 417 46.04 25.05 -71.66
CA HIS B 417 44.83 25.32 -70.90
C HIS B 417 44.87 24.65 -69.53
N ALA B 418 44.00 25.12 -68.63
CA ALA B 418 43.93 24.58 -67.27
C ALA B 418 43.39 23.15 -67.29
N SER B 419 44.05 22.26 -66.54
CA SER B 419 43.69 20.85 -66.50
C SER B 419 44.13 20.21 -65.18
N HIS B 420 43.16 19.81 -64.36
CA HIS B 420 43.44 19.21 -63.06
C HIS B 420 43.97 17.78 -63.24
N ILE B 421 45.28 17.61 -63.08
CA ILE B 421 45.93 16.31 -63.27
C ILE B 421 46.10 15.57 -61.95
N SER B 422 45.99 14.24 -62.00
CA SER B 422 46.18 13.39 -60.83
C SER B 422 47.56 12.73 -60.91
N LYS B 423 47.81 12.04 -62.02
CA LYS B 423 49.08 11.37 -62.27
C LYS B 423 49.76 11.99 -63.47
N LEU B 424 51.09 12.09 -63.42
CA LEU B 424 51.87 12.69 -64.49
C LEU B 424 52.03 11.68 -65.63
N PRO B 425 52.22 12.16 -66.87
CA PRO B 425 52.57 11.24 -67.96
C PRO B 425 53.94 10.60 -67.74
N LYS B 426 54.21 9.50 -68.43
CA LYS B 426 55.45 8.74 -68.24
C LYS B 426 56.67 9.57 -68.60
N GLY B 427 57.71 9.48 -67.76
CA GLY B 427 58.98 10.17 -68.00
C GLY B 427 58.97 11.66 -67.71
N LYS B 428 57.85 12.18 -67.21
CA LYS B 428 57.72 13.61 -66.91
C LYS B 428 57.87 13.84 -65.40
N HIS B 429 58.77 14.75 -65.04
CA HIS B 429 59.06 15.04 -63.64
C HIS B 429 58.45 16.37 -63.18
N SER B 430 57.81 17.09 -64.10
CA SER B 430 57.20 18.38 -63.79
C SER B 430 56.19 18.79 -64.85
N VAL B 431 55.46 19.88 -64.59
CA VAL B 431 54.48 20.43 -65.52
C VAL B 431 54.78 21.92 -65.74
N LYS B 432 54.51 22.40 -66.96
CA LYS B 432 54.71 23.80 -67.30
C LYS B 432 53.45 24.41 -67.88
N GLY B 433 53.02 25.54 -67.33
CA GLY B 433 51.93 26.32 -67.89
C GLY B 433 52.50 27.34 -68.86
N LEU B 434 52.25 27.14 -70.16
CA LEU B 434 52.79 28.01 -71.20
C LEU B 434 52.03 29.33 -71.27
N GLY B 435 52.76 30.44 -71.13
CA GLY B 435 52.16 31.77 -71.15
C GLY B 435 52.46 32.55 -72.41
N LYS B 436 51.82 33.70 -72.56
CA LYS B 436 52.03 34.59 -73.69
C LYS B 436 53.43 35.20 -73.62
N THR B 437 53.73 35.85 -72.50
CA THR B 437 55.02 36.49 -72.27
C THR B 437 55.98 35.51 -71.59
N THR B 438 57.24 35.53 -72.04
CA THR B 438 58.29 34.71 -71.45
C THR B 438 59.60 35.51 -71.40
N PRO B 439 60.40 35.33 -70.33
CA PRO B 439 61.69 36.01 -70.28
C PRO B 439 62.62 35.51 -71.38
N ASP B 440 63.34 36.44 -72.02
CA ASP B 440 64.15 36.15 -73.19
C ASP B 440 65.05 34.93 -73.00
N PRO B 441 64.78 33.84 -73.75
CA PRO B 441 65.60 32.61 -73.61
C PRO B 441 67.03 32.75 -74.15
N SER B 442 67.26 33.75 -75.01
CA SER B 442 68.61 34.04 -75.51
C SER B 442 69.42 34.93 -74.56
N ALA B 443 68.85 35.25 -73.39
CA ALA B 443 69.54 36.01 -72.37
C ALA B 443 69.43 35.33 -71.00
N ASN B 444 69.48 33.99 -71.01
CA ASN B 444 69.36 33.18 -69.79
C ASN B 444 70.72 32.99 -69.13
N ILE B 445 70.98 33.78 -68.09
CA ILE B 445 72.24 33.72 -67.33
C ILE B 445 72.25 32.51 -66.41
N SER B 446 73.42 31.92 -66.21
CA SER B 446 73.60 30.78 -65.32
C SER B 446 74.02 31.23 -63.92
N LEU B 447 73.85 30.34 -62.94
CA LEU B 447 74.18 30.66 -61.55
C LEU B 447 74.40 29.37 -60.75
N ASP B 448 75.66 29.06 -60.46
CA ASP B 448 76.04 27.85 -59.71
C ASP B 448 75.47 26.56 -60.34
N GLY B 449 75.48 26.52 -61.67
CA GLY B 449 74.89 25.39 -62.41
C GLY B 449 73.37 25.38 -62.37
N VAL B 450 72.78 26.58 -62.35
CA VAL B 450 71.32 26.73 -62.35
C VAL B 450 70.95 27.83 -63.34
N ASP B 451 69.99 27.55 -64.22
CA ASP B 451 69.59 28.48 -65.27
C ASP B 451 68.65 29.56 -64.71
N VAL B 452 69.11 30.81 -64.73
CA VAL B 452 68.33 31.94 -64.24
C VAL B 452 67.78 32.73 -65.44
N PRO B 453 66.46 32.62 -65.70
CA PRO B 453 65.87 33.33 -66.83
C PRO B 453 65.49 34.76 -66.47
N LEU B 454 66.49 35.65 -66.42
CA LEU B 454 66.27 37.04 -66.01
C LEU B 454 66.18 38.02 -67.19
N GLY B 455 65.84 37.51 -68.37
CA GLY B 455 65.60 38.35 -69.54
C GLY B 455 64.24 39.02 -69.46
N THR B 456 64.08 40.11 -70.21
CA THR B 456 62.81 40.83 -70.26
C THR B 456 61.80 40.09 -71.14
N GLY B 457 60.53 40.48 -71.03
CA GLY B 457 59.44 39.76 -71.68
C GLY B 457 59.37 39.90 -73.19
N ILE B 458 59.27 38.77 -73.88
CA ILE B 458 58.98 38.72 -75.32
C ILE B 458 57.90 37.68 -75.58
N SER B 459 57.39 37.65 -76.81
CA SER B 459 56.31 36.74 -77.19
C SER B 459 56.77 35.28 -77.19
N SER B 460 55.86 34.38 -76.80
CA SER B 460 56.16 32.95 -76.72
C SER B 460 56.00 32.28 -78.08
N GLY B 461 56.34 30.99 -78.15
CA GLY B 461 56.25 30.21 -79.38
C GLY B 461 54.82 29.94 -79.83
N VAL B 462 53.92 29.74 -78.88
CA VAL B 462 52.51 29.43 -79.17
C VAL B 462 51.58 30.36 -78.40
N ASN B 463 50.51 30.80 -79.06
CA ASN B 463 49.57 31.78 -78.49
C ASN B 463 48.13 31.26 -78.35
N ASP B 464 47.98 29.94 -78.34
CA ASP B 464 46.67 29.30 -78.16
C ASP B 464 46.47 28.84 -76.72
N THR B 465 46.90 29.67 -75.78
CA THR B 465 46.88 29.33 -74.35
C THR B 465 45.95 30.26 -73.57
N SER B 466 45.54 29.81 -72.38
CA SER B 466 44.72 30.62 -71.48
C SER B 466 45.55 31.13 -70.28
N LEU B 467 46.86 31.27 -70.49
CA LEU B 467 47.78 31.82 -69.50
C LEU B 467 48.53 33.00 -70.10
N LEU B 468 48.72 34.06 -69.31
CA LEU B 468 49.47 35.23 -69.75
C LEU B 468 50.96 35.09 -69.43
N TYR B 469 51.27 34.41 -68.33
CA TYR B 469 52.67 34.19 -67.92
C TYR B 469 52.89 32.75 -67.48
N ASN B 470 54.16 32.36 -67.40
CA ASN B 470 54.52 30.96 -67.16
C ASN B 470 54.29 30.50 -65.72
N GLU B 471 53.95 29.22 -65.58
CA GLU B 471 53.84 28.56 -64.27
C GLU B 471 54.67 27.28 -64.29
N TYR B 472 55.42 27.03 -63.22
CA TYR B 472 56.24 25.84 -63.09
C TYR B 472 55.78 25.04 -61.88
N ILE B 473 55.39 23.79 -62.11
CA ILE B 473 54.75 22.98 -61.08
C ILE B 473 55.53 21.69 -60.83
N VAL B 474 55.79 21.40 -59.56
CA VAL B 474 56.43 20.15 -59.14
C VAL B 474 55.51 19.43 -58.16
N TYR B 475 55.40 18.10 -58.33
CA TYR B 475 54.48 17.29 -57.53
C TYR B 475 55.27 16.39 -56.58
N ASP B 476 56.29 16.96 -55.96
CA ASP B 476 57.14 16.27 -55.01
C ASP B 476 57.96 17.32 -54.26
N ILE B 477 57.86 17.32 -52.93
CA ILE B 477 58.56 18.31 -52.10
C ILE B 477 60.08 18.19 -52.16
N ALA B 478 60.58 17.06 -52.67
CA ALA B 478 62.01 16.84 -52.79
C ALA B 478 62.65 17.56 -53.99
N GLN B 479 61.84 17.86 -55.02
CA GLN B 479 62.35 18.51 -56.22
C GLN B 479 62.75 19.98 -56.01
N VAL B 480 62.20 20.61 -54.97
CA VAL B 480 62.54 22.01 -54.64
C VAL B 480 63.74 22.09 -53.69
N ASN B 481 64.55 23.12 -53.90
CA ASN B 481 65.66 23.45 -53.01
C ASN B 481 65.79 24.96 -52.90
N LEU B 482 65.34 25.52 -51.77
CA LEU B 482 65.30 26.97 -51.59
C LEU B 482 66.70 27.56 -51.49
N LYS B 483 66.97 28.57 -52.32
CA LYS B 483 68.29 29.20 -52.40
C LYS B 483 68.31 30.57 -51.72
N TYR B 484 67.43 31.47 -52.15
CA TYR B 484 67.41 32.84 -51.65
C TYR B 484 66.04 33.26 -51.12
N LEU B 485 66.04 34.05 -50.05
CA LEU B 485 64.85 34.68 -49.51
C LEU B 485 65.03 36.20 -49.63
N LEU B 486 64.08 36.87 -50.27
CA LEU B 486 64.15 38.31 -50.46
C LEU B 486 63.15 39.05 -49.59
N LYS B 487 63.43 40.33 -49.32
CA LYS B 487 62.52 41.21 -48.58
C LYS B 487 62.25 42.44 -49.43
N LEU B 488 60.98 42.63 -49.81
CA LEU B 488 60.61 43.60 -50.84
C LEU B 488 59.63 44.65 -50.31
N LYS B 489 59.93 45.92 -50.58
CA LYS B 489 59.01 47.02 -50.32
C LYS B 489 58.19 47.28 -51.58
N PHE B 490 56.89 47.48 -51.42
CA PHE B 490 55.98 47.74 -52.52
C PHE B 490 55.61 49.23 -52.56
N ASN B 491 55.71 49.84 -53.74
CA ASN B 491 55.35 51.25 -53.92
C ASN B 491 54.13 51.38 -54.84
N PHE B 492 52.99 51.72 -54.24
CA PHE B 492 51.73 51.84 -54.97
C PHE B 492 51.50 53.30 -55.37
N LYS B 493 50.36 53.58 -55.97
CA LYS B 493 49.95 54.96 -56.28
C LYS B 493 48.50 55.19 -55.85
N THR B 494 48.32 55.79 -54.68
CA THR B 494 47.00 56.13 -54.15
C THR B 494 47.04 57.45 -53.40
N ASP C 6 -21.41 -11.52 50.29
CA ASP C 6 -21.41 -12.35 51.54
C ASP C 6 -21.90 -11.52 52.74
N LYS C 7 -21.31 -10.35 52.92
CA LYS C 7 -21.67 -9.46 54.03
C LYS C 7 -22.90 -8.64 53.69
N LEU C 8 -23.54 -8.08 54.72
CA LEU C 8 -24.70 -7.20 54.53
C LEU C 8 -24.27 -5.81 54.10
N TYR C 9 -23.24 -5.27 54.76
CA TYR C 9 -22.78 -3.91 54.51
C TYR C 9 -21.47 -3.89 53.73
N ARG C 10 -21.09 -2.69 53.25
CA ARG C 10 -19.91 -2.52 52.42
CA ARG C 10 -19.92 -2.51 52.40
C ARG C 10 -19.42 -1.08 52.49
N VAL C 11 -18.10 -0.90 52.66
CA VAL C 11 -17.50 0.43 52.74
C VAL C 11 -16.28 0.52 51.80
N GLU C 12 -16.15 1.65 51.12
CA GLU C 12 -15.03 1.90 50.21
C GLU C 12 -14.94 3.37 49.84
N TYR C 13 -13.87 3.73 49.12
CA TYR C 13 -13.74 5.06 48.54
C TYR C 13 -14.41 5.05 47.18
N ALA C 14 -15.26 6.04 46.92
CA ALA C 14 -16.08 6.07 45.71
C ALA C 14 -15.25 5.80 44.46
N LYS C 15 -15.55 4.68 43.79
CA LYS C 15 -14.87 4.32 42.55
C LYS C 15 -15.22 5.27 41.40
N SER C 16 -16.33 5.99 41.54
CA SER C 16 -16.67 7.08 40.62
C SER C 16 -17.64 8.06 41.29
N GLY C 17 -17.55 9.33 40.91
CA GLY C 17 -18.44 10.36 41.43
C GLY C 17 -19.73 10.42 40.65
N ARG C 18 -20.40 9.28 40.55
CA ARG C 18 -21.55 9.09 39.65
C ARG C 18 -22.78 8.63 40.41
N ALA C 19 -22.60 7.59 41.24
CA ALA C 19 -23.70 7.01 42.01
C ALA C 19 -24.29 8.00 43.00
N SER C 20 -25.61 7.97 43.15
CA SER C 20 -26.32 8.85 44.08
C SER C 20 -26.52 8.18 45.43
N CYS C 21 -26.93 8.98 46.41
CA CYS C 21 -27.10 8.54 47.79
C CYS C 21 -28.57 8.26 48.09
N LYS C 22 -28.86 7.11 48.69
CA LYS C 22 -30.23 6.63 48.83
C LYS C 22 -31.11 7.52 49.70
N LYS C 23 -30.53 8.13 50.73
CA LYS C 23 -31.29 8.98 51.65
C LYS C 23 -31.55 10.37 51.08
N CYS C 24 -30.48 11.10 50.77
CA CYS C 24 -30.58 12.50 50.36
C CYS C 24 -30.68 12.69 48.84
N SER C 25 -30.23 11.69 48.07
CA SER C 25 -30.35 11.68 46.61
C SER C 25 -29.48 12.73 45.90
N GLU C 26 -28.22 12.83 46.34
CA GLU C 26 -27.23 13.66 45.65
C GLU C 26 -26.03 12.79 45.28
N SER C 27 -25.25 13.26 44.30
CA SER C 27 -24.13 12.49 43.78
C SER C 27 -22.99 12.36 44.80
N ILE C 28 -22.68 11.11 45.17
CA ILE C 28 -21.56 10.83 46.06
C ILE C 28 -20.26 11.03 45.29
N PRO C 29 -19.45 12.04 45.68
CA PRO C 29 -18.26 12.42 44.90
C PRO C 29 -17.17 11.34 44.91
N LYS C 30 -16.30 11.38 43.90
CA LYS C 30 -15.27 10.35 43.70
C LYS C 30 -14.22 10.37 44.82
N ASP C 31 -13.67 9.20 45.11
CA ASP C 31 -12.64 9.01 46.15
C ASP C 31 -13.08 9.49 47.55
N SER C 32 -14.39 9.48 47.79
CA SER C 32 -14.92 9.87 49.09
C SER C 32 -15.40 8.63 49.84
N LEU C 33 -15.23 8.64 51.16
CA LEU C 33 -15.68 7.54 52.00
C LEU C 33 -17.20 7.42 51.93
N ARG C 34 -17.68 6.25 51.51
CA ARG C 34 -19.10 5.98 51.39
C ARG C 34 -19.42 4.58 51.92
N MET C 35 -20.62 4.40 52.45
CA MET C 35 -21.07 3.11 52.96
C MET C 35 -22.30 2.62 52.22
N ALA C 36 -22.47 1.29 52.17
CA ALA C 36 -23.56 0.66 51.44
C ALA C 36 -24.28 -0.38 52.29
N ILE C 37 -25.49 -0.73 51.86
CA ILE C 37 -26.24 -1.85 52.40
C ILE C 37 -26.73 -2.69 51.22
N MET C 38 -26.38 -3.97 51.22
CA MET C 38 -26.62 -4.85 50.07
C MET C 38 -28.05 -5.37 50.10
N VAL C 39 -28.80 -5.11 49.03
CA VAL C 39 -30.19 -5.56 48.90
C VAL C 39 -30.37 -6.43 47.67
N GLN C 40 -31.51 -7.11 47.60
CA GLN C 40 -31.85 -7.94 46.45
C GLN C 40 -32.40 -7.04 45.33
N SER C 41 -31.81 -7.12 44.15
CA SER C 41 -32.26 -6.32 43.01
C SER C 41 -33.56 -6.88 42.43
N PRO C 42 -34.59 -6.03 42.27
CA PRO C 42 -35.82 -6.48 41.61
C PRO C 42 -35.64 -6.87 40.14
N MET C 43 -34.63 -6.31 39.49
CA MET C 43 -34.46 -6.44 38.04
C MET C 43 -33.71 -7.71 37.62
N PHE C 44 -32.87 -8.25 38.50
CA PHE C 44 -32.10 -9.45 38.18
C PHE C 44 -31.71 -10.23 39.44
N ASP C 45 -31.33 -11.49 39.24
CA ASP C 45 -30.94 -12.37 40.35
C ASP C 45 -29.54 -12.03 40.83
N GLY C 46 -29.46 -11.07 41.76
CA GLY C 46 -28.18 -10.67 42.33
C GLY C 46 -28.30 -9.55 43.35
N LYS C 47 -27.37 -9.50 44.30
CA LYS C 47 -27.33 -8.44 45.30
C LYS C 47 -26.82 -7.14 44.68
N VAL C 48 -27.33 -6.02 45.19
CA VAL C 48 -26.95 -4.70 44.69
C VAL C 48 -26.70 -3.75 45.87
N PRO C 49 -25.64 -2.93 45.80
CA PRO C 49 -25.35 -2.00 46.89
C PRO C 49 -26.22 -0.74 46.87
N HIS C 50 -26.83 -0.42 48.01
CA HIS C 50 -27.52 0.86 48.20
C HIS C 50 -26.55 1.85 48.82
N TRP C 51 -25.91 2.66 47.97
CA TRP C 51 -24.86 3.58 48.42
C TRP C 51 -25.44 4.76 49.20
N TYR C 52 -24.78 5.08 50.32
CA TYR C 52 -25.11 6.24 51.14
C TYR C 52 -23.86 7.12 51.25
N HIS C 53 -24.08 8.42 51.45
CA HIS C 53 -23.01 9.30 51.94
C HIS C 53 -22.65 8.81 53.34
N PHE C 54 -21.37 8.80 53.67
CA PHE C 54 -20.93 8.36 54.99
C PHE C 54 -21.64 9.12 56.10
N SER C 55 -21.90 10.40 55.87
CA SER C 55 -22.66 11.23 56.82
C SER C 55 -24.12 10.77 56.93
N CYS C 56 -24.74 10.46 55.80
CA CYS C 56 -26.15 10.06 55.76
C CYS C 56 -26.41 8.63 56.25
N PHE C 57 -25.38 7.79 56.24
CA PHE C 57 -25.54 6.36 56.56
C PHE C 57 -26.06 6.10 57.97
N TRP C 58 -25.71 6.97 58.92
CA TRP C 58 -26.02 6.73 60.34
C TRP C 58 -27.33 7.36 60.80
N LYS C 59 -28.09 7.96 59.87
CA LYS C 59 -29.40 8.53 60.19
C LYS C 59 -30.57 7.66 59.74
N VAL C 60 -30.31 6.65 58.90
CA VAL C 60 -31.35 5.73 58.46
C VAL C 60 -31.80 4.76 59.56
N GLY C 61 -30.96 4.59 60.58
CA GLY C 61 -31.29 3.76 61.74
C GLY C 61 -30.48 2.48 61.87
N HIS C 62 -29.53 2.26 60.96
CA HIS C 62 -28.68 1.08 61.00
C HIS C 62 -27.60 1.24 62.07
N SER C 63 -27.37 0.20 62.86
CA SER C 63 -26.39 0.22 63.94
C SER C 63 -25.47 -0.99 63.86
N ILE C 64 -24.34 -0.82 63.19
CA ILE C 64 -23.32 -1.86 63.09
C ILE C 64 -22.53 -1.90 64.40
N ARG C 65 -22.65 -3.00 65.13
CA ARG C 65 -22.01 -3.14 66.43
C ARG C 65 -20.48 -3.18 66.32
N HIS C 66 -19.98 -4.04 65.42
CA HIS C 66 -18.55 -4.18 65.18
C HIS C 66 -18.28 -4.12 63.67
N PRO C 67 -17.87 -2.94 63.17
CA PRO C 67 -17.62 -2.73 61.74
C PRO C 67 -16.64 -3.70 61.09
N ASP C 68 -15.53 -3.98 61.77
CA ASP C 68 -14.46 -4.83 61.22
C ASP C 68 -14.93 -6.25 60.85
N VAL C 69 -15.91 -6.77 61.58
CA VAL C 69 -16.43 -8.12 61.32
C VAL C 69 -17.73 -8.11 60.49
N GLU C 70 -18.44 -6.99 60.48
CA GLU C 70 -19.73 -6.88 59.79
C GLU C 70 -19.63 -6.20 58.42
N VAL C 71 -18.89 -5.10 58.35
CA VAL C 71 -18.76 -4.33 57.11
C VAL C 71 -17.65 -4.89 56.23
N ASP C 72 -17.92 -5.00 54.93
CA ASP C 72 -16.94 -5.48 53.96
C ASP C 72 -16.06 -4.32 53.48
N GLY C 73 -14.80 -4.62 53.20
CA GLY C 73 -13.85 -3.62 52.71
C GLY C 73 -13.26 -2.74 53.81
N PHE C 74 -13.44 -3.14 55.06
CA PHE C 74 -12.96 -2.36 56.20
C PHE C 74 -11.44 -2.38 56.31
N SER C 75 -10.84 -3.56 56.13
CA SER C 75 -9.40 -3.73 56.22
C SER C 75 -8.66 -3.02 55.08
N GLU C 76 -9.31 -2.91 53.92
CA GLU C 76 -8.71 -2.25 52.75
C GLU C 76 -8.62 -0.73 52.90
N LEU C 77 -9.45 -0.15 53.78
CA LEU C 77 -9.44 1.30 54.02
C LEU C 77 -8.11 1.79 54.60
N ARG C 78 -7.93 3.10 54.57
CA ARG C 78 -6.75 3.74 55.19
C ARG C 78 -6.94 3.71 56.71
N TRP C 79 -5.84 3.58 57.45
CA TRP C 79 -5.89 3.33 58.90
C TRP C 79 -6.70 4.38 59.65
N ASP C 80 -6.45 5.65 59.37
CA ASP C 80 -7.16 6.76 60.02
C ASP C 80 -8.66 6.77 59.68
N ASP C 81 -9.00 6.35 58.47
CA ASP C 81 -10.40 6.24 58.04
C ASP C 81 -11.12 5.06 58.70
N GLN C 82 -10.38 4.00 59.00
CA GLN C 82 -10.94 2.86 59.73
C GLN C 82 -11.40 3.27 61.13
N GLN C 83 -10.59 4.09 61.80
CA GLN C 83 -10.91 4.59 63.14
C GLN C 83 -12.13 5.50 63.15
N LYS C 84 -12.33 6.25 62.06
CA LYS C 84 -13.52 7.09 61.93
C LYS C 84 -14.79 6.25 61.87
N VAL C 85 -14.74 5.14 61.15
CA VAL C 85 -15.86 4.20 61.07
C VAL C 85 -16.08 3.53 62.43
N LYS C 86 -14.99 3.14 63.07
CA LYS C 86 -15.04 2.42 64.35
C LYS C 86 -15.63 3.27 65.48
N LYS C 87 -15.25 4.55 65.53
CA LYS C 87 -15.79 5.49 66.51
C LYS C 87 -17.23 5.89 66.20
N THR C 88 -17.49 6.20 64.93
CA THR C 88 -18.83 6.61 64.50
C THR C 88 -19.84 5.46 64.56
N ALA C 89 -19.36 4.22 64.55
CA ALA C 89 -20.21 3.05 64.73
C ALA C 89 -20.90 3.07 66.11
N GLU C 90 -20.16 3.49 67.13
CA GLU C 90 -20.69 3.60 68.49
C GLU C 90 -21.55 4.85 68.67
N ALA C 91 -21.23 5.90 67.92
CA ALA C 91 -21.99 7.15 67.99
C ALA C 91 -21.81 7.98 66.71
N SER C 117 -1.20 -10.97 81.66
CA SER C 117 -1.73 -9.68 81.15
C SER C 117 -0.63 -8.71 80.67
N LYS C 118 0.60 -8.89 81.14
CA LYS C 118 1.72 -8.04 80.74
C LYS C 118 2.20 -8.41 79.34
N LYS C 119 2.55 -9.69 79.15
CA LYS C 119 2.94 -10.18 77.83
C LYS C 119 1.75 -10.25 76.88
N GLU C 120 0.56 -10.51 77.44
CA GLU C 120 -0.66 -10.59 76.64
C GLU C 120 -0.99 -9.23 76.01
N LYS C 121 -1.01 -8.19 76.84
CA LYS C 121 -1.33 -6.84 76.38
C LYS C 121 -0.20 -6.21 75.55
N ASP C 122 1.04 -6.64 75.79
CA ASP C 122 2.19 -6.11 75.05
C ASP C 122 2.17 -6.60 73.60
N LYS C 123 2.04 -7.92 73.41
CA LYS C 123 1.97 -8.49 72.06
C LYS C 123 0.70 -8.02 71.34
N ASP C 124 -0.37 -7.83 72.12
CA ASP C 124 -1.63 -7.30 71.60
C ASP C 124 -1.47 -5.85 71.11
N SER C 125 -0.83 -5.02 71.93
CA SER C 125 -0.62 -3.61 71.59
C SER C 125 0.45 -3.43 70.52
N LYS C 126 1.51 -4.23 70.58
CA LYS C 126 2.62 -4.12 69.63
C LYS C 126 2.25 -4.67 68.25
N LEU C 127 1.27 -5.56 68.19
CA LEU C 127 0.76 -6.07 66.91
C LEU C 127 -0.05 -4.99 66.19
N GLU C 128 -0.91 -4.29 66.93
CA GLU C 128 -1.69 -3.18 66.38
C GLU C 128 -0.79 -2.05 65.88
N LYS C 129 0.40 -1.93 66.47
CA LYS C 129 1.42 -1.01 65.98
C LYS C 129 1.95 -1.48 64.62
N ALA C 130 2.22 -2.79 64.51
CA ALA C 130 2.69 -3.38 63.26
C ALA C 130 1.59 -3.51 62.21
N LEU C 131 0.33 -3.51 62.64
CA LEU C 131 -0.81 -3.61 61.72
C LEU C 131 -1.03 -2.27 61.03
N LYS C 132 -0.91 -1.18 61.79
CA LYS C 132 -0.92 0.17 61.21
C LYS C 132 0.29 0.36 60.31
N ALA C 133 1.45 -0.12 60.76
CA ALA C 133 2.70 -0.03 60.00
C ALA C 133 2.54 -0.66 58.62
N GLN C 134 1.82 -1.77 58.54
CA GLN C 134 1.58 -2.47 57.28
C GLN C 134 0.47 -1.80 56.45
N ASN C 135 -0.56 -1.32 57.12
CA ASN C 135 -1.70 -0.67 56.44
C ASN C 135 -1.26 0.54 55.61
N ASP C 136 -0.66 1.52 56.28
CA ASP C 136 -0.25 2.76 55.62
C ASP C 136 1.10 2.66 54.88
N LEU C 137 1.75 1.49 54.95
CA LEU C 137 2.90 1.21 54.10
C LEU C 137 2.41 0.95 52.68
N ILE C 138 1.42 0.09 52.55
CA ILE C 138 0.82 -0.23 51.26
C ILE C 138 0.15 1.01 50.65
N TRP C 139 -0.54 1.78 51.50
CA TRP C 139 -1.22 3.00 51.04
C TRP C 139 -0.23 4.06 50.55
N ASN C 140 0.90 4.20 51.23
CA ASN C 140 1.99 5.04 50.73
C ASN C 140 2.46 4.56 49.36
N ILE C 141 2.60 3.24 49.24
CA ILE C 141 3.03 2.61 47.97
C ILE C 141 1.95 2.71 46.89
N LYS C 142 0.68 2.60 47.28
CA LYS C 142 -0.43 2.65 46.33
C LYS C 142 -0.49 3.98 45.58
N ASP C 143 -0.68 5.07 46.32
CA ASP C 143 -0.78 6.41 45.71
C ASP C 143 0.56 6.96 45.23
N GLU C 144 1.67 6.28 45.55
CA GLU C 144 2.96 6.57 44.92
C GLU C 144 2.93 6.14 43.45
N LEU C 145 2.41 4.93 43.21
CA LEU C 145 2.24 4.42 41.85
C LEU C 145 1.19 5.18 41.06
N LYS C 146 0.16 5.67 41.75
CA LYS C 146 -0.88 6.49 41.12
C LYS C 146 -0.33 7.85 40.68
N LYS C 147 0.69 8.33 41.40
CA LYS C 147 1.36 9.59 41.05
C LYS C 147 2.27 9.42 39.83
N VAL C 148 3.01 8.31 39.79
CA VAL C 148 4.05 8.12 38.78
C VAL C 148 3.60 7.29 37.56
N CYS C 149 2.88 6.19 37.81
CA CYS C 149 2.53 5.24 36.75
C CYS C 149 1.09 5.38 36.29
N SER C 150 0.87 5.15 34.99
CA SER C 150 -0.47 5.06 34.42
C SER C 150 -0.99 3.64 34.60
N THR C 151 -2.24 3.40 34.22
CA THR C 151 -2.86 2.09 34.37
C THR C 151 -2.18 1.03 33.49
N ASN C 152 -1.84 1.41 32.26
CA ASN C 152 -1.19 0.49 31.32
C ASN C 152 0.18 0.00 31.79
N ASP C 153 0.89 0.84 32.54
CA ASP C 153 2.15 0.43 33.17
C ASP C 153 1.90 -0.59 34.27
N LEU C 154 0.86 -0.34 35.07
CA LEU C 154 0.48 -1.25 36.17
C LEU C 154 -0.09 -2.57 35.64
N LYS C 155 -0.77 -2.51 34.50
CA LYS C 155 -1.28 -3.72 33.84
C LYS C 155 -0.12 -4.59 33.35
N GLU C 156 0.84 -3.97 32.67
CA GLU C 156 2.00 -4.68 32.14
C GLU C 156 3.00 -5.07 33.23
N LEU C 157 2.90 -4.43 34.41
CA LEU C 157 3.67 -4.85 35.58
C LEU C 157 3.22 -6.23 36.04
N LEU C 158 1.91 -6.42 36.18
CA LEU C 158 1.33 -7.68 36.61
C LEU C 158 1.53 -8.79 35.58
N ILE C 159 1.39 -8.45 34.30
CA ILE C 159 1.55 -9.44 33.21
C ILE C 159 2.98 -9.97 33.18
N PHE C 160 3.95 -9.09 33.41
CA PHE C 160 5.37 -9.49 33.47
C PHE C 160 5.62 -10.48 34.62
N ASN C 161 4.92 -10.30 35.73
CA ASN C 161 5.04 -11.19 36.89
C ASN C 161 4.11 -12.40 36.85
N LYS C 162 3.51 -12.65 35.68
CA LYS C 162 2.60 -13.79 35.46
C LYS C 162 1.39 -13.73 36.39
N GLN C 163 0.79 -12.54 36.49
CA GLN C 163 -0.39 -12.32 37.34
C GLN C 163 -1.60 -11.98 36.49
N GLN C 164 -2.77 -12.43 36.93
CA GLN C 164 -4.03 -12.09 36.28
C GLN C 164 -4.34 -10.61 36.49
N VAL C 165 -4.59 -9.89 35.40
CA VAL C 165 -4.89 -8.46 35.47
C VAL C 165 -6.37 -8.29 35.83
N PRO C 166 -6.65 -7.67 37.00
CA PRO C 166 -8.03 -7.52 37.44
C PRO C 166 -8.78 -6.38 36.74
N SER C 167 -10.10 -6.44 36.79
CA SER C 167 -10.96 -5.37 36.28
C SER C 167 -11.15 -4.31 37.35
N GLY C 168 -10.77 -3.07 37.05
CA GLY C 168 -10.89 -1.96 37.98
C GLY C 168 -9.56 -1.25 38.18
N GLU C 169 -9.63 0.08 38.35
CA GLU C 169 -8.42 0.87 38.58
C GLU C 169 -7.89 0.61 39.98
N SER C 170 -8.75 0.79 40.99
CA SER C 170 -8.38 0.60 42.39
C SER C 170 -7.82 -0.80 42.67
N ALA C 171 -8.44 -1.81 42.07
CA ALA C 171 -8.04 -3.21 42.26
C ALA C 171 -6.68 -3.54 41.63
N ILE C 172 -6.33 -2.85 40.55
CA ILE C 172 -5.06 -3.09 39.86
C ILE C 172 -3.87 -2.72 40.74
N LEU C 173 -3.83 -1.48 41.22
CA LEU C 173 -2.74 -1.02 42.09
C LEU C 173 -2.77 -1.68 43.47
N ASP C 174 -3.93 -2.21 43.86
CA ASP C 174 -4.06 -2.96 45.12
C ASP C 174 -3.28 -4.28 45.02
N ARG C 175 -3.31 -4.91 43.85
CA ARG C 175 -2.58 -6.16 43.62
C ARG C 175 -1.11 -5.93 43.27
N VAL C 176 -0.81 -4.80 42.64
CA VAL C 176 0.58 -4.42 42.35
C VAL C 176 1.30 -4.11 43.66
N ALA C 177 0.64 -3.35 44.53
CA ALA C 177 1.19 -3.04 45.86
C ALA C 177 1.36 -4.30 46.70
N ASP C 178 0.38 -5.19 46.64
CA ASP C 178 0.46 -6.51 47.27
C ASP C 178 1.63 -7.32 46.69
N GLY C 179 1.76 -7.26 45.37
CA GLY C 179 2.83 -7.97 44.66
C GLY C 179 4.22 -7.53 45.07
N MET C 180 4.43 -6.21 45.08
CA MET C 180 5.75 -5.64 45.39
C MET C 180 6.18 -5.89 46.84
N VAL C 181 5.26 -5.66 47.78
CA VAL C 181 5.57 -5.75 49.21
C VAL C 181 5.82 -7.19 49.65
N PHE C 182 4.96 -8.11 49.25
CA PHE C 182 5.01 -9.49 49.73
C PHE C 182 5.59 -10.47 48.70
N GLY C 183 5.09 -10.40 47.46
CA GLY C 183 5.62 -11.23 46.39
C GLY C 183 4.63 -11.56 45.28
N ALA C 184 5.16 -11.97 44.14
CA ALA C 184 4.35 -12.42 43.01
C ALA C 184 3.72 -13.77 43.33
N LEU C 185 2.39 -13.80 43.38
CA LEU C 185 1.66 -14.99 43.79
C LEU C 185 1.76 -16.12 42.75
N LEU C 186 2.21 -17.29 43.20
CA LEU C 186 2.28 -18.47 42.33
C LEU C 186 0.87 -19.01 42.07
N PRO C 187 0.69 -19.75 40.97
CA PRO C 187 -0.61 -20.36 40.67
C PRO C 187 -1.11 -21.31 41.77
N CYS C 188 -2.41 -21.61 41.71
CA CYS C 188 -3.06 -22.45 42.73
C CYS C 188 -2.60 -23.91 42.60
N GLU C 189 -2.69 -24.65 43.70
CA GLU C 189 -2.23 -26.04 43.75
C GLU C 189 -3.02 -26.97 42.82
N GLU C 190 -4.36 -26.91 42.91
CA GLU C 190 -5.21 -27.81 42.13
C GLU C 190 -5.71 -27.19 40.84
N CYS C 191 -6.43 -26.07 40.96
CA CYS C 191 -7.12 -25.45 39.82
C CYS C 191 -6.22 -24.57 38.94
N SER C 192 -5.01 -24.28 39.43
CA SER C 192 -4.04 -23.45 38.70
C SER C 192 -4.56 -22.06 38.36
N GLY C 193 -5.31 -21.46 39.29
CA GLY C 193 -5.87 -20.13 39.12
C GLY C 193 -5.05 -19.08 39.87
N GLN C 194 -5.66 -17.91 40.08
CA GLN C 194 -4.97 -16.79 40.72
C GLN C 194 -5.56 -16.54 42.11
N LEU C 195 -4.73 -16.64 43.14
CA LEU C 195 -5.13 -16.30 44.50
C LEU C 195 -5.18 -14.78 44.65
N VAL C 196 -6.14 -14.30 45.44
CA VAL C 196 -6.33 -12.86 45.64
C VAL C 196 -6.59 -12.57 47.12
N PHE C 197 -5.91 -11.53 47.65
CA PHE C 197 -6.14 -11.09 49.02
C PHE C 197 -7.54 -10.50 49.16
N LYS C 198 -8.30 -11.01 50.11
CA LYS C 198 -9.65 -10.53 50.38
C LYS C 198 -9.89 -10.44 51.89
N SER C 199 -9.73 -9.23 52.43
CA SER C 199 -10.00 -8.93 53.84
C SER C 199 -9.08 -9.65 54.83
N ASP C 200 -9.28 -10.94 55.02
CA ASP C 200 -8.57 -11.70 56.07
C ASP C 200 -7.77 -12.90 55.56
N ALA C 201 -7.75 -13.14 54.25
CA ALA C 201 -7.03 -14.28 53.69
C ALA C 201 -6.88 -14.17 52.17
N TYR C 202 -6.06 -15.06 51.60
CA TYR C 202 -5.89 -15.16 50.16
C TYR C 202 -6.82 -16.24 49.59
N TYR C 203 -7.88 -15.81 48.90
CA TYR C 203 -8.87 -16.70 48.33
C TYR C 203 -8.55 -17.00 46.87
N CYS C 204 -8.66 -18.27 46.47
CA CYS C 204 -8.46 -18.67 45.08
C CYS C 204 -9.67 -18.26 44.24
N THR C 205 -9.41 -17.61 43.10
CA THR C 205 -10.47 -17.12 42.23
C THR C 205 -10.57 -17.93 40.93
N GLY C 206 -9.85 -19.05 40.87
CA GLY C 206 -9.84 -19.89 39.68
C GLY C 206 -11.07 -20.76 39.54
N ASP C 207 -10.97 -21.78 38.70
CA ASP C 207 -12.08 -22.69 38.42
C ASP C 207 -11.64 -24.15 38.49
N VAL C 208 -12.02 -24.82 39.58
CA VAL C 208 -11.81 -26.27 39.73
C VAL C 208 -12.57 -27.03 38.63
N THR C 209 -13.69 -26.47 38.19
CA THR C 209 -14.44 -27.00 37.05
C THR C 209 -15.28 -25.89 36.42
N ALA C 210 -15.89 -26.19 35.28
CA ALA C 210 -16.68 -25.20 34.54
C ALA C 210 -17.97 -24.82 35.29
N TRP C 211 -18.53 -25.78 36.03
CA TRP C 211 -19.78 -25.56 36.75
C TRP C 211 -19.59 -24.83 38.09
N THR C 212 -18.45 -25.06 38.73
CA THR C 212 -18.22 -24.53 40.08
C THR C 212 -16.91 -23.75 40.18
N LYS C 213 -16.87 -22.82 41.12
CA LYS C 213 -15.66 -22.04 41.39
C LYS C 213 -14.82 -22.73 42.46
N CYS C 214 -13.51 -22.49 42.43
CA CYS C 214 -12.60 -23.06 43.43
C CYS C 214 -12.77 -22.38 44.78
N MET C 215 -12.59 -23.14 45.85
CA MET C 215 -12.80 -22.64 47.21
C MET C 215 -11.56 -22.79 48.09
N VAL C 216 -10.38 -22.63 47.50
CA VAL C 216 -9.13 -22.65 48.26
C VAL C 216 -8.96 -21.33 49.00
N LYS C 217 -8.49 -21.42 50.24
CA LYS C 217 -8.33 -20.26 51.11
C LYS C 217 -7.11 -20.47 52.01
N THR C 218 -6.31 -19.42 52.19
CA THR C 218 -5.10 -19.50 53.00
C THR C 218 -4.56 -18.13 53.43
N GLN C 219 -3.84 -18.12 54.56
CA GLN C 219 -3.15 -16.93 55.03
C GLN C 219 -1.66 -16.94 54.65
N THR C 220 -1.14 -18.12 54.28
CA THR C 220 0.25 -18.27 53.88
C THR C 220 0.34 -18.95 52.50
N PRO C 221 0.08 -18.18 51.43
CA PRO C 221 0.12 -18.73 50.07
C PRO C 221 1.54 -18.89 49.55
N ASN C 222 1.69 -19.64 48.46
CA ASN C 222 2.99 -19.84 47.81
C ASN C 222 3.27 -18.70 46.84
N ARG C 223 4.51 -18.24 46.79
CA ARG C 223 4.88 -17.08 45.98
C ARG C 223 6.39 -16.91 45.82
N LYS C 224 6.83 -16.62 44.59
CA LYS C 224 8.22 -16.25 44.33
C LYS C 224 8.36 -14.74 44.50
N GLU C 225 9.58 -14.23 44.40
CA GLU C 225 9.85 -12.81 44.60
C GLU C 225 9.36 -11.97 43.42
N TRP C 226 8.89 -10.76 43.72
CA TRP C 226 8.39 -9.84 42.71
C TRP C 226 9.54 -9.26 41.90
N VAL C 227 9.48 -9.41 40.57
CA VAL C 227 10.52 -8.95 39.67
C VAL C 227 10.02 -7.75 38.87
N THR C 228 10.48 -6.56 39.24
CA THR C 228 10.21 -5.35 38.48
C THR C 228 11.07 -5.37 37.22
N PRO C 229 10.49 -4.99 36.05
CA PRO C 229 11.32 -4.87 34.85
C PRO C 229 12.36 -3.77 34.96
N LYS C 230 13.38 -3.82 34.10
CA LYS C 230 14.42 -2.77 34.04
C LYS C 230 13.85 -1.35 33.93
N GLU C 231 12.70 -1.22 33.26
CA GLU C 231 12.09 0.08 33.00
C GLU C 231 11.45 0.65 34.27
N PHE C 232 12.27 1.34 35.07
CA PHE C 232 11.80 1.94 36.31
C PHE C 232 12.81 2.98 36.82
N ARG C 233 12.63 4.23 36.41
CA ARG C 233 13.49 5.33 36.82
C ARG C 233 13.13 5.88 38.20
N GLU C 234 11.95 5.51 38.70
CA GLU C 234 11.50 5.90 40.03
C GLU C 234 11.28 4.69 40.94
N ILE C 235 11.87 3.55 40.57
CA ILE C 235 11.82 2.34 41.39
C ILE C 235 12.75 2.48 42.60
N SER C 236 13.85 3.20 42.40
CA SER C 236 14.80 3.47 43.49
C SER C 236 14.20 4.42 44.53
N TYR C 237 13.23 5.24 44.12
CA TYR C 237 12.54 6.14 45.03
C TYR C 237 11.45 5.41 45.82
N LEU C 238 10.70 4.56 45.14
CA LEU C 238 9.61 3.80 45.76
C LEU C 238 10.15 2.71 46.71
N LYS C 239 11.19 2.01 46.26
CA LYS C 239 11.82 0.96 47.07
C LYS C 239 12.67 1.54 48.22
N LYS C 240 13.00 2.82 48.12
CA LYS C 240 13.76 3.51 49.18
C LYS C 240 12.92 3.87 50.40
N LEU C 241 11.62 3.57 50.36
CA LEU C 241 10.71 3.87 51.48
C LEU C 241 10.78 2.84 52.61
N LYS C 242 12.01 2.47 53.00
CA LYS C 242 12.24 1.58 54.13
C LYS C 242 11.43 0.28 54.08
N VAL C 243 11.53 -0.43 52.95
CA VAL C 243 10.78 -1.67 52.75
C VAL C 243 11.70 -2.89 52.83
N LYS C 244 11.51 -3.70 53.87
CA LYS C 244 12.28 -4.93 54.07
C LYS C 244 11.37 -6.15 53.85
N LYS C 245 11.95 -7.34 53.98
CA LYS C 245 11.20 -8.58 53.82
C LYS C 245 10.25 -8.83 54.99
N GLN C 246 8.99 -9.11 54.67
CA GLN C 246 7.96 -9.33 55.68
C GLN C 246 6.73 -10.03 55.07
N ASP C 247 5.99 -10.74 55.92
CA ASP C 247 4.80 -11.47 55.49
C ASP C 247 3.53 -10.68 55.85
N ARG C 248 2.43 -11.00 55.17
CA ARG C 248 1.13 -10.36 55.43
C ARG C 248 0.67 -10.62 56.87
N ILE C 249 0.34 -9.53 57.57
CA ILE C 249 -0.24 -9.61 58.92
C ILE C 249 -1.75 -9.48 58.77
N PHE C 250 -2.49 -10.25 59.57
CA PHE C 250 -3.94 -10.30 59.48
C PHE C 250 -4.60 -9.80 60.76
N PRO C 251 -5.91 -9.51 60.71
CA PRO C 251 -6.61 -9.08 61.94
C PRO C 251 -6.72 -10.20 62.99
N PRO C 252 -7.05 -9.85 64.25
CA PRO C 252 -7.18 -10.86 65.30
C PRO C 252 -8.35 -11.82 65.06
N ALA D 14 -40.83 -25.10 21.06
CA ALA D 14 -41.70 -24.38 22.04
C ALA D 14 -42.47 -23.24 21.36
N ALA D 15 -43.41 -22.64 22.11
CA ALA D 15 -44.22 -21.53 21.62
C ALA D 15 -43.69 -20.20 22.15
N VAL D 16 -44.40 -19.11 21.85
CA VAL D 16 -43.99 -17.78 22.25
C VAL D 16 -44.25 -17.54 23.75
N ASP D 17 -43.32 -16.87 24.41
CA ASP D 17 -43.47 -16.51 25.81
C ASP D 17 -44.45 -15.35 25.93
N PRO D 18 -45.54 -15.52 26.71
CA PRO D 18 -46.52 -14.44 26.86
C PRO D 18 -46.02 -13.17 27.57
N ASP D 19 -44.81 -13.22 28.13
CA ASP D 19 -44.19 -12.04 28.74
C ASP D 19 -43.88 -10.95 27.71
N SER D 20 -43.70 -11.35 26.45
CA SER D 20 -43.51 -10.41 25.35
C SER D 20 -44.76 -9.58 25.10
N GLY D 21 -45.93 -10.22 25.22
CA GLY D 21 -47.21 -9.57 24.92
C GLY D 21 -47.63 -9.72 23.47
N LEU D 22 -46.80 -10.39 22.68
CA LEU D 22 -47.06 -10.61 21.26
C LEU D 22 -47.18 -12.10 20.95
N GLU D 23 -47.77 -12.85 21.88
CA GLU D 23 -47.82 -14.33 21.77
C GLU D 23 -48.73 -14.82 20.65
N HIS D 24 -49.94 -14.27 20.58
CA HIS D 24 -50.89 -14.61 19.53
C HIS D 24 -50.92 -13.49 18.49
N SER D 25 -49.79 -13.30 17.82
CA SER D 25 -49.62 -12.26 16.82
C SER D 25 -48.58 -12.68 15.77
N ALA D 26 -47.36 -12.92 16.22
CA ALA D 26 -46.27 -13.37 15.36
C ALA D 26 -45.66 -14.67 15.89
N HIS D 27 -45.37 -15.60 14.98
CA HIS D 27 -44.84 -16.91 15.34
C HIS D 27 -43.36 -16.86 15.70
N VAL D 28 -42.92 -17.81 16.53
CA VAL D 28 -41.49 -17.97 16.84
C VAL D 28 -40.78 -18.60 15.64
N LEU D 29 -39.62 -18.06 15.29
CA LEU D 29 -38.94 -18.40 14.03
C LEU D 29 -37.94 -19.54 14.19
N GLU D 30 -37.73 -20.27 13.09
CA GLU D 30 -36.72 -21.33 13.02
C GLU D 30 -36.09 -21.36 11.62
N LYS D 31 -34.77 -21.51 11.56
CA LYS D 31 -34.05 -21.62 10.29
C LYS D 31 -33.91 -23.10 9.91
N GLY D 32 -34.92 -23.63 9.23
CA GLY D 32 -34.91 -25.02 8.80
C GLY D 32 -35.09 -26.01 9.94
N GLY D 33 -34.00 -26.26 10.67
CA GLY D 33 -33.99 -27.23 11.76
C GLY D 33 -33.91 -26.59 13.14
N LYS D 34 -32.81 -25.87 13.38
CA LYS D 34 -32.57 -25.25 14.69
C LYS D 34 -33.57 -24.13 14.98
N VAL D 35 -34.36 -24.31 16.04
CA VAL D 35 -35.36 -23.32 16.43
C VAL D 35 -34.69 -22.19 17.21
N PHE D 36 -34.88 -20.96 16.75
CA PHE D 36 -34.28 -19.79 17.40
C PHE D 36 -35.00 -19.47 18.71
N SER D 37 -34.71 -20.28 19.72
CA SER D 37 -35.30 -20.14 21.05
C SER D 37 -34.58 -21.06 22.02
N ALA D 38 -34.02 -20.49 23.09
CA ALA D 38 -33.27 -21.24 24.08
C ALA D 38 -33.56 -20.74 25.49
N THR D 39 -33.66 -21.68 26.43
CA THR D 39 -33.92 -21.35 27.83
C THR D 39 -32.71 -21.77 28.66
N LEU D 40 -31.94 -20.79 29.12
CA LEU D 40 -30.69 -21.05 29.83
C LEU D 40 -30.90 -21.04 31.34
N GLY D 41 -29.91 -21.55 32.07
CA GLY D 41 -29.96 -21.62 33.53
C GLY D 41 -28.59 -21.59 34.16
N LEU D 42 -28.51 -21.03 35.36
CA LEU D 42 -27.24 -20.90 36.08
C LEU D 42 -27.50 -20.91 37.59
N VAL D 43 -26.80 -21.79 38.31
CA VAL D 43 -26.93 -21.88 39.76
C VAL D 43 -25.55 -22.03 40.42
N ASP D 44 -25.35 -21.30 41.52
CA ASP D 44 -24.18 -21.44 42.36
C ASP D 44 -24.67 -21.54 43.81
N ILE D 45 -24.55 -22.75 44.37
CA ILE D 45 -25.06 -23.04 45.72
C ILE D 45 -24.41 -22.14 46.79
N VAL D 46 -23.14 -21.79 46.59
CA VAL D 46 -22.41 -20.98 47.58
C VAL D 46 -22.92 -19.55 47.59
N LYS D 47 -23.01 -18.93 46.41
CA LYS D 47 -23.56 -17.58 46.26
C LYS D 47 -25.06 -17.54 46.55
N GLY D 48 -25.75 -18.63 46.21
CA GLY D 48 -27.20 -18.71 46.37
C GLY D 48 -27.96 -18.41 45.09
N THR D 49 -27.26 -17.80 44.12
CA THR D 49 -27.85 -17.51 42.82
C THR D 49 -28.43 -18.76 42.16
N ASN D 50 -29.62 -18.60 41.59
CA ASN D 50 -30.36 -19.70 40.96
C ASN D 50 -31.29 -19.05 39.93
N SER D 51 -30.75 -18.83 38.72
CA SER D 51 -31.37 -17.93 37.75
C SER D 51 -31.78 -18.61 36.46
N TYR D 52 -32.63 -17.94 35.69
CA TYR D 52 -33.00 -18.36 34.35
C TYR D 52 -32.66 -17.28 33.34
N TYR D 53 -32.68 -17.65 32.07
CA TYR D 53 -32.48 -16.70 30.98
C TYR D 53 -33.06 -17.25 29.68
N LYS D 54 -34.28 -16.84 29.36
CA LYS D 54 -34.94 -17.29 28.13
C LYS D 54 -34.74 -16.29 27.00
N LEU D 55 -34.17 -16.78 25.90
CA LEU D 55 -33.93 -15.98 24.70
C LEU D 55 -34.80 -16.51 23.58
N GLN D 56 -35.39 -15.60 22.79
CA GLN D 56 -36.25 -15.98 21.67
C GLN D 56 -36.10 -15.05 20.48
N LEU D 57 -36.50 -15.53 19.32
CA LEU D 57 -36.54 -14.71 18.11
C LEU D 57 -37.92 -14.80 17.47
N LEU D 58 -38.75 -13.79 17.73
CA LEU D 58 -40.13 -13.77 17.23
C LEU D 58 -40.16 -13.26 15.79
N TRP D 67 -38.07 -9.09 15.65
CA TRP D 67 -38.21 -8.94 17.10
C TRP D 67 -37.35 -9.95 17.84
N ILE D 68 -36.61 -9.47 18.84
CA ILE D 68 -35.86 -10.35 19.73
C ILE D 68 -36.37 -10.15 21.16
N PHE D 69 -36.52 -11.24 21.90
CA PHE D 69 -37.05 -11.18 23.26
C PHE D 69 -36.10 -11.82 24.26
N ARG D 70 -35.74 -11.05 25.28
CA ARG D 70 -34.89 -11.53 26.37
C ARG D 70 -35.66 -11.51 27.68
N SER D 71 -35.68 -12.64 28.38
CA SER D 71 -36.28 -12.73 29.70
C SER D 71 -35.21 -13.22 30.68
N TRP D 72 -35.24 -12.70 31.90
CA TRP D 72 -34.26 -13.07 32.92
C TRP D 72 -34.80 -12.85 34.34
N GLY D 73 -34.20 -13.54 35.30
CA GLY D 73 -34.60 -13.41 36.71
C GLY D 73 -34.26 -14.64 37.53
N ARG D 74 -34.77 -14.68 38.76
CA ARG D 74 -34.59 -15.82 39.65
C ARG D 74 -35.75 -16.79 39.48
N VAL D 75 -35.45 -18.01 39.05
CA VAL D 75 -36.47 -19.04 38.79
C VAL D 75 -37.45 -19.23 39.96
N GLY D 76 -38.74 -19.13 39.64
CA GLY D 76 -39.82 -19.38 40.59
C GLY D 76 -40.21 -18.21 41.46
N THR D 77 -39.89 -16.99 41.01
CA THR D 77 -40.20 -15.77 41.77
C THR D 77 -40.41 -14.56 40.88
N VAL D 78 -40.95 -13.49 41.46
CA VAL D 78 -41.19 -12.23 40.75
C VAL D 78 -39.90 -11.45 40.46
N ILE D 79 -38.80 -11.86 41.09
CA ILE D 79 -37.49 -11.26 40.86
C ILE D 79 -37.06 -11.48 39.40
N GLY D 80 -36.79 -10.38 38.71
CA GLY D 80 -36.37 -10.43 37.30
C GLY D 80 -37.02 -9.35 36.46
N SER D 81 -36.70 -9.36 35.16
CA SER D 81 -37.27 -8.42 34.21
C SER D 81 -37.12 -8.96 32.79
N ASN D 82 -37.58 -8.19 31.80
CA ASN D 82 -37.50 -8.61 30.40
C ASN D 82 -37.32 -7.42 29.46
N LYS D 83 -36.92 -7.72 28.22
CA LYS D 83 -36.79 -6.70 27.19
C LYS D 83 -37.22 -7.21 25.82
N LEU D 84 -38.40 -6.78 25.38
CA LEU D 84 -38.85 -6.97 24.01
C LEU D 84 -38.26 -5.83 23.18
N GLU D 85 -37.75 -6.16 21.99
CA GLU D 85 -37.07 -5.18 21.15
C GLU D 85 -37.19 -5.55 19.67
N GLN D 86 -37.77 -4.64 18.89
CA GLN D 86 -37.89 -4.83 17.44
C GLN D 86 -36.56 -4.60 16.76
N MET D 87 -36.27 -5.39 15.73
CA MET D 87 -35.01 -5.31 15.00
C MET D 87 -35.13 -4.39 13.78
N PRO D 88 -33.99 -3.87 13.28
CA PRO D 88 -34.00 -3.14 12.01
C PRO D 88 -34.35 -4.04 10.82
N SER D 89 -33.86 -5.29 10.84
CA SER D 89 -34.14 -6.25 9.78
C SER D 89 -34.04 -7.69 10.30
N LYS D 90 -34.32 -8.65 9.42
CA LYS D 90 -34.31 -10.08 9.78
C LYS D 90 -32.91 -10.70 9.82
N GLU D 91 -31.99 -10.19 9.01
CA GLU D 91 -30.60 -10.66 9.06
C GLU D 91 -29.85 -10.06 10.25
N ASP D 92 -30.29 -8.89 10.71
CA ASP D 92 -29.75 -8.28 11.93
C ASP D 92 -30.21 -9.04 13.17
N ALA D 93 -31.34 -9.74 13.06
CA ALA D 93 -31.86 -10.58 14.13
C ALA D 93 -30.91 -11.73 14.45
N ILE D 94 -30.47 -12.43 13.41
CA ILE D 94 -29.48 -13.51 13.57
C ILE D 94 -28.19 -12.98 14.21
N GLU D 95 -27.77 -11.80 13.78
CA GLU D 95 -26.57 -11.15 14.33
C GLU D 95 -26.74 -10.84 15.81
N HIS D 96 -27.90 -10.30 16.18
CA HIS D 96 -28.17 -9.93 17.57
C HIS D 96 -28.44 -11.16 18.45
N PHE D 97 -29.08 -12.18 17.87
CA PHE D 97 -29.42 -13.41 18.58
C PHE D 97 -28.19 -14.24 18.92
N MET D 98 -27.40 -14.57 17.90
CA MET D 98 -26.22 -15.41 18.06
C MET D 98 -25.12 -14.73 18.88
N LYS D 99 -25.10 -13.39 18.87
CA LYS D 99 -24.16 -12.62 19.68
C LYS D 99 -24.56 -12.62 21.15
N LEU D 100 -25.84 -12.35 21.42
CA LEU D 100 -26.39 -12.43 22.78
C LEU D 100 -26.25 -13.83 23.35
N TYR D 101 -26.54 -14.83 22.52
CA TYR D 101 -26.41 -16.22 22.91
C TYR D 101 -25.00 -16.50 23.42
N GLU D 102 -24.00 -16.34 22.55
CA GLU D 102 -22.60 -16.62 22.90
C GLU D 102 -22.09 -15.79 24.08
N GLU D 103 -22.53 -14.53 24.15
CA GLU D 103 -22.18 -13.65 25.26
C GLU D 103 -22.65 -14.21 26.60
N LYS D 104 -23.80 -14.89 26.59
CA LYS D 104 -24.42 -15.39 27.82
C LYS D 104 -24.03 -16.84 28.10
N THR D 105 -24.07 -17.68 27.06
CA THR D 105 -23.82 -19.12 27.21
C THR D 105 -22.34 -19.50 27.04
N GLY D 106 -21.60 -18.75 26.23
CA GLY D 106 -20.18 -18.99 26.01
C GLY D 106 -19.86 -19.68 24.68
N ASN D 107 -20.76 -20.55 24.24
CA ASN D 107 -20.57 -21.31 22.99
C ASN D 107 -21.23 -20.65 21.78
N ALA D 108 -20.98 -21.21 20.60
CA ALA D 108 -21.65 -20.79 19.37
C ALA D 108 -23.03 -21.44 19.28
N TRP D 109 -23.85 -20.96 18.35
CA TRP D 109 -25.23 -21.45 18.19
C TRP D 109 -25.30 -22.88 17.65
N HIS D 110 -24.48 -23.18 16.65
CA HIS D 110 -24.47 -24.49 16.02
C HIS D 110 -23.39 -25.34 16.68
N SER D 111 -23.80 -26.16 17.64
CA SER D 111 -22.88 -27.06 18.33
C SER D 111 -23.69 -28.09 19.10
N LYS D 112 -23.51 -29.37 18.77
CA LYS D 112 -24.19 -30.47 19.46
C LYS D 112 -23.48 -30.77 20.78
N ASN D 113 -22.17 -30.95 20.71
CA ASN D 113 -21.37 -31.27 21.89
C ASN D 113 -21.05 -30.03 22.73
N PHE D 114 -21.90 -29.76 23.71
CA PHE D 114 -21.81 -28.50 24.47
C PHE D 114 -20.77 -28.56 25.59
N THR D 115 -20.24 -27.40 25.93
CA THR D 115 -19.28 -27.25 27.03
C THR D 115 -19.60 -26.02 27.88
N LYS D 116 -19.82 -26.24 29.18
CA LYS D 116 -20.07 -25.15 30.14
C LYS D 116 -18.82 -24.27 30.30
N TYR D 117 -19.03 -22.98 30.56
CA TYR D 117 -17.94 -22.05 30.81
C TYR D 117 -18.14 -21.29 32.14
N PRO D 118 -17.03 -20.95 32.82
CA PRO D 118 -17.04 -20.20 34.09
C PRO D 118 -17.99 -19.01 34.13
N LYS D 119 -18.96 -19.05 35.06
CA LYS D 119 -19.96 -17.99 35.25
C LYS D 119 -20.85 -17.66 34.03
N LYS D 120 -20.69 -18.41 32.94
CA LYS D 120 -21.61 -18.34 31.80
C LYS D 120 -22.77 -19.28 32.04
N PHE D 121 -23.84 -19.11 31.28
CA PHE D 121 -25.04 -19.93 31.43
C PHE D 121 -24.90 -21.29 30.75
N TYR D 122 -25.87 -22.17 31.02
CA TYR D 122 -25.97 -23.47 30.36
C TYR D 122 -27.39 -23.64 29.82
N PRO D 123 -27.52 -24.00 28.52
CA PRO D 123 -28.83 -24.15 27.90
C PRO D 123 -29.53 -25.43 28.29
N LEU D 124 -30.80 -25.32 28.65
CA LEU D 124 -31.62 -26.48 28.97
C LEU D 124 -32.31 -26.99 27.72
N GLU D 125 -32.30 -28.31 27.54
CA GLU D 125 -32.80 -28.94 26.33
C GLU D 125 -34.32 -29.08 26.38
N ILE D 126 -35.01 -28.17 25.69
CA ILE D 126 -36.46 -28.23 25.56
C ILE D 126 -36.84 -28.97 24.27
N ASP D 127 -37.96 -29.68 24.32
CA ASP D 127 -38.46 -30.42 23.17
C ASP D 127 -38.99 -29.47 22.10
N LYS D 145 -72.79 -39.03 27.14
CA LYS D 145 -72.98 -39.92 25.99
C LYS D 145 -71.91 -41.03 25.92
N SER D 146 -71.00 -41.05 26.90
CA SER D 146 -69.99 -42.10 26.98
C SER D 146 -70.60 -43.39 27.52
N LYS D 147 -70.33 -44.51 26.83
CA LYS D 147 -70.90 -45.80 27.19
C LYS D 147 -69.92 -46.63 28.03
N LEU D 148 -69.79 -46.28 29.30
CA LEU D 148 -68.96 -47.03 30.25
C LEU D 148 -69.58 -47.01 31.65
N PRO D 149 -69.13 -47.91 32.54
CA PRO D 149 -69.61 -47.89 33.93
C PRO D 149 -69.17 -46.64 34.70
N LYS D 150 -69.91 -46.30 35.74
CA LYS D 150 -69.62 -45.10 36.55
C LYS D 150 -68.30 -45.19 37.32
N PRO D 151 -67.97 -46.37 37.88
CA PRO D 151 -66.65 -46.51 38.54
C PRO D 151 -65.47 -46.44 37.57
N VAL D 152 -65.66 -46.93 36.34
CA VAL D 152 -64.62 -46.90 35.32
C VAL D 152 -64.36 -45.46 34.85
N GLN D 153 -65.43 -44.67 34.74
CA GLN D 153 -65.31 -43.25 34.42
C GLN D 153 -64.57 -42.49 35.52
N ASP D 154 -64.86 -42.86 36.78
CA ASP D 154 -64.17 -42.28 37.93
C ASP D 154 -62.69 -42.67 37.98
N LEU D 155 -62.36 -43.86 37.47
CA LEU D 155 -60.97 -44.31 37.41
C LEU D 155 -60.15 -43.44 36.47
N ILE D 156 -60.70 -43.16 35.29
CA ILE D 156 -60.07 -42.23 34.34
C ILE D 156 -60.04 -40.82 34.93
N LYS D 157 -61.15 -40.41 35.55
CA LYS D 157 -61.23 -39.11 36.23
C LYS D 157 -60.11 -38.95 37.25
N MET D 158 -59.79 -40.04 37.94
CA MET D 158 -58.78 -40.03 39.00
C MET D 158 -57.35 -40.03 38.45
N ILE D 159 -57.09 -40.85 37.44
CA ILE D 159 -55.73 -41.03 36.92
C ILE D 159 -55.35 -40.11 35.75
N PHE D 160 -56.30 -39.30 35.26
CA PHE D 160 -56.01 -38.33 34.19
C PHE D 160 -56.23 -36.87 34.60
N ASP D 161 -56.52 -36.62 35.87
CA ASP D 161 -56.55 -35.26 36.41
C ASP D 161 -55.10 -34.83 36.61
N VAL D 162 -54.60 -33.99 35.70
CA VAL D 162 -53.19 -33.64 35.68
C VAL D 162 -52.87 -32.47 36.63
N GLU D 163 -53.88 -31.68 36.99
CA GLU D 163 -53.72 -30.63 37.98
C GLU D 163 -53.47 -31.21 39.37
N SER D 164 -54.03 -32.39 39.62
CA SER D 164 -53.73 -33.14 40.84
C SER D 164 -52.28 -33.64 40.82
N MET D 165 -51.79 -33.98 39.64
CA MET D 165 -50.38 -34.38 39.46
C MET D 165 -49.44 -33.18 39.59
N LYS D 166 -49.90 -31.99 39.20
CA LYS D 166 -49.12 -30.77 39.36
C LYS D 166 -48.89 -30.47 40.84
N LYS D 167 -49.97 -30.45 41.61
CA LYS D 167 -49.90 -30.30 43.07
C LYS D 167 -48.92 -31.28 43.69
N ALA D 168 -48.94 -32.52 43.19
CA ALA D 168 -48.05 -33.58 43.69
C ALA D 168 -46.56 -33.19 43.56
N MET D 169 -46.23 -32.40 42.55
CA MET D 169 -44.85 -31.94 42.32
C MET D 169 -44.46 -30.70 43.16
N VAL D 170 -45.46 -29.98 43.68
CA VAL D 170 -45.20 -28.76 44.44
C VAL D 170 -44.34 -29.02 45.67
N GLU D 171 -44.59 -30.14 46.33
CA GLU D 171 -43.83 -30.55 47.51
C GLU D 171 -42.37 -30.88 47.19
N TYR D 172 -42.12 -31.37 45.96
CA TYR D 172 -40.76 -31.67 45.51
C TYR D 172 -39.95 -30.41 45.20
N GLU D 173 -40.62 -29.27 45.03
CA GLU D 173 -40.00 -27.98 44.70
C GLU D 173 -39.51 -27.90 43.25
N ILE D 174 -40.15 -28.65 42.37
CA ILE D 174 -39.96 -28.51 40.93
C ILE D 174 -40.64 -27.22 40.49
N ASP D 175 -40.07 -26.55 39.49
CA ASP D 175 -40.65 -25.32 38.95
C ASP D 175 -42.05 -25.61 38.40
N LEU D 176 -43.04 -24.87 38.89
CA LEU D 176 -44.45 -25.10 38.54
C LEU D 176 -44.88 -24.26 37.33
N GLN D 177 -44.16 -23.16 37.09
CA GLN D 177 -44.55 -22.17 36.08
C GLN D 177 -44.62 -22.73 34.66
N LYS D 178 -43.46 -23.06 34.08
CA LYS D 178 -43.38 -23.40 32.65
C LYS D 178 -42.97 -24.85 32.35
N MET D 179 -43.04 -25.73 33.35
CA MET D 179 -42.75 -27.16 33.14
C MET D 179 -43.87 -27.94 32.43
N PRO D 180 -45.16 -27.52 32.58
CA PRO D 180 -46.18 -28.26 31.84
C PRO D 180 -46.15 -28.00 30.33
N LEU D 181 -45.99 -26.74 29.94
CA LEU D 181 -45.87 -26.38 28.52
C LEU D 181 -44.47 -26.67 27.99
N GLY D 182 -43.46 -26.49 28.83
CA GLY D 182 -42.07 -26.77 28.46
C GLY D 182 -41.65 -28.18 28.77
N LYS D 183 -41.70 -29.06 27.76
CA LYS D 183 -41.30 -30.45 27.93
C LYS D 183 -39.79 -30.59 28.01
N LEU D 184 -39.30 -31.04 29.17
CA LEU D 184 -37.88 -31.27 29.38
C LEU D 184 -37.45 -32.54 28.63
N SER D 185 -36.29 -32.49 27.98
CA SER D 185 -35.85 -33.55 27.08
C SER D 185 -35.57 -34.89 27.78
N LYS D 186 -35.51 -35.95 26.98
CA LYS D 186 -35.27 -37.30 27.50
C LYS D 186 -33.78 -37.50 27.79
N ARG D 187 -32.93 -36.98 26.91
CA ARG D 187 -31.48 -37.01 27.11
C ARG D 187 -31.07 -36.16 28.31
N GLN D 188 -31.84 -35.09 28.56
CA GLN D 188 -31.62 -34.22 29.71
C GLN D 188 -31.89 -34.94 31.02
N ILE D 189 -33.05 -35.59 31.11
CA ILE D 189 -33.46 -36.26 32.35
C ILE D 189 -32.55 -37.46 32.66
N GLN D 190 -32.05 -38.12 31.62
CA GLN D 190 -31.07 -39.20 31.79
C GLN D 190 -29.77 -38.68 32.41
N ALA D 191 -29.34 -37.48 32.00
CA ALA D 191 -28.17 -36.83 32.58
C ALA D 191 -28.45 -36.39 34.02
N ALA D 192 -29.68 -35.94 34.28
CA ALA D 192 -30.11 -35.59 35.63
C ALA D 192 -30.09 -36.81 36.55
N TYR D 193 -30.53 -37.95 36.01
CA TYR D 193 -30.40 -39.23 36.72
C TYR D 193 -28.94 -39.58 36.99
N SER D 194 -28.10 -39.38 35.97
CA SER D 194 -26.67 -39.69 36.09
C SER D 194 -25.99 -38.86 37.16
N ILE D 195 -26.37 -37.59 37.27
CA ILE D 195 -25.82 -36.70 38.30
C ILE D 195 -26.20 -37.22 39.69
N LEU D 196 -27.45 -37.64 39.87
CA LEU D 196 -27.90 -38.21 41.14
C LEU D 196 -27.13 -39.47 41.51
N SER D 197 -26.89 -40.34 40.53
CA SER D 197 -26.12 -41.57 40.75
C SER D 197 -24.67 -41.26 41.07
N GLU D 198 -24.13 -40.18 40.52
CA GLU D 198 -22.79 -39.71 40.85
C GLU D 198 -22.70 -39.17 42.29
N VAL D 199 -23.78 -38.57 42.77
CA VAL D 199 -23.84 -38.03 44.13
C VAL D 199 -23.80 -39.17 45.16
N GLN D 200 -24.62 -40.19 44.94
CA GLN D 200 -24.64 -41.35 45.84
C GLN D 200 -23.28 -42.03 45.91
N GLN D 201 -22.62 -42.16 44.76
CA GLN D 201 -21.26 -42.69 44.69
C GLN D 201 -20.30 -41.79 45.49
N ALA D 202 -20.48 -40.48 45.36
CA ALA D 202 -19.66 -39.51 46.09
C ALA D 202 -19.95 -39.53 47.60
N VAL D 203 -21.22 -39.70 47.94
CA VAL D 203 -21.64 -39.77 49.36
C VAL D 203 -21.18 -41.06 50.03
N SER D 204 -21.25 -42.18 49.30
CA SER D 204 -20.93 -43.49 49.85
C SER D 204 -19.48 -43.59 50.34
N GLN D 205 -18.54 -43.11 49.53
CA GLN D 205 -17.12 -43.17 49.86
C GLN D 205 -16.55 -41.82 50.33
N GLY D 206 -17.41 -41.01 50.96
CA GLY D 206 -17.01 -39.74 51.56
C GLY D 206 -16.09 -38.89 50.71
N SER D 207 -16.56 -38.52 49.53
CA SER D 207 -15.77 -37.71 48.59
C SER D 207 -15.71 -36.25 49.03
N SER D 208 -14.93 -35.45 48.30
CA SER D 208 -14.72 -34.04 48.62
C SER D 208 -16.02 -33.24 48.62
N ASP D 209 -16.01 -32.12 49.34
CA ASP D 209 -17.14 -31.19 49.34
C ASP D 209 -17.31 -30.55 47.97
N SER D 210 -16.18 -30.25 47.32
CA SER D 210 -16.17 -29.70 45.96
C SER D 210 -16.82 -30.66 44.96
N GLN D 211 -16.43 -31.94 45.04
CA GLN D 211 -17.04 -33.00 44.25
C GLN D 211 -18.57 -33.01 44.40
N ILE D 212 -19.02 -32.94 45.66
CA ILE D 212 -20.46 -32.88 45.96
C ILE D 212 -21.07 -31.56 45.51
N LEU D 213 -20.35 -30.45 45.75
CA LEU D 213 -20.82 -29.12 45.36
C LEU D 213 -21.13 -29.06 43.87
N ASP D 214 -20.23 -29.64 43.06
CA ASP D 214 -20.38 -29.68 41.61
C ASP D 214 -21.65 -30.37 41.17
N LEU D 215 -21.88 -31.57 41.70
CA LEU D 215 -23.05 -32.36 41.32
C LEU D 215 -24.35 -31.70 41.75
N SER D 216 -24.33 -31.08 42.93
CA SER D 216 -25.49 -30.33 43.42
C SER D 216 -25.77 -29.13 42.52
N ASN D 217 -24.73 -28.40 42.15
CA ASN D 217 -24.85 -27.32 41.16
C ASN D 217 -25.39 -27.85 39.85
N ARG D 218 -24.70 -28.87 39.31
CA ARG D 218 -25.06 -29.48 38.03
C ARG D 218 -26.54 -29.89 37.97
N PHE D 219 -27.03 -30.50 39.04
CA PHE D 219 -28.40 -31.01 39.07
C PHE D 219 -29.44 -29.89 39.01
N TYR D 220 -29.30 -28.90 39.87
CA TYR D 220 -30.26 -27.79 39.95
C TYR D 220 -30.22 -26.88 38.73
N THR D 221 -29.07 -26.84 38.04
CA THR D 221 -28.99 -26.14 36.75
C THR D 221 -29.81 -26.91 35.73
N LEU D 222 -29.61 -28.22 35.70
CA LEU D 222 -30.22 -29.09 34.68
C LEU D 222 -31.73 -29.23 34.89
N ILE D 223 -32.16 -29.30 36.14
CA ILE D 223 -33.59 -29.32 36.48
C ILE D 223 -33.92 -28.11 37.36
N PRO D 224 -34.69 -27.14 36.80
CA PRO D 224 -34.96 -25.90 37.53
C PRO D 224 -35.89 -26.10 38.73
N HIS D 225 -35.40 -25.74 39.91
CA HIS D 225 -36.16 -25.85 41.15
C HIS D 225 -36.63 -24.48 41.62
N ASP D 226 -37.63 -24.48 42.50
CA ASP D 226 -38.17 -23.25 43.08
C ASP D 226 -37.98 -23.26 44.59
N PHE D 227 -36.90 -22.61 45.05
CA PHE D 227 -36.63 -22.47 46.47
C PHE D 227 -36.99 -21.08 46.99
N GLY D 228 -37.49 -20.21 46.09
CA GLY D 228 -37.83 -18.85 46.45
C GLY D 228 -36.61 -17.98 46.66
N MET D 229 -36.50 -17.39 47.85
CA MET D 229 -35.41 -16.47 48.18
C MET D 229 -34.29 -17.11 49.01
N LYS D 230 -34.29 -18.44 49.13
CA LYS D 230 -33.26 -19.13 49.90
C LYS D 230 -32.39 -20.04 49.02
N LYS D 231 -31.24 -20.42 49.56
CA LYS D 231 -30.22 -21.13 48.79
C LYS D 231 -30.62 -22.57 48.49
N PRO D 232 -30.29 -23.07 47.27
CA PRO D 232 -30.46 -24.48 46.95
C PRO D 232 -29.67 -25.38 47.92
N PRO D 233 -30.33 -26.38 48.53
CA PRO D 233 -29.66 -27.24 49.51
C PRO D 233 -28.76 -28.28 48.87
N LEU D 234 -27.60 -28.52 49.48
CA LEU D 234 -26.61 -29.46 48.96
C LEU D 234 -27.09 -30.91 49.05
N LEU D 235 -26.88 -31.67 47.97
CA LEU D 235 -27.22 -33.09 47.95
C LEU D 235 -26.09 -33.88 48.62
N ASN D 236 -26.14 -33.93 49.95
CA ASN D 236 -25.11 -34.59 50.77
C ASN D 236 -25.58 -35.87 51.47
N ASN D 237 -26.90 -36.03 51.62
CA ASN D 237 -27.47 -37.20 52.30
C ASN D 237 -27.65 -38.38 51.37
N ALA D 238 -27.98 -39.54 51.95
CA ALA D 238 -28.29 -40.74 51.18
C ALA D 238 -29.75 -40.76 50.73
N ASP D 239 -30.63 -40.12 51.51
CA ASP D 239 -32.06 -40.07 51.18
C ASP D 239 -32.47 -38.82 50.39
N SER D 240 -31.58 -37.83 50.34
CA SER D 240 -31.81 -36.61 49.55
C SER D 240 -31.76 -36.94 48.06
N VAL D 241 -30.78 -37.73 47.66
CA VAL D 241 -30.70 -38.26 46.28
C VAL D 241 -31.89 -39.16 45.97
N GLN D 242 -32.29 -39.99 46.94
CA GLN D 242 -33.48 -40.84 46.78
C GLN D 242 -34.74 -40.01 46.60
N ALA D 243 -34.83 -38.90 47.34
CA ALA D 243 -35.97 -37.98 47.22
C ALA D 243 -36.02 -37.34 45.84
N LYS D 244 -34.85 -36.93 45.33
CA LYS D 244 -34.75 -36.35 43.99
C LYS D 244 -34.84 -37.42 42.90
N VAL D 245 -34.49 -38.67 43.23
CA VAL D 245 -34.69 -39.79 42.32
C VAL D 245 -36.17 -40.09 42.15
N GLU D 246 -36.90 -40.07 43.26
CA GLU D 246 -38.35 -40.28 43.26
C GLU D 246 -39.06 -39.16 42.50
N MET D 247 -38.57 -37.93 42.65
CA MET D 247 -39.08 -36.77 41.92
C MET D 247 -39.05 -37.01 40.41
N LEU D 248 -37.89 -37.39 39.90
CA LEU D 248 -37.71 -37.65 38.46
C LEU D 248 -38.63 -38.77 37.97
N ASP D 249 -38.79 -39.82 38.78
CA ASP D 249 -39.68 -40.94 38.46
C ASP D 249 -41.13 -40.46 38.31
N ASN D 250 -41.57 -39.63 39.26
CA ASN D 250 -42.93 -39.06 39.22
C ASN D 250 -43.09 -38.04 38.09
N LEU D 251 -42.12 -37.12 37.98
CA LEU D 251 -42.11 -36.11 36.93
C LEU D 251 -42.20 -36.74 35.55
N LEU D 252 -41.49 -37.85 35.34
CA LEU D 252 -41.50 -38.57 34.07
C LEU D 252 -42.91 -39.04 33.72
N ASP D 253 -43.58 -39.65 34.70
CA ASP D 253 -44.92 -40.21 34.50
C ASP D 253 -45.99 -39.15 34.22
N ILE D 254 -45.78 -37.93 34.68
CA ILE D 254 -46.71 -36.82 34.39
C ILE D 254 -46.58 -36.40 32.93
N GLU D 255 -45.34 -36.30 32.44
CA GLU D 255 -45.08 -36.00 31.03
C GLU D 255 -45.55 -37.14 30.12
N VAL D 256 -45.53 -38.36 30.65
CA VAL D 256 -46.09 -39.52 29.95
C VAL D 256 -47.61 -39.41 29.93
N ALA D 257 -48.21 -39.01 31.05
CA ALA D 257 -49.66 -38.81 31.14
C ALA D 257 -50.14 -37.71 30.19
N TYR D 258 -49.32 -36.69 30.00
CA TYR D 258 -49.58 -35.66 28.98
C TYR D 258 -49.51 -36.24 27.58
N SER D 259 -48.47 -37.04 27.32
CA SER D 259 -48.25 -37.65 26.00
C SER D 259 -49.42 -38.51 25.55
N LEU D 260 -50.04 -39.22 26.50
CA LEU D 260 -51.26 -39.97 26.23
C LEU D 260 -52.43 -39.02 25.95
N LEU D 261 -52.67 -38.11 26.89
CA LEU D 261 -53.80 -37.17 26.81
C LEU D 261 -53.76 -36.31 25.54
N ARG D 262 -52.58 -35.80 25.19
CA ARG D 262 -52.40 -35.01 23.98
C ARG D 262 -52.15 -35.91 22.78
N GLY D 263 -53.17 -36.11 21.95
CA GLY D 263 -53.04 -36.91 20.73
C GLY D 263 -54.32 -37.62 20.31
N GLY D 264 -54.16 -38.64 19.47
CA GLY D 264 -55.29 -39.42 18.97
C GLY D 264 -55.88 -38.82 17.69
N SER D 265 -57.14 -39.13 17.44
CA SER D 265 -57.85 -38.62 16.27
C SER D 265 -59.13 -37.90 16.71
N ASP D 266 -59.06 -36.56 16.75
CA ASP D 266 -60.18 -35.75 17.21
C ASP D 266 -61.29 -35.68 16.16
N ASP D 267 -62.11 -36.72 16.14
CA ASP D 267 -63.27 -36.79 15.24
C ASP D 267 -64.55 -36.84 16.05
N SER D 268 -65.60 -36.16 15.56
CA SER D 268 -66.88 -36.11 16.27
C SER D 268 -67.60 -37.46 16.17
N SER D 269 -67.31 -38.34 17.12
CA SER D 269 -67.93 -39.66 17.17
C SER D 269 -67.92 -40.23 18.59
N LYS D 270 -66.73 -40.46 19.13
CA LYS D 270 -66.58 -41.00 20.49
C LYS D 270 -66.68 -39.89 21.54
N ASP D 271 -66.84 -40.29 22.79
CA ASP D 271 -66.94 -39.34 23.91
C ASP D 271 -65.57 -39.07 24.53
N PRO D 272 -65.43 -37.93 25.25
CA PRO D 272 -64.13 -37.53 25.81
C PRO D 272 -63.50 -38.56 26.76
N ILE D 273 -64.31 -39.18 27.60
CA ILE D 273 -63.83 -40.19 28.55
C ILE D 273 -63.42 -41.48 27.81
N ASP D 274 -64.17 -41.82 26.76
CA ASP D 274 -63.86 -42.99 25.93
C ASP D 274 -62.55 -42.82 25.15
N VAL D 275 -62.24 -41.59 24.75
CA VAL D 275 -60.99 -41.30 24.05
C VAL D 275 -59.80 -41.60 24.96
N ASN D 276 -59.89 -41.17 26.21
CA ASN D 276 -58.83 -41.43 27.20
C ASN D 276 -58.78 -42.89 27.67
N TYR D 277 -59.92 -43.59 27.60
CA TYR D 277 -59.97 -45.02 27.93
C TYR D 277 -59.20 -45.85 26.91
N GLU D 278 -59.44 -45.57 25.63
CA GLU D 278 -58.77 -46.28 24.54
C GLU D 278 -57.27 -46.00 24.50
N LYS D 279 -56.87 -44.83 25.00
CA LYS D 279 -55.46 -44.46 25.10
C LYS D 279 -54.71 -45.25 26.16
N LEU D 280 -55.40 -45.70 27.20
CA LEU D 280 -54.81 -46.54 28.25
C LEU D 280 -54.38 -47.91 27.70
N LYS D 281 -55.03 -48.37 26.63
CA LYS D 281 -54.67 -49.62 25.96
C LYS D 281 -54.84 -50.83 26.88
N THR D 282 -55.97 -50.88 27.58
CA THR D 282 -56.28 -51.96 28.53
C THR D 282 -57.78 -52.23 28.57
N ASP D 283 -58.14 -53.47 28.93
CA ASP D 283 -59.54 -53.86 29.10
C ASP D 283 -59.87 -53.95 30.59
N ILE D 284 -60.51 -52.91 31.11
CA ILE D 284 -60.88 -52.83 32.53
C ILE D 284 -62.34 -53.26 32.71
N LYS D 285 -62.59 -54.07 33.73
CA LYS D 285 -63.94 -54.51 34.09
C LYS D 285 -64.17 -54.33 35.58
N VAL D 286 -65.45 -54.15 35.95
CA VAL D 286 -65.83 -53.98 37.35
C VAL D 286 -66.26 -55.31 37.94
N VAL D 287 -65.49 -55.83 38.89
CA VAL D 287 -65.88 -57.03 39.63
C VAL D 287 -66.97 -56.63 40.62
N ASP D 288 -68.11 -57.31 40.55
CA ASP D 288 -69.25 -57.02 41.42
C ASP D 288 -68.94 -57.44 42.85
N ARG D 289 -69.53 -56.72 43.81
CA ARG D 289 -69.32 -57.01 45.23
C ARG D 289 -69.97 -58.34 45.64
N ASP D 290 -71.02 -58.73 44.92
CA ASP D 290 -71.70 -60.01 45.14
C ASP D 290 -70.88 -61.21 44.65
N SER D 291 -69.88 -60.95 43.81
CA SER D 291 -69.04 -62.01 43.25
C SER D 291 -68.26 -62.76 44.33
N GLU D 292 -68.02 -64.04 44.11
CA GLU D 292 -67.32 -64.89 45.07
C GLU D 292 -65.82 -64.60 45.10
N GLU D 293 -65.26 -64.24 43.95
CA GLU D 293 -63.85 -63.84 43.86
C GLU D 293 -63.59 -62.48 44.50
N ALA D 294 -64.62 -61.63 44.55
CA ALA D 294 -64.52 -60.32 45.20
C ALA D 294 -64.37 -60.46 46.71
N GLU D 295 -64.98 -61.49 47.28
CA GLU D 295 -64.86 -61.79 48.71
C GLU D 295 -63.43 -62.20 49.08
N ILE D 296 -62.72 -62.81 48.14
CA ILE D 296 -61.34 -63.25 48.36
C ILE D 296 -60.40 -62.04 48.49
N ILE D 297 -60.58 -61.06 47.60
CA ILE D 297 -59.77 -59.85 47.62
C ILE D 297 -60.02 -59.05 48.90
N ARG D 298 -61.29 -58.83 49.23
CA ARG D 298 -61.65 -58.14 50.48
C ARG D 298 -61.11 -58.86 51.71
N LYS D 299 -61.02 -60.19 51.63
CA LYS D 299 -60.40 -60.99 52.67
C LYS D 299 -58.89 -60.75 52.66
N TYR D 300 -58.29 -60.75 51.46
CA TYR D 300 -56.86 -60.51 51.29
C TYR D 300 -56.45 -59.10 51.78
N VAL D 301 -57.36 -58.14 51.64
CA VAL D 301 -57.15 -56.79 52.17
C VAL D 301 -57.26 -56.78 53.69
N LYS D 302 -58.40 -57.26 54.19
CA LYS D 302 -58.69 -57.28 55.63
C LYS D 302 -57.68 -58.10 56.43
N ASN D 303 -57.26 -59.24 55.88
CA ASN D 303 -56.40 -60.17 56.59
C ASN D 303 -54.96 -59.69 56.69
N THR D 304 -54.40 -59.26 55.55
CA THR D 304 -52.98 -58.95 55.47
C THR D 304 -52.67 -57.46 55.71
N HIS D 305 -53.25 -56.92 56.78
CA HIS D 305 -52.90 -55.58 57.24
C HIS D 305 -51.81 -55.71 58.29
N ALA D 306 -50.81 -54.84 58.23
CA ALA D 306 -49.63 -54.94 59.09
C ALA D 306 -49.94 -54.45 60.50
N THR D 307 -49.46 -55.20 61.49
CA THR D 307 -49.61 -54.83 62.90
C THR D 307 -48.88 -53.53 63.24
N THR D 308 -47.76 -53.28 62.56
CA THR D 308 -46.95 -52.07 62.79
C THR D 308 -47.50 -50.86 62.06
N HIS D 309 -48.12 -51.06 60.90
CA HIS D 309 -48.71 -49.98 60.13
C HIS D 309 -50.14 -49.69 60.61
N ASN D 310 -50.26 -49.21 61.83
CA ASN D 310 -51.56 -48.92 62.44
C ASN D 310 -51.96 -47.44 62.33
N ALA D 311 -51.26 -46.69 61.48
CA ALA D 311 -51.53 -45.27 61.28
C ALA D 311 -52.83 -45.04 60.52
N TYR D 312 -53.22 -46.00 59.69
CA TYR D 312 -54.45 -45.89 58.89
C TYR D 312 -55.23 -47.21 58.84
N ASP D 313 -56.45 -47.14 58.31
CA ASP D 313 -57.34 -48.28 58.19
C ASP D 313 -57.94 -48.31 56.79
N LEU D 314 -57.78 -49.44 56.09
CA LEU D 314 -58.24 -49.56 54.71
C LEU D 314 -59.75 -49.76 54.61
N GLU D 315 -60.27 -49.53 53.40
CA GLU D 315 -61.68 -49.67 53.12
C GLU D 315 -61.86 -49.76 51.60
N VAL D 316 -62.10 -50.96 51.10
CA VAL D 316 -62.16 -51.21 49.66
C VAL D 316 -63.41 -50.59 49.04
N ILE D 317 -63.22 -49.54 48.24
CA ILE D 317 -64.32 -48.89 47.54
C ILE D 317 -64.71 -49.72 46.31
N ASP D 318 -63.72 -50.09 45.51
CA ASP D 318 -63.97 -50.83 44.26
C ASP D 318 -62.93 -51.94 44.00
N ILE D 319 -63.34 -52.89 43.17
CA ILE D 319 -62.46 -53.93 42.64
C ILE D 319 -62.55 -53.90 41.12
N PHE D 320 -61.41 -53.70 40.45
CA PHE D 320 -61.36 -53.71 38.99
C PHE D 320 -60.50 -54.86 38.49
N LYS D 321 -61.06 -55.70 37.61
CA LYS D 321 -60.28 -56.71 36.91
C LYS D 321 -59.62 -56.05 35.71
N ILE D 322 -58.29 -56.12 35.66
CA ILE D 322 -57.51 -55.39 34.64
C ILE D 322 -56.80 -56.36 33.69
N GLU D 323 -56.81 -56.01 32.40
CA GLU D 323 -56.23 -56.84 31.35
C GLU D 323 -55.51 -55.95 30.35
N ARG D 324 -54.19 -55.92 30.41
CA ARG D 324 -53.38 -55.08 29.53
C ARG D 324 -53.31 -55.62 28.10
N GLU D 325 -52.96 -54.73 27.17
CA GLU D 325 -52.84 -55.09 25.76
C GLU D 325 -51.58 -55.93 25.52
N GLY D 326 -51.77 -57.22 25.27
CA GLY D 326 -50.67 -58.13 24.96
C GLY D 326 -49.81 -58.52 26.15
N GLU D 327 -50.33 -58.34 27.37
CA GLU D 327 -49.61 -58.74 28.58
C GLU D 327 -49.72 -60.25 28.80
N CYS D 328 -50.76 -60.86 28.24
CA CYS D 328 -50.91 -62.32 28.26
C CYS D 328 -50.03 -62.98 27.20
N GLN D 329 -49.77 -62.25 26.10
CA GLN D 329 -48.92 -62.74 25.02
C GLN D 329 -47.46 -62.87 25.48
N ARG D 330 -47.02 -61.90 26.28
CA ARG D 330 -45.65 -61.90 26.82
C ARG D 330 -45.48 -62.76 28.06
N TYR D 331 -46.58 -63.02 28.78
CA TYR D 331 -46.54 -63.80 30.02
C TYR D 331 -46.69 -65.31 29.79
N LYS D 332 -47.18 -65.68 28.62
CA LYS D 332 -47.31 -67.09 28.20
C LYS D 332 -46.08 -67.94 28.57
N PRO D 333 -44.85 -67.46 28.27
CA PRO D 333 -43.63 -68.15 28.69
C PRO D 333 -43.60 -68.57 30.17
N PHE D 334 -44.07 -67.70 31.05
CA PHE D 334 -43.94 -67.92 32.50
C PHE D 334 -45.14 -68.59 33.16
N LYS D 335 -46.14 -68.96 32.37
CA LYS D 335 -47.23 -69.81 32.86
C LYS D 335 -46.74 -71.26 32.99
N GLN D 336 -45.65 -71.58 32.30
CA GLN D 336 -44.97 -72.87 32.46
C GLN D 336 -44.21 -72.88 33.79
N LEU D 337 -43.74 -71.71 34.22
CA LEU D 337 -42.94 -71.58 35.43
C LEU D 337 -43.76 -71.86 36.68
N HIS D 338 -43.16 -72.56 37.64
CA HIS D 338 -43.82 -72.93 38.89
C HIS D 338 -43.82 -71.76 39.88
N ASN D 339 -44.45 -71.97 41.04
CA ASN D 339 -44.46 -70.99 42.12
C ASN D 339 -44.92 -69.60 41.66
N ARG D 340 -46.19 -69.49 41.27
CA ARG D 340 -46.79 -68.23 40.84
C ARG D 340 -47.66 -67.68 41.98
N ARG D 341 -47.45 -66.41 42.32
CA ARG D 341 -48.09 -65.79 43.47
C ARG D 341 -48.82 -64.50 43.10
N LEU D 342 -50.01 -64.33 43.68
CA LEU D 342 -50.82 -63.13 43.50
C LEU D 342 -50.44 -62.14 44.61
N LEU D 343 -49.69 -61.10 44.25
CA LEU D 343 -49.06 -60.22 45.24
C LEU D 343 -49.41 -58.75 45.03
N TRP D 344 -49.35 -57.98 46.12
CA TRP D 344 -49.69 -56.56 46.10
C TRP D 344 -48.58 -55.70 45.50
N HIS D 345 -48.96 -54.58 44.89
CA HIS D 345 -48.01 -53.57 44.44
C HIS D 345 -48.68 -52.20 44.38
N GLY D 346 -48.27 -51.30 45.27
CA GLY D 346 -48.83 -49.95 45.32
C GLY D 346 -47.91 -48.92 44.71
N SER D 347 -48.51 -47.84 44.21
CA SER D 347 -47.76 -46.72 43.63
C SER D 347 -48.64 -45.48 43.60
N ARG D 348 -48.03 -44.32 43.40
CA ARG D 348 -48.75 -43.06 43.36
C ARG D 348 -49.86 -43.08 42.31
N THR D 349 -50.99 -42.46 42.63
CA THR D 349 -52.10 -42.30 41.69
C THR D 349 -51.67 -41.62 40.39
N THR D 350 -50.61 -40.82 40.45
CA THR D 350 -50.05 -40.16 39.27
C THR D 350 -49.40 -41.15 38.30
N ASN D 351 -48.79 -42.21 38.85
CA ASN D 351 -48.09 -43.20 38.05
C ASN D 351 -49.02 -44.16 37.30
N PHE D 352 -50.22 -44.38 37.82
CA PHE D 352 -51.16 -45.34 37.24
C PHE D 352 -51.62 -44.99 35.81
N ALA D 353 -51.46 -43.73 35.42
CA ALA D 353 -51.69 -43.33 34.03
C ALA D 353 -50.68 -44.02 33.10
N GLY D 354 -49.44 -44.13 33.56
CA GLY D 354 -48.37 -44.78 32.80
C GLY D 354 -48.27 -46.28 33.02
N ILE D 355 -48.62 -46.73 34.22
CA ILE D 355 -48.55 -48.16 34.57
C ILE D 355 -49.53 -48.98 33.74
N LEU D 356 -50.70 -48.42 33.45
CA LEU D 356 -51.68 -49.10 32.60
C LEU D 356 -51.23 -49.17 31.14
N SER D 357 -50.64 -48.09 30.64
CA SER D 357 -50.25 -47.99 29.23
C SER D 357 -48.99 -48.78 28.87
N GLN D 358 -48.03 -48.84 29.79
CA GLN D 358 -46.74 -49.50 29.54
C GLN D 358 -46.46 -50.70 30.45
N GLY D 359 -47.38 -51.03 31.35
CA GLY D 359 -47.16 -52.08 32.33
C GLY D 359 -46.21 -51.63 33.42
N LEU D 360 -45.82 -52.55 34.30
CA LEU D 360 -44.85 -52.23 35.35
C LEU D 360 -43.44 -52.28 34.77
N ARG D 361 -42.69 -51.20 34.99
CA ARG D 361 -41.37 -51.02 34.38
C ARG D 361 -40.28 -50.98 35.45
N ILE D 362 -39.09 -51.44 35.06
CA ILE D 362 -37.92 -51.40 35.94
C ILE D 362 -37.29 -50.02 35.81
N ALA D 363 -36.60 -49.57 36.86
CA ALA D 363 -35.91 -48.28 36.82
C ALA D 363 -34.86 -48.26 35.72
N PRO D 364 -34.62 -47.08 35.13
CA PRO D 364 -33.62 -46.98 34.07
C PRO D 364 -32.20 -47.24 34.57
N PRO D 365 -31.27 -47.58 33.66
CA PRO D 365 -29.89 -47.90 34.06
C PRO D 365 -29.09 -46.68 34.55
N GLU D 366 -29.52 -45.49 34.17
CA GLU D 366 -28.86 -44.26 34.59
C GLU D 366 -29.22 -43.88 36.03
N ALA D 367 -30.42 -44.27 36.46
CA ALA D 367 -30.94 -43.90 37.79
C ALA D 367 -30.11 -44.50 38.92
N PRO D 368 -30.18 -43.88 40.11
CA PRO D 368 -29.43 -44.39 41.27
C PRO D 368 -30.09 -45.63 41.87
N VAL D 369 -29.29 -46.46 42.53
CA VAL D 369 -29.78 -47.67 43.18
C VAL D 369 -30.25 -47.41 44.62
N THR D 370 -30.16 -46.16 45.06
CA THR D 370 -30.55 -45.78 46.42
C THR D 370 -32.07 -45.89 46.60
N GLY D 371 -32.48 -46.37 47.77
CA GLY D 371 -33.90 -46.61 48.06
C GLY D 371 -34.28 -48.07 47.87
N TYR D 372 -33.76 -48.68 46.81
CA TYR D 372 -33.98 -50.10 46.53
C TYR D 372 -33.23 -50.96 47.54
N MET D 373 -33.84 -52.08 47.92
CA MET D 373 -33.22 -53.01 48.86
C MET D 373 -32.32 -53.99 48.12
N PHE D 374 -32.80 -54.52 47.00
CA PHE D 374 -32.07 -55.52 46.22
C PHE D 374 -31.93 -55.13 44.75
N GLY D 375 -31.61 -53.87 44.51
CA GLY D 375 -31.37 -53.37 43.14
C GLY D 375 -32.63 -53.05 42.37
N LYS D 376 -32.45 -52.61 41.12
CA LYS D 376 -33.57 -52.15 40.29
C LYS D 376 -34.39 -53.32 39.76
N GLY D 377 -35.71 -53.22 39.92
CA GLY D 377 -36.63 -54.26 39.49
C GLY D 377 -38.03 -53.96 39.98
N ILE D 378 -38.99 -54.83 39.65
CA ILE D 378 -40.37 -54.65 40.12
C ILE D 378 -40.49 -55.29 41.50
N TYR D 379 -40.92 -54.50 42.49
CA TYR D 379 -41.07 -54.97 43.86
C TYR D 379 -42.53 -55.29 44.18
N PHE D 380 -42.73 -56.36 44.95
CA PHE D 380 -44.06 -56.80 45.36
C PHE D 380 -44.06 -57.17 46.84
N ALA D 381 -45.24 -57.18 47.45
CA ALA D 381 -45.39 -57.61 48.84
C ALA D 381 -46.64 -58.47 49.00
N ASP D 382 -46.61 -59.34 50.00
CA ASP D 382 -47.75 -60.21 50.30
C ASP D 382 -48.79 -59.53 51.19
N MET D 383 -48.43 -58.38 51.76
CA MET D 383 -49.33 -57.63 52.63
C MET D 383 -49.84 -56.37 51.93
N VAL D 384 -51.15 -56.13 52.01
CA VAL D 384 -51.76 -54.96 51.35
C VAL D 384 -51.27 -53.64 51.94
N SER D 385 -51.02 -53.63 53.25
CA SER D 385 -50.61 -52.42 53.95
C SER D 385 -49.24 -51.91 53.51
N LYS D 386 -48.26 -52.81 53.48
CA LYS D 386 -46.90 -52.46 53.06
C LYS D 386 -46.89 -51.84 51.67
N SER D 387 -47.65 -52.43 50.77
CA SER D 387 -47.81 -51.90 49.41
C SER D 387 -48.61 -50.60 49.40
N ALA D 388 -49.63 -50.52 50.26
CA ALA D 388 -50.52 -49.35 50.32
C ALA D 388 -49.83 -48.04 50.72
N ASN D 389 -48.69 -48.15 51.40
CA ASN D 389 -47.90 -46.96 51.77
C ASN D 389 -47.34 -46.20 50.56
N TYR D 390 -47.15 -46.91 49.45
CA TYR D 390 -46.61 -46.32 48.22
C TYR D 390 -47.66 -45.57 47.41
N CYS D 391 -48.93 -45.66 47.81
CA CYS D 391 -50.00 -44.86 47.21
C CYS D 391 -49.84 -43.38 47.56
N HIS D 392 -49.20 -43.10 48.69
CA HIS D 392 -49.00 -41.73 49.19
C HIS D 392 -50.32 -40.98 49.33
N THR D 393 -51.11 -41.40 50.31
CA THR D 393 -52.37 -40.75 50.63
C THR D 393 -52.28 -39.99 51.95
N SER D 394 -53.17 -39.02 52.13
CA SER D 394 -53.19 -38.18 53.32
C SER D 394 -54.63 -38.01 53.80
N GLN D 395 -54.83 -37.21 54.84
CA GLN D 395 -56.16 -36.93 55.37
C GLN D 395 -56.97 -36.04 54.42
N GLY D 396 -56.26 -35.23 53.62
CA GLY D 396 -56.90 -34.39 52.62
C GLY D 396 -57.18 -35.13 51.31
N ASP D 397 -56.29 -36.04 50.95
CA ASP D 397 -56.44 -36.87 49.75
C ASP D 397 -56.60 -38.34 50.18
N PRO D 398 -57.86 -38.78 50.40
CA PRO D 398 -58.10 -40.09 51.00
C PRO D 398 -57.97 -41.27 50.02
N ILE D 399 -58.52 -41.16 48.82
CA ILE D 399 -58.54 -42.27 47.86
C ILE D 399 -57.14 -42.60 47.32
N GLY D 400 -56.93 -43.88 47.01
CA GLY D 400 -55.64 -44.36 46.50
C GLY D 400 -55.77 -45.69 45.79
N LEU D 401 -54.86 -45.94 44.84
CA LEU D 401 -54.90 -47.14 44.01
C LEU D 401 -53.76 -48.10 44.33
N ILE D 402 -54.08 -49.40 44.36
CA ILE D 402 -53.10 -50.46 44.61
C ILE D 402 -53.36 -51.61 43.64
N LEU D 403 -52.29 -52.32 43.24
CA LEU D 403 -52.40 -53.38 42.24
C LEU D 403 -52.29 -54.78 42.83
N LEU D 404 -52.77 -55.75 42.07
CA LEU D 404 -52.58 -57.17 42.37
C LEU D 404 -52.17 -57.89 41.09
N GLY D 405 -50.94 -58.37 41.04
CA GLY D 405 -50.40 -58.99 39.83
C GLY D 405 -49.95 -60.42 40.02
N GLU D 406 -50.31 -61.27 39.07
CA GLU D 406 -49.81 -62.65 39.02
C GLU D 406 -48.35 -62.62 38.60
N VAL D 407 -47.46 -62.54 39.59
CA VAL D 407 -46.02 -62.43 39.34
C VAL D 407 -45.36 -63.81 39.45
N ALA D 408 -44.81 -64.29 38.35
CA ALA D 408 -44.16 -65.59 38.29
C ALA D 408 -42.80 -65.53 38.99
N LEU D 409 -42.78 -65.97 40.25
CA LEU D 409 -41.56 -65.94 41.06
C LEU D 409 -40.62 -67.07 40.65
N GLY D 410 -41.15 -68.29 40.62
CA GLY D 410 -40.37 -69.46 40.23
C GLY D 410 -39.39 -69.89 41.32
N ASN D 411 -38.23 -70.39 40.89
CA ASN D 411 -37.15 -70.74 41.81
C ASN D 411 -36.58 -69.47 42.43
N MET D 412 -36.80 -69.29 43.73
CA MET D 412 -36.54 -68.03 44.41
C MET D 412 -35.14 -67.97 45.03
N TYR D 413 -34.53 -66.78 44.97
CA TYR D 413 -33.27 -66.52 45.66
C TYR D 413 -33.57 -65.77 46.95
N GLU D 414 -33.45 -66.46 48.08
CA GLU D 414 -33.86 -65.93 49.37
C GLU D 414 -32.74 -65.15 50.04
N LEU D 415 -33.03 -63.92 50.44
CA LEU D 415 -32.06 -63.04 51.10
C LEU D 415 -32.62 -62.51 52.43
N LYS D 416 -31.72 -62.31 53.39
CA LYS D 416 -32.09 -61.80 54.71
C LYS D 416 -31.78 -60.32 54.83
N HIS D 417 -30.51 -59.96 54.58
CA HIS D 417 -30.05 -58.58 54.66
C HIS D 417 -30.07 -57.91 53.29
N ALA D 418 -30.03 -56.58 53.29
CA ALA D 418 -30.04 -55.80 52.05
C ALA D 418 -28.74 -56.01 51.26
N SER D 419 -28.88 -56.23 49.96
CA SER D 419 -27.73 -56.51 49.09
C SER D 419 -28.04 -56.12 47.65
N HIS D 420 -27.34 -55.11 47.15
CA HIS D 420 -27.55 -54.62 45.78
C HIS D 420 -26.97 -55.60 44.77
N ILE D 421 -27.84 -56.37 44.12
CA ILE D 421 -27.42 -57.39 43.16
C ILE D 421 -27.47 -56.87 41.73
N SER D 422 -26.53 -57.32 40.91
CA SER D 422 -26.48 -56.97 39.49
C SER D 422 -27.01 -58.13 38.65
N LYS D 423 -26.42 -59.31 38.85
CA LYS D 423 -26.81 -60.52 38.14
C LYS D 423 -27.33 -61.55 39.15
N LEU D 424 -28.35 -62.30 38.75
CA LEU D 424 -28.96 -63.31 39.62
C LEU D 424 -28.09 -64.57 39.63
N PRO D 425 -28.16 -65.35 40.72
CA PRO D 425 -27.50 -66.66 40.72
C PRO D 425 -28.13 -67.61 39.69
N LYS D 426 -27.40 -68.65 39.33
CA LYS D 426 -27.85 -69.60 38.30
C LYS D 426 -29.14 -70.30 38.70
N GLY D 427 -30.07 -70.41 37.74
CA GLY D 427 -31.33 -71.10 37.95
C GLY D 427 -32.38 -70.34 38.75
N LYS D 428 -32.07 -69.09 39.14
CA LYS D 428 -32.97 -68.27 39.93
C LYS D 428 -33.68 -67.25 39.05
N HIS D 429 -35.00 -67.22 39.13
CA HIS D 429 -35.82 -66.33 38.30
C HIS D 429 -36.37 -65.14 39.10
N SER D 430 -36.10 -65.11 40.40
CA SER D 430 -36.58 -64.03 41.26
C SER D 430 -35.80 -63.97 42.58
N VAL D 431 -36.06 -62.93 43.36
CA VAL D 431 -35.44 -62.75 44.68
C VAL D 431 -36.52 -62.53 45.73
N LYS D 432 -36.27 -63.02 46.94
CA LYS D 432 -37.20 -62.86 48.06
C LYS D 432 -36.50 -62.24 49.26
N GLY D 433 -37.09 -61.17 49.79
CA GLY D 433 -36.64 -60.58 51.05
C GLY D 433 -37.40 -61.23 52.20
N LEU D 434 -36.70 -62.03 52.99
CA LEU D 434 -37.33 -62.76 54.09
C LEU D 434 -37.60 -61.83 55.28
N GLY D 435 -38.87 -61.78 55.71
CA GLY D 435 -39.28 -60.92 56.81
C GLY D 435 -39.60 -61.69 58.09
N LYS D 436 -39.84 -60.95 59.17
CA LYS D 436 -40.22 -61.54 60.45
C LYS D 436 -41.63 -62.14 60.36
N THR D 437 -42.58 -61.31 59.96
CA THR D 437 -43.98 -61.72 59.82
C THR D 437 -44.25 -62.22 58.41
N THR D 438 -45.01 -63.32 58.31
CA THR D 438 -45.41 -63.87 57.02
C THR D 438 -46.86 -64.35 57.11
N PRO D 439 -47.65 -64.19 56.01
CA PRO D 439 -49.01 -64.70 56.03
C PRO D 439 -49.02 -66.23 56.13
N ASP D 440 -49.93 -66.76 56.93
CA ASP D 440 -49.97 -68.19 57.26
C ASP D 440 -49.89 -69.08 56.01
N PRO D 441 -48.77 -69.83 55.85
CA PRO D 441 -48.61 -70.70 54.68
C PRO D 441 -49.56 -71.92 54.66
N SER D 442 -50.11 -72.27 55.82
CA SER D 442 -51.09 -73.36 55.91
C SER D 442 -52.52 -72.88 55.64
N ALA D 443 -52.67 -71.61 55.27
CA ALA D 443 -53.97 -71.05 54.88
C ALA D 443 -53.86 -70.30 53.54
N ASN D 444 -53.04 -70.83 52.63
CA ASN D 444 -52.81 -70.23 51.32
C ASN D 444 -53.87 -70.68 50.31
N ILE D 445 -54.86 -69.84 50.06
CA ILE D 445 -55.95 -70.14 49.13
C ILE D 445 -55.46 -69.95 47.69
N SER D 446 -55.98 -70.78 46.78
CA SER D 446 -55.65 -70.70 45.36
C SER D 446 -56.67 -69.84 44.60
N LEU D 447 -56.28 -69.39 43.41
CA LEU D 447 -57.12 -68.52 42.59
C LEU D 447 -56.71 -68.58 41.11
N ASP D 448 -57.49 -69.30 40.31
CA ASP D 448 -57.22 -69.47 38.87
C ASP D 448 -55.81 -70.04 38.61
N GLY D 449 -55.38 -70.96 39.45
CA GLY D 449 -54.03 -71.52 39.37
C GLY D 449 -52.95 -70.56 39.83
N VAL D 450 -53.29 -69.71 40.81
CA VAL D 450 -52.36 -68.75 41.40
C VAL D 450 -52.49 -68.79 42.92
N ASP D 451 -51.36 -68.89 43.62
CA ASP D 451 -51.36 -69.02 45.07
C ASP D 451 -51.54 -67.64 45.73
N VAL D 452 -52.66 -67.47 46.43
CA VAL D 452 -52.97 -66.23 47.14
C VAL D 452 -52.72 -66.41 48.64
N PRO D 453 -51.63 -65.81 49.17
CA PRO D 453 -51.32 -65.95 50.58
C PRO D 453 -52.07 -64.93 51.44
N LEU D 454 -53.36 -65.19 51.67
CA LEU D 454 -54.22 -64.26 52.42
C LEU D 454 -54.41 -64.64 53.89
N GLY D 455 -53.49 -65.43 54.44
CA GLY D 455 -53.50 -65.77 55.86
C GLY D 455 -52.98 -64.62 56.70
N THR D 456 -53.34 -64.62 57.98
CA THR D 456 -52.88 -63.59 58.91
C THR D 456 -51.42 -63.85 59.33
N GLY D 457 -50.80 -62.84 59.92
CA GLY D 457 -49.36 -62.86 60.22
C GLY D 457 -48.95 -63.79 61.34
N ILE D 458 -47.95 -64.63 61.06
CA ILE D 458 -47.29 -65.45 62.07
C ILE D 458 -45.77 -65.36 61.89
N SER D 459 -45.03 -65.89 62.86
CA SER D 459 -43.57 -65.81 62.84
C SER D 459 -42.96 -66.63 61.69
N SER D 460 -41.87 -66.15 61.13
CA SER D 460 -41.20 -66.81 60.01
C SER D 460 -40.24 -67.89 60.51
N GLY D 461 -39.64 -68.62 59.57
CA GLY D 461 -38.71 -69.70 59.89
C GLY D 461 -37.39 -69.23 60.47
N VAL D 462 -36.90 -68.07 60.00
CA VAL D 462 -35.62 -67.52 60.43
C VAL D 462 -35.78 -66.06 60.85
N ASN D 463 -35.10 -65.68 61.92
CA ASN D 463 -35.24 -64.34 62.52
C ASN D 463 -33.92 -63.54 62.54
N ASP D 464 -32.97 -63.92 61.69
CA ASP D 464 -31.69 -63.22 61.57
C ASP D 464 -31.69 -62.29 60.36
N THR D 465 -32.81 -61.59 60.16
CA THR D 465 -33.01 -60.73 58.99
C THR D 465 -33.18 -59.27 59.40
N SER D 466 -32.96 -58.36 58.45
CA SER D 466 -33.17 -56.93 58.66
C SER D 466 -34.44 -56.45 57.95
N LEU D 467 -35.40 -57.35 57.76
CA LEU D 467 -36.70 -57.03 57.17
C LEU D 467 -37.80 -57.48 58.13
N LEU D 468 -38.84 -56.66 58.26
CA LEU D 468 -39.99 -56.99 59.09
C LEU D 468 -41.06 -57.76 58.31
N TYR D 469 -41.18 -57.46 57.01
CA TYR D 469 -42.16 -58.12 56.15
C TYR D 469 -41.53 -58.50 54.81
N ASN D 470 -42.21 -59.39 54.08
CA ASN D 470 -41.65 -59.97 52.86
C ASN D 470 -41.63 -59.01 51.66
N GLU D 471 -40.62 -59.18 50.82
CA GLU D 471 -40.52 -58.46 49.55
C GLU D 471 -40.28 -59.46 48.43
N TYR D 472 -40.98 -59.29 47.31
CA TYR D 472 -40.85 -60.17 46.15
C TYR D 472 -40.38 -59.35 44.95
N ILE D 473 -39.24 -59.73 44.38
CA ILE D 473 -38.58 -58.93 43.37
C ILE D 473 -38.39 -59.72 42.08
N VAL D 474 -38.78 -59.11 40.96
CA VAL D 474 -38.57 -59.69 39.64
C VAL D 474 -37.74 -58.73 38.79
N TYR D 475 -36.78 -59.26 38.05
CA TYR D 475 -35.85 -58.45 37.25
C TYR D 475 -36.11 -58.63 35.77
N ASP D 476 -37.40 -58.62 35.41
CA ASP D 476 -37.86 -58.76 34.04
C ASP D 476 -39.32 -58.37 33.98
N ILE D 477 -39.65 -57.38 33.14
CA ILE D 477 -41.03 -56.89 33.04
C ILE D 477 -42.02 -57.92 32.50
N ALA D 478 -41.50 -59.00 31.91
CA ALA D 478 -42.34 -60.07 31.38
C ALA D 478 -42.90 -61.01 32.46
N GLN D 479 -42.20 -61.11 33.59
CA GLN D 479 -42.61 -62.01 34.68
C GLN D 479 -43.89 -61.56 35.39
N VAL D 480 -44.22 -60.27 35.30
CA VAL D 480 -45.44 -59.74 35.93
C VAL D 480 -46.63 -59.81 34.98
N ASN D 481 -47.81 -60.08 35.54
CA ASN D 481 -49.07 -60.03 34.81
C ASN D 481 -50.16 -59.48 35.72
N LEU D 482 -50.54 -58.21 35.50
CA LEU D 482 -51.48 -57.52 36.37
C LEU D 482 -52.89 -58.11 36.25
N LYS D 483 -53.46 -58.46 37.40
CA LYS D 483 -54.78 -59.11 37.45
C LYS D 483 -55.86 -58.14 37.92
N TYR D 484 -55.68 -57.57 39.10
CA TYR D 484 -56.69 -56.69 39.71
C TYR D 484 -56.14 -55.32 40.09
N LEU D 485 -56.98 -54.29 39.91
CA LEU D 485 -56.69 -52.94 40.36
C LEU D 485 -57.75 -52.56 41.40
N LEU D 486 -57.30 -52.16 42.59
CA LEU D 486 -58.22 -51.80 43.67
C LEU D 486 -58.23 -50.29 43.91
N LYS D 487 -59.32 -49.81 44.51
CA LYS D 487 -59.46 -48.41 44.91
C LYS D 487 -59.79 -48.36 46.40
N LEU D 488 -58.89 -47.76 47.18
CA LEU D 488 -58.94 -47.87 48.64
C LEU D 488 -59.07 -46.51 49.32
N LYS D 489 -60.01 -46.41 50.25
CA LYS D 489 -60.13 -45.24 51.13
C LYS D 489 -59.33 -45.49 52.41
N PHE D 490 -58.58 -44.49 52.84
CA PHE D 490 -57.77 -44.59 54.05
C PHE D 490 -58.44 -43.82 55.20
N ASN D 491 -58.56 -44.46 56.35
CA ASN D 491 -59.12 -43.84 57.55
C ASN D 491 -58.06 -43.66 58.63
N PHE D 492 -57.64 -42.41 58.84
CA PHE D 492 -56.60 -42.08 59.81
C PHE D 492 -57.25 -41.68 61.14
N LYS D 493 -56.43 -41.26 62.10
CA LYS D 493 -56.93 -40.70 63.36
C LYS D 493 -56.17 -39.42 63.70
N THR D 494 -56.78 -38.27 63.38
CA THR D 494 -56.22 -36.96 63.69
C THR D 494 -57.32 -35.98 64.07
ZN ZN G . 0.23 48.60 -22.08
ZN ZN H . 9.97 17.64 -45.90
O4 2UT I . 49.48 29.84 -59.65
C17 2UT I . 50.15 30.06 -58.65
C18 2UT I . 51.45 30.77 -58.58
C2 2UT I . 51.91 30.79 -57.28
C19 2UT I . 52.20 31.39 -59.58
C20 2UT I . 53.37 32.05 -59.24
C21 2UT I . 53.82 32.06 -57.93
C1 2UT I . 53.09 31.43 -56.93
C 2UT I . 53.57 31.48 -55.52
O 2UT I . 54.77 31.48 -55.28
N 2UT I . 52.67 31.52 -54.55
C3 2UT I . 49.95 29.72 -57.21
O1 2UT I . 51.02 30.15 -56.44
C4 2UT I . 48.98 29.16 -56.50
C5 2UT I . 48.90 28.86 -55.07
C16 2UT I . 48.15 27.76 -54.66
C15 2UT I . 48.14 27.35 -53.34
C8 2UT I . 48.89 28.02 -52.39
C7 2UT I . 49.62 29.14 -52.77
C6 2UT I . 49.62 29.55 -54.09
O2 2UT I . 49.04 27.60 -51.10
C9 2UT I . 48.43 26.36 -50.70
C10 2UT I . 48.76 26.12 -49.25
N1 2UT I . 50.21 26.00 -48.99
C14 2UT I . 50.78 27.27 -48.53
C13 2UT I . 52.26 27.12 -48.28
O3 2UT I . 52.52 26.11 -47.30
C12 2UT I . 51.97 24.87 -47.74
C11 2UT I . 50.49 24.96 -48.00
ZN ZN J . -26.44 11.70 51.34
ZN ZN K . -7.78 -23.10 43.30
#